data_5B8B
#
_entry.id   5B8B
#
_cell.length_a   100.494
_cell.length_b   135.654
_cell.length_c   106.489
_cell.angle_alpha   90.00
_cell.angle_beta   111.22
_cell.angle_gamma   90.00
#
_symmetry.space_group_name_H-M   'P 1 21 1'
#
loop_
_entity.id
_entity.type
_entity.pdbx_description
1 polymer 'Alkyl hydroperoxide reductase subunit C,Peroxiredoxin-2'
2 non-polymer 'SULFATE ION'
3 water water
#
_entity_poly.entity_id   1
_entity_poly.type   'polypeptide(L)'
_entity_poly.pdbx_seq_one_letter_code
;MSLINTKIKPFKNQAFKNGEFIEITEKDTEGRWSVFFFYPADFTFVCPTELGDVADHYEELQKLGVDVYAVSTDTHFTHK
AWHSSSETIAKIKYAMIGDPTGALTRNFDNMREDEGLADRATFVVDPQGIIQAIEVTAEGIGRDASDLLRKIKAAQYVAS
HPGEVCPAKWKEGEATLAPSLDLVGKYFSKHN
;
_entity_poly.pdbx_strand_id   A,B,I,J,C,D,F,E,G,H
#
loop_
_chem_comp.id
_chem_comp.type
_chem_comp.name
_chem_comp.formula
SO4 non-polymer 'SULFATE ION' 'O4 S -2'
#
# COMPACT_ATOMS: atom_id res chain seq x y z
N MET A 1 25.37 -6.77 -7.44
CA MET A 1 24.51 -7.03 -8.65
C MET A 1 25.18 -6.53 -9.94
N SER A 2 26.29 -7.19 -10.30
CA SER A 2 27.08 -6.85 -11.49
C SER A 2 26.49 -7.49 -12.75
N LEU A 3 27.08 -7.18 -13.92
CA LEU A 3 26.75 -7.86 -15.17
C LEU A 3 27.91 -8.64 -15.82
N ILE A 4 29.00 -8.87 -15.09
CA ILE A 4 30.00 -9.86 -15.53
C ILE A 4 29.38 -11.26 -15.40
N ASN A 5 29.58 -12.08 -16.42
CA ASN A 5 29.06 -13.45 -16.50
C ASN A 5 27.52 -13.50 -16.54
N THR A 6 26.92 -12.54 -17.26
CA THR A 6 25.47 -12.50 -17.47
C THR A 6 25.20 -12.34 -18.97
N LYS A 7 24.05 -12.87 -19.42
CA LYS A 7 23.67 -12.80 -20.83
C LYS A 7 23.24 -11.37 -21.19
N ILE A 8 23.69 -10.89 -22.36
CA ILE A 8 23.32 -9.56 -22.85
C ILE A 8 21.83 -9.50 -23.20
N LYS A 9 21.22 -8.32 -23.01
CA LYS A 9 19.80 -8.11 -23.32
C LYS A 9 19.61 -7.85 -24.83
N PRO A 10 18.40 -8.11 -25.35
CA PRO A 10 18.15 -7.87 -26.78
C PRO A 10 18.09 -6.38 -27.14
N PHE A 11 18.34 -6.08 -28.41
CA PHE A 11 18.38 -4.70 -28.91
C PHE A 11 18.08 -4.61 -30.41
N LYS A 12 17.73 -3.41 -30.85
CA LYS A 12 17.52 -3.11 -32.27
C LYS A 12 18.01 -1.68 -32.52
N ASN A 13 19.20 -1.58 -33.14
CA ASN A 13 19.85 -0.29 -33.40
C ASN A 13 20.32 -0.17 -34.84
N GLN A 14 20.28 1.07 -35.35
CA GLN A 14 20.84 1.40 -36.67
C GLN A 14 22.34 1.62 -36.52
N ALA A 15 23.09 1.26 -37.57
CA ALA A 15 24.55 1.37 -37.56
C ALA A 15 25.10 1.80 -38.92
N PHE A 16 26.35 2.23 -38.93
CA PHE A 16 27.07 2.61 -40.15
C PHE A 16 28.28 1.69 -40.30
N LYS A 17 28.48 1.14 -41.49
CA LYS A 17 29.58 0.19 -41.76
C LYS A 17 29.96 0.19 -43.25
N ASN A 18 31.12 0.77 -43.55
CA ASN A 18 31.69 0.80 -44.91
C ASN A 18 30.76 1.40 -45.97
N GLY A 19 30.43 2.67 -45.79
CA GLY A 19 29.64 3.43 -46.76
C GLY A 19 28.20 3.00 -46.97
N GLU A 20 27.61 2.30 -45.98
CA GLU A 20 26.19 1.90 -46.05
C GLU A 20 25.61 1.68 -44.64
N PHE A 21 24.32 1.99 -44.50
CA PHE A 21 23.61 1.80 -43.24
C PHE A 21 23.06 0.39 -43.12
N ILE A 22 23.07 -0.14 -41.89
CA ILE A 22 22.57 -1.49 -41.60
C ILE A 22 21.89 -1.53 -40.22
N GLU A 23 21.05 -2.54 -40.01
CA GLU A 23 20.39 -2.78 -38.73
C GLU A 23 21.05 -3.96 -38.03
N ILE A 24 21.40 -3.78 -36.75
CA ILE A 24 22.12 -4.79 -35.97
C ILE A 24 21.32 -5.11 -34.71
N THR A 25 21.18 -6.42 -34.43
CA THR A 25 20.42 -6.92 -33.29
C THR A 25 21.26 -7.96 -32.54
N GLU A 26 20.74 -8.43 -31.40
CA GLU A 26 21.38 -9.50 -30.62
C GLU A 26 21.56 -10.82 -31.41
N LYS A 27 20.67 -11.07 -32.36
CA LYS A 27 20.78 -12.24 -33.27
C LYS A 27 22.06 -12.26 -34.10
N ASP A 28 22.54 -11.08 -34.51
CA ASP A 28 23.79 -10.96 -35.29
C ASP A 28 25.03 -11.35 -34.47
N THR A 29 24.98 -11.12 -33.16
CA THR A 29 26.08 -11.47 -32.25
C THR A 29 26.11 -12.94 -31.83
N GLU A 30 25.02 -13.68 -32.08
CA GLU A 30 24.90 -15.07 -31.61
C GLU A 30 25.99 -15.98 -32.15
N GLY A 31 26.60 -16.74 -31.25
CA GLY A 31 27.62 -17.72 -31.61
C GLY A 31 29.01 -17.17 -31.92
N ARG A 32 29.24 -15.89 -31.64
CA ARG A 32 30.52 -15.24 -31.97
C ARG A 32 30.99 -14.29 -30.89
N TRP A 33 32.30 -14.03 -30.90
CA TRP A 33 32.90 -13.07 -29.99
C TRP A 33 32.60 -11.66 -30.47
N SER A 34 32.13 -10.82 -29.54
CA SER A 34 31.73 -9.46 -29.85
C SER A 34 32.37 -8.50 -28.86
N VAL A 35 32.65 -7.28 -29.33
CA VAL A 35 33.19 -6.22 -28.50
C VAL A 35 32.29 -4.99 -28.65
N PHE A 36 31.65 -4.59 -27.56
CA PHE A 36 30.82 -3.39 -27.53
C PHE A 36 31.65 -2.23 -26.97
N PHE A 37 32.23 -1.46 -27.87
CA PHE A 37 33.15 -0.37 -27.53
C PHE A 37 32.40 0.96 -27.39
N PHE A 38 31.95 1.24 -26.17
CA PHE A 38 31.20 2.48 -25.89
C PHE A 38 32.12 3.71 -25.79
N TYR A 39 31.58 4.85 -26.20
CA TYR A 39 32.26 6.14 -26.06
C TYR A 39 31.24 7.29 -26.01
N PRO A 40 31.62 8.45 -25.43
CA PRO A 40 30.65 9.55 -25.19
C PRO A 40 29.99 10.14 -26.44
N ALA A 41 30.78 10.72 -27.35
CA ALA A 41 30.24 11.52 -28.44
C ALA A 41 31.18 11.61 -29.65
N ASP A 42 30.61 12.04 -30.77
CA ASP A 42 31.36 12.30 -32.00
C ASP A 42 31.82 13.76 -32.03
N PHE A 43 32.78 14.03 -32.91
CA PHE A 43 33.40 15.35 -33.08
C PHE A 43 33.95 15.94 -31.77
N THR A 44 34.63 15.07 -31.00
CA THR A 44 35.27 15.44 -29.74
C THR A 44 36.79 15.44 -29.90
N PHE A 45 37.49 15.98 -28.90
CA PHE A 45 38.95 16.16 -28.98
C PHE A 45 39.77 15.10 -28.25
N VAL A 46 39.14 14.30 -27.37
CA VAL A 46 39.78 13.06 -26.93
C VAL A 46 39.78 12.25 -28.20
N CYS A 47 40.86 12.42 -28.95
CA CYS A 47 40.95 11.98 -30.30
C CYS A 47 40.59 10.53 -30.40
N PRO A 48 40.04 10.11 -31.55
CA PRO A 48 39.74 8.70 -31.73
C PRO A 48 41.00 7.82 -31.77
N THR A 49 41.85 7.97 -30.75
CA THR A 49 43.05 7.19 -30.57
C THR A 49 42.59 5.84 -30.02
N GLU A 50 41.53 5.87 -29.22
CA GLU A 50 40.86 4.66 -28.75
C GLU A 50 40.24 3.88 -29.90
N LEU A 51 39.41 4.56 -30.69
CA LEU A 51 38.78 3.95 -31.88
C LEU A 51 39.80 3.62 -32.98
N GLY A 52 40.83 4.45 -33.10
CA GLY A 52 41.91 4.26 -34.08
C GLY A 52 42.83 3.11 -33.72
N ASP A 53 43.11 2.92 -32.44
CA ASP A 53 43.94 1.80 -31.96
C ASP A 53 43.23 0.46 -32.18
N VAL A 54 41.92 0.44 -31.98
CA VAL A 54 41.10 -0.76 -32.25
C VAL A 54 41.04 -1.00 -33.76
N ALA A 55 40.95 0.07 -34.55
CA ALA A 55 40.99 -0.02 -36.02
C ALA A 55 42.32 -0.56 -36.56
N ASP A 56 43.42 -0.24 -35.89
CA ASP A 56 44.74 -0.79 -36.24
C ASP A 56 44.82 -2.30 -35.98
N HIS A 57 44.20 -2.76 -34.89
CA HIS A 57 44.16 -4.17 -34.53
C HIS A 57 42.92 -4.94 -35.04
N TYR A 58 42.11 -4.30 -35.90
CA TYR A 58 40.91 -4.94 -36.45
C TYR A 58 41.24 -6.10 -37.40
N GLU A 59 42.38 -6.02 -38.10
CA GLU A 59 42.85 -7.11 -38.95
C GLU A 59 43.22 -8.36 -38.12
N GLU A 60 43.81 -8.13 -36.95
CA GLU A 60 44.10 -9.20 -35.99
C GLU A 60 42.83 -9.72 -35.32
N LEU A 61 41.90 -8.81 -35.00
CA LEU A 61 40.62 -9.18 -34.39
C LEU A 61 39.72 -10.01 -35.32
N GLN A 62 39.68 -9.62 -36.60
CA GLN A 62 38.93 -10.38 -37.61
C GLN A 62 39.51 -11.78 -37.85
N LYS A 63 40.82 -11.95 -37.65
CA LYS A 63 41.47 -13.27 -37.67
C LYS A 63 40.97 -14.18 -36.55
N LEU A 64 40.86 -13.63 -35.35
CA LEU A 64 40.40 -14.38 -34.18
C LEU A 64 38.89 -14.66 -34.20
N GLY A 65 38.13 -13.92 -35.01
CA GLY A 65 36.69 -14.09 -35.13
C GLY A 65 35.98 -13.21 -34.12
N VAL A 66 36.27 -11.91 -34.19
CA VAL A 66 35.77 -10.92 -33.22
C VAL A 66 35.14 -9.74 -33.96
N ASP A 67 33.84 -9.51 -33.72
CA ASP A 67 33.12 -8.37 -34.29
C ASP A 67 33.17 -7.19 -33.34
N VAL A 68 33.66 -6.04 -33.83
CA VAL A 68 33.72 -4.82 -33.03
C VAL A 68 32.48 -3.97 -33.32
N TYR A 69 31.84 -3.48 -32.25
CA TYR A 69 30.67 -2.62 -32.35
C TYR A 69 30.93 -1.32 -31.57
N ALA A 70 31.21 -0.25 -32.29
CA ALA A 70 31.42 1.07 -31.67
C ALA A 70 30.06 1.73 -31.42
N VAL A 71 29.70 1.85 -30.14
CA VAL A 71 28.39 2.35 -29.72
C VAL A 71 28.50 3.77 -29.17
N SER A 72 27.47 4.58 -29.43
CA SER A 72 27.38 5.94 -28.91
C SER A 72 25.94 6.46 -29.00
N THR A 73 25.64 7.47 -28.19
CA THR A 73 24.30 8.08 -28.17
C THR A 73 24.00 8.94 -29.41
N ASP A 74 25.01 9.26 -30.21
CA ASP A 74 24.82 9.99 -31.47
C ASP A 74 24.16 9.10 -32.53
N THR A 75 23.51 9.72 -33.51
CA THR A 75 22.79 8.99 -34.57
C THR A 75 23.74 8.33 -35.58
N HIS A 76 23.19 7.38 -36.33
CA HIS A 76 23.92 6.72 -37.43
C HIS A 76 24.21 7.66 -38.62
N PHE A 77 23.40 8.71 -38.78
CA PHE A 77 23.66 9.76 -39.76
C PHE A 77 24.92 10.56 -39.42
N THR A 78 25.13 10.78 -38.13
CA THR A 78 26.32 11.46 -37.62
C THR A 78 27.60 10.67 -37.89
N HIS A 79 27.56 9.37 -37.59
CA HIS A 79 28.73 8.49 -37.76
C HIS A 79 29.28 8.45 -39.18
N LYS A 80 28.39 8.58 -40.18
CA LYS A 80 28.79 8.69 -41.59
C LYS A 80 29.59 9.98 -41.86
N ALA A 81 29.14 11.09 -41.29
CA ALA A 81 29.80 12.39 -41.45
C ALA A 81 31.16 12.45 -40.75
N TRP A 82 31.22 11.92 -39.53
CA TRP A 82 32.46 11.83 -38.76
C TRP A 82 33.47 10.87 -39.39
N HIS A 83 32.96 9.86 -40.11
CA HIS A 83 33.79 8.91 -40.85
C HIS A 83 34.49 9.56 -42.05
N SER A 84 33.77 10.42 -42.78
CA SER A 84 34.33 11.15 -43.92
C SER A 84 35.25 12.30 -43.50
N SER A 85 34.86 13.02 -42.43
CA SER A 85 35.60 14.21 -41.98
C SER A 85 36.96 13.86 -41.37
N SER A 86 36.94 12.96 -40.38
CA SER A 86 38.15 12.61 -39.63
C SER A 86 38.99 11.56 -40.36
N GLU A 87 40.31 11.70 -40.28
CA GLU A 87 41.25 10.73 -40.87
C GLU A 87 41.33 9.43 -40.05
N THR A 88 41.41 9.58 -38.73
CA THR A 88 41.47 8.41 -37.82
C THR A 88 40.19 7.57 -37.77
N ILE A 89 39.05 8.17 -38.09
CA ILE A 89 37.77 7.44 -38.17
C ILE A 89 37.61 6.78 -39.55
N ALA A 90 38.16 7.40 -40.59
CA ALA A 90 38.08 6.88 -41.97
C ALA A 90 38.63 5.46 -42.13
N LYS A 91 39.63 5.09 -41.35
CA LYS A 91 40.21 3.73 -41.37
C LYS A 91 39.40 2.66 -40.60
N ILE A 92 38.32 3.05 -39.93
CA ILE A 92 37.44 2.11 -39.21
C ILE A 92 36.57 1.33 -40.20
N LYS A 93 36.83 0.02 -40.30
CA LYS A 93 36.02 -0.88 -41.12
C LYS A 93 34.89 -1.56 -40.32
N TYR A 94 34.98 -1.55 -38.99
CA TYR A 94 33.94 -2.14 -38.13
C TYR A 94 32.69 -1.26 -38.02
N ALA A 95 31.62 -1.84 -37.48
CA ALA A 95 30.32 -1.17 -37.38
C ALA A 95 30.32 -0.06 -36.32
N MET A 96 29.64 1.05 -36.63
CA MET A 96 29.46 2.18 -35.71
C MET A 96 27.97 2.31 -35.38
N ILE A 97 27.55 1.70 -34.27
CA ILE A 97 26.15 1.63 -33.89
C ILE A 97 25.69 2.97 -33.28
N GLY A 98 24.60 3.51 -33.81
CA GLY A 98 23.94 4.68 -33.24
C GLY A 98 22.91 4.27 -32.21
N ASP A 99 22.81 5.03 -31.12
CA ASP A 99 21.91 4.70 -30.01
C ASP A 99 21.26 5.98 -29.43
N PRO A 100 20.46 6.70 -30.25
CA PRO A 100 19.78 7.92 -29.79
C PRO A 100 18.77 7.70 -28.66
N THR A 101 18.10 6.55 -28.65
CA THR A 101 17.20 6.16 -27.57
C THR A 101 17.93 5.90 -26.25
N GLY A 102 19.15 5.35 -26.34
CA GLY A 102 19.93 4.96 -25.18
C GLY A 102 19.54 3.60 -24.61
N ALA A 103 18.86 2.79 -25.41
CA ALA A 103 18.40 1.46 -24.99
C ALA A 103 19.57 0.49 -24.85
N LEU A 104 20.45 0.48 -25.86
CA LEU A 104 21.66 -0.37 -25.87
C LEU A 104 22.59 0.00 -24.71
N THR A 105 22.74 1.31 -24.48
CA THR A 105 23.58 1.84 -23.41
C THR A 105 23.04 1.48 -22.02
N ARG A 106 21.72 1.60 -21.84
CA ARG A 106 21.08 1.27 -20.56
C ARG A 106 21.04 -0.23 -20.26
N ASN A 107 21.10 -1.07 -21.30
CA ASN A 107 21.24 -2.53 -21.11
C ASN A 107 22.58 -2.91 -20.49
N PHE A 108 23.65 -2.21 -20.89
CA PHE A 108 24.99 -2.43 -20.33
C PHE A 108 25.31 -1.56 -19.09
N ASP A 109 24.32 -0.81 -18.58
CA ASP A 109 24.50 0.09 -17.44
C ASP A 109 25.70 1.03 -17.63
N ASN A 110 25.61 1.84 -18.68
CA ASN A 110 26.73 2.68 -19.11
C ASN A 110 26.36 4.13 -19.48
N MET A 111 25.18 4.59 -19.06
CA MET A 111 24.66 5.90 -19.43
C MET A 111 25.02 6.93 -18.36
N ARG A 112 25.45 8.10 -18.81
CA ARG A 112 25.63 9.27 -17.94
C ARG A 112 24.32 10.03 -17.94
N GLU A 113 23.49 9.81 -16.93
CA GLU A 113 22.10 10.30 -16.93
C GLU A 113 21.99 11.82 -17.02
N ASP A 114 22.89 12.53 -16.33
CA ASP A 114 22.92 14.00 -16.37
C ASP A 114 23.44 14.56 -17.70
N GLU A 115 24.34 13.84 -18.37
CA GLU A 115 24.89 14.25 -19.68
C GLU A 115 24.12 13.69 -20.89
N GLY A 116 23.50 12.52 -20.74
CA GLY A 116 22.85 11.84 -21.85
C GLY A 116 23.82 11.22 -22.85
N LEU A 117 24.99 10.81 -22.36
CA LEU A 117 26.05 10.22 -23.19
C LEU A 117 26.57 8.93 -22.54
N ALA A 118 27.15 8.05 -23.35
CA ALA A 118 27.69 6.78 -22.86
C ALA A 118 29.04 6.98 -22.18
N ASP A 119 29.36 6.12 -21.22
CA ASP A 119 30.68 6.12 -20.58
C ASP A 119 31.69 5.36 -21.44
N ARG A 120 32.98 5.60 -21.19
CA ARG A 120 34.06 4.91 -21.90
C ARG A 120 34.23 3.48 -21.37
N ALA A 121 33.47 2.55 -21.94
CA ALA A 121 33.47 1.15 -21.50
C ALA A 121 33.64 0.17 -22.66
N THR A 122 34.33 -0.94 -22.40
CA THR A 122 34.57 -2.01 -23.39
C THR A 122 34.11 -3.35 -22.82
N PHE A 123 33.05 -3.91 -23.39
CA PHE A 123 32.48 -5.19 -22.96
C PHE A 123 32.84 -6.31 -23.94
N VAL A 124 33.53 -7.35 -23.45
CA VAL A 124 33.85 -8.53 -24.25
C VAL A 124 32.77 -9.59 -24.04
N VAL A 125 32.10 -9.99 -25.12
CA VAL A 125 30.98 -10.94 -25.07
C VAL A 125 31.34 -12.20 -25.85
N ASP A 126 30.99 -13.37 -25.30
CA ASP A 126 31.35 -14.69 -25.88
C ASP A 126 30.21 -15.21 -26.80
N PRO A 127 30.44 -16.34 -27.50
CA PRO A 127 29.43 -16.92 -28.40
C PRO A 127 28.02 -17.14 -27.82
N GLN A 128 27.93 -17.46 -26.53
CA GLN A 128 26.64 -17.66 -25.86
C GLN A 128 25.93 -16.34 -25.49
N GLY A 129 26.62 -15.21 -25.63
CA GLY A 129 26.10 -13.89 -25.28
C GLY A 129 26.47 -13.45 -23.87
N ILE A 130 27.40 -14.18 -23.24
CA ILE A 130 27.79 -13.95 -21.85
C ILE A 130 28.97 -12.99 -21.81
N ILE A 131 28.89 -11.98 -20.94
CA ILE A 131 29.93 -10.96 -20.80
C ILE A 131 31.09 -11.54 -20.00
N GLN A 132 32.26 -11.64 -20.63
CA GLN A 132 33.46 -12.25 -20.01
C GLN A 132 34.51 -11.25 -19.52
N ALA A 133 34.43 -9.99 -19.95
CA ALA A 133 35.34 -8.94 -19.48
C ALA A 133 34.73 -7.55 -19.61
N ILE A 134 35.01 -6.69 -18.63
CA ILE A 134 34.53 -5.30 -18.59
C ILE A 134 35.72 -4.37 -18.30
N GLU A 135 35.73 -3.22 -18.96
CA GLU A 135 36.79 -2.21 -18.79
C GLU A 135 36.19 -0.81 -18.94
N VAL A 136 35.83 -0.18 -17.82
CA VAL A 136 35.25 1.17 -17.80
C VAL A 136 36.30 2.17 -17.30
N THR A 137 36.36 3.35 -17.95
CA THR A 137 37.32 4.41 -17.61
C THR A 137 36.67 5.79 -17.56
N ALA A 138 37.34 6.72 -16.88
CA ALA A 138 36.88 8.11 -16.78
C ALA A 138 37.13 8.89 -18.07
N GLU A 139 36.55 10.09 -18.15
CA GLU A 139 36.59 10.93 -19.35
C GLU A 139 38.01 11.10 -19.92
N GLY A 140 38.93 11.49 -19.05
CA GLY A 140 40.32 11.75 -19.46
C GLY A 140 41.14 10.51 -19.76
N ILE A 141 40.86 9.40 -19.07
CA ILE A 141 41.68 8.20 -19.16
C ILE A 141 41.33 7.39 -20.42
N GLY A 142 42.35 7.04 -21.19
CA GLY A 142 42.19 6.23 -22.39
C GLY A 142 42.09 4.75 -22.12
N ARG A 143 41.86 3.97 -23.18
CA ARG A 143 41.80 2.51 -23.13
C ARG A 143 42.78 1.92 -24.14
N ASP A 144 43.61 0.97 -23.69
CA ASP A 144 44.65 0.36 -24.52
C ASP A 144 44.08 -0.85 -25.28
N ALA A 145 44.20 -0.85 -26.61
CA ALA A 145 43.65 -1.92 -27.44
C ALA A 145 44.55 -3.16 -27.53
N SER A 146 45.84 -3.02 -27.23
CA SER A 146 46.73 -4.17 -27.09
C SER A 146 46.39 -5.00 -25.85
N ASP A 147 45.98 -4.31 -24.78
CA ASP A 147 45.48 -4.96 -23.56
C ASP A 147 44.16 -5.70 -23.82
N LEU A 148 43.29 -5.10 -24.63
CA LEU A 148 42.00 -5.71 -25.01
C LEU A 148 42.17 -7.05 -25.73
N LEU A 149 43.16 -7.13 -26.61
CA LEU A 149 43.51 -8.39 -27.29
C LEU A 149 43.96 -9.49 -26.32
N ARG A 150 44.67 -9.11 -25.27
CA ARG A 150 45.10 -10.05 -24.22
C ARG A 150 43.91 -10.67 -23.48
N LYS A 151 42.89 -9.85 -23.22
CA LYS A 151 41.66 -10.31 -22.54
C LYS A 151 40.82 -11.26 -23.40
N ILE A 152 40.73 -10.95 -24.70
CA ILE A 152 39.98 -11.78 -25.66
C ILE A 152 40.70 -13.11 -25.93
N LYS A 153 42.03 -13.06 -26.12
CA LYS A 153 42.84 -14.28 -26.28
C LYS A 153 42.78 -15.17 -25.04
N ALA A 154 42.76 -14.56 -23.85
CA ALA A 154 42.59 -15.28 -22.59
C ALA A 154 41.17 -15.85 -22.45
N ALA A 155 40.16 -15.07 -22.86
CA ALA A 155 38.76 -15.50 -22.84
C ALA A 155 38.49 -16.66 -23.81
N GLN A 156 39.05 -16.57 -25.01
CA GLN A 156 38.98 -17.65 -26.01
C GLN A 156 39.65 -18.94 -25.54
N TYR A 157 40.76 -18.81 -24.81
CA TYR A 157 41.49 -19.96 -24.28
C TYR A 157 40.67 -20.72 -23.22
N VAL A 158 40.12 -20.00 -22.26
CA VAL A 158 39.31 -20.61 -21.19
C VAL A 158 37.99 -21.20 -21.69
N ALA A 159 37.45 -20.63 -22.76
CA ALA A 159 36.26 -21.19 -23.42
C ALA A 159 36.58 -22.51 -24.13
N SER A 160 37.66 -22.53 -24.90
CA SER A 160 38.10 -23.72 -25.64
C SER A 160 38.91 -24.73 -24.81
N HIS A 161 39.38 -24.32 -23.63
CA HIS A 161 40.01 -25.23 -22.66
C HIS A 161 39.25 -25.14 -21.31
N PRO A 162 38.07 -25.81 -21.20
CA PRO A 162 37.32 -25.85 -19.94
C PRO A 162 38.07 -26.50 -18.76
N GLY A 163 37.81 -26.00 -17.55
CA GLY A 163 38.42 -26.52 -16.33
C GLY A 163 39.90 -26.23 -16.15
N GLU A 164 40.39 -25.18 -16.82
CA GLU A 164 41.80 -24.78 -16.73
C GLU A 164 41.99 -23.35 -17.26
N VAL A 165 43.17 -22.78 -17.00
CA VAL A 165 43.49 -21.42 -17.47
C VAL A 165 44.89 -21.39 -18.10
N MET B 1 22.81 1.72 -13.56
CA MET B 1 23.40 2.58 -12.48
C MET B 1 24.90 2.28 -12.35
N SER B 2 25.70 2.93 -13.19
CA SER B 2 27.15 2.67 -13.26
C SER B 2 27.91 3.28 -12.08
N LEU B 3 28.95 2.59 -11.63
CA LEU B 3 29.79 3.05 -10.52
C LEU B 3 30.95 3.96 -10.94
N ILE B 4 31.21 4.08 -12.24
CA ILE B 4 32.25 5.00 -12.73
C ILE B 4 31.83 6.45 -12.44
N ASN B 5 32.79 7.25 -11.99
CA ASN B 5 32.57 8.67 -11.62
C ASN B 5 31.61 8.86 -10.43
N THR B 6 31.58 7.89 -9.51
CA THR B 6 30.75 7.97 -8.29
C THR B 6 31.61 7.75 -7.05
N LYS B 7 31.19 8.34 -5.94
CA LYS B 7 31.94 8.26 -4.69
C LYS B 7 31.78 6.87 -4.06
N ILE B 8 32.87 6.35 -3.47
CA ILE B 8 32.83 5.08 -2.76
C ILE B 8 32.00 5.19 -1.46
N LYS B 9 31.37 4.09 -1.09
CA LYS B 9 30.53 4.04 0.12
C LYS B 9 31.39 3.74 1.35
N PRO B 10 30.90 4.07 2.56
CA PRO B 10 31.69 3.79 3.76
C PRO B 10 31.81 2.29 4.06
N PHE B 11 32.90 1.91 4.71
CA PHE B 11 33.14 0.53 5.13
C PHE B 11 33.97 0.46 6.41
N LYS B 12 34.03 -0.73 7.00
CA LYS B 12 34.77 -0.97 8.23
C LYS B 12 35.17 -2.44 8.30
N ASN B 13 36.33 -2.73 7.71
CA ASN B 13 36.83 -4.11 7.60
C ASN B 13 38.16 -4.28 8.32
N GLN B 14 38.43 -5.53 8.71
CA GLN B 14 39.68 -5.91 9.35
C GLN B 14 40.61 -6.47 8.27
N ALA B 15 41.90 -6.22 8.42
CA ALA B 15 42.89 -6.55 7.39
C ALA B 15 44.23 -6.97 7.98
N PHE B 16 44.99 -7.73 7.19
CA PHE B 16 46.33 -8.17 7.53
C PHE B 16 47.34 -7.38 6.71
N LYS B 17 48.39 -6.88 7.38
CA LYS B 17 49.44 -6.10 6.71
C LYS B 17 50.76 -6.17 7.49
N ASN B 18 51.77 -6.80 6.88
CA ASN B 18 53.13 -6.90 7.44
C ASN B 18 53.19 -7.48 8.86
N GLY B 19 52.64 -8.69 9.00
CA GLY B 19 52.68 -9.43 10.27
C GLY B 19 51.87 -8.86 11.41
N GLU B 20 50.80 -8.10 11.08
CA GLU B 20 49.88 -7.59 12.10
C GLU B 20 48.51 -7.25 11.50
N PHE B 21 47.48 -7.34 12.34
CA PHE B 21 46.11 -7.02 11.94
C PHE B 21 45.78 -5.55 12.20
N ILE B 22 45.00 -4.95 11.31
CA ILE B 22 44.55 -3.56 11.44
C ILE B 22 43.12 -3.39 10.92
N GLU B 23 42.43 -2.37 11.43
CA GLU B 23 41.13 -1.96 10.91
C GLU B 23 41.36 -0.95 9.81
N ILE B 24 40.61 -1.08 8.71
CA ILE B 24 40.63 -0.13 7.61
C ILE B 24 39.21 0.39 7.39
N THR B 25 39.07 1.69 7.15
CA THR B 25 37.80 2.33 6.86
C THR B 25 37.96 3.26 5.66
N GLU B 26 36.85 3.88 5.23
CA GLU B 26 36.87 4.87 4.15
C GLU B 26 37.71 6.11 4.47
N LYS B 27 37.81 6.48 5.76
CA LYS B 27 38.61 7.62 6.18
C LYS B 27 40.12 7.48 5.88
N ASP B 28 40.62 6.25 5.89
CA ASP B 28 42.04 6.00 5.57
C ASP B 28 42.36 6.27 4.10
N THR B 29 41.42 5.93 3.20
CA THR B 29 41.60 6.15 1.76
C THR B 29 41.54 7.62 1.34
N GLU B 30 40.90 8.47 2.15
CA GLU B 30 40.71 9.89 1.80
C GLU B 30 42.03 10.67 1.77
N GLY B 31 42.12 11.58 0.81
CA GLY B 31 43.36 12.34 0.54
C GLY B 31 44.45 11.55 -0.17
N ARG B 32 44.10 10.38 -0.70
CA ARG B 32 45.08 9.50 -1.36
C ARG B 32 44.45 8.65 -2.46
N TRP B 33 45.29 8.24 -3.41
CA TRP B 33 44.88 7.30 -4.46
C TRP B 33 44.81 5.89 -3.87
N SER B 34 43.76 5.16 -4.23
CA SER B 34 43.51 3.81 -3.70
C SER B 34 43.21 2.83 -4.81
N VAL B 35 43.54 1.56 -4.57
CA VAL B 35 43.25 0.46 -5.49
C VAL B 35 42.57 -0.66 -4.73
N PHE B 36 41.27 -0.85 -4.96
CA PHE B 36 40.52 -1.95 -4.39
C PHE B 36 40.58 -3.16 -5.31
N PHE B 37 41.52 -4.06 -5.03
CA PHE B 37 41.78 -5.24 -5.86
C PHE B 37 41.02 -6.46 -5.33
N PHE B 38 39.85 -6.72 -5.92
CA PHE B 38 39.01 -7.87 -5.52
C PHE B 38 39.48 -9.17 -6.16
N TYR B 39 39.25 -10.28 -5.47
CA TYR B 39 39.50 -11.63 -6.02
C TYR B 39 38.63 -12.67 -5.28
N PRO B 40 38.39 -13.85 -5.91
CA PRO B 40 37.41 -14.80 -5.35
C PRO B 40 37.75 -15.37 -3.97
N ALA B 41 38.86 -16.09 -3.85
CA ALA B 41 39.17 -16.80 -2.60
C ALA B 41 40.65 -17.12 -2.43
N ASP B 42 41.03 -17.34 -1.17
CA ASP B 42 42.38 -17.77 -0.80
C ASP B 42 42.55 -19.26 -1.08
N PHE B 43 43.82 -19.67 -1.13
CA PHE B 43 44.23 -21.05 -1.44
C PHE B 43 43.67 -21.58 -2.76
N THR B 44 43.71 -20.73 -3.78
CA THR B 44 43.35 -21.07 -5.16
C THR B 44 44.60 -21.01 -6.02
N PHE B 45 44.48 -21.50 -7.27
CA PHE B 45 45.65 -21.73 -8.12
C PHE B 45 46.16 -20.45 -8.82
N VAL B 46 45.24 -19.61 -9.27
CA VAL B 46 45.54 -18.49 -10.18
C VAL B 46 45.60 -17.11 -9.49
N CYS B 47 45.04 -16.99 -8.30
CA CYS B 47 45.07 -15.73 -7.53
C CYS B 47 46.47 -15.24 -7.13
N PRO B 48 47.41 -16.16 -6.82
CA PRO B 48 48.78 -15.72 -6.49
C PRO B 48 49.54 -14.99 -7.62
N THR B 49 49.28 -15.35 -8.88
CA THR B 49 49.92 -14.67 -10.03
C THR B 49 49.43 -13.23 -10.22
N GLU B 50 48.14 -12.98 -9.98
CA GLU B 50 47.57 -11.63 -10.05
C GLU B 50 48.08 -10.73 -8.93
N LEU B 51 47.99 -11.22 -7.70
CA LEU B 51 48.44 -10.48 -6.50
C LEU B 51 49.96 -10.29 -6.46
N GLY B 52 50.70 -11.33 -6.83
CA GLY B 52 52.16 -11.29 -6.91
C GLY B 52 52.70 -10.31 -7.95
N ASP B 53 51.97 -10.15 -9.05
CA ASP B 53 52.31 -9.17 -10.09
C ASP B 53 52.17 -7.74 -9.56
N VAL B 54 51.13 -7.48 -8.76
CA VAL B 54 50.93 -6.18 -8.12
C VAL B 54 51.97 -5.95 -7.01
N ALA B 55 52.36 -7.02 -6.32
CA ALA B 55 53.42 -6.96 -5.31
C ALA B 55 54.80 -6.57 -5.87
N ASP B 56 55.05 -6.94 -7.13
CA ASP B 56 56.28 -6.53 -7.83
C ASP B 56 56.29 -5.04 -8.18
N HIS B 57 55.12 -4.51 -8.55
CA HIS B 57 54.96 -3.08 -8.88
C HIS B 57 54.58 -2.19 -7.69
N TYR B 58 54.59 -2.74 -6.47
CA TYR B 58 54.20 -1.98 -5.27
C TYR B 58 55.21 -0.88 -4.91
N GLU B 59 56.49 -1.14 -5.19
CA GLU B 59 57.54 -0.09 -5.10
C GLU B 59 57.19 1.15 -5.93
N GLU B 60 56.79 0.92 -7.18
CA GLU B 60 56.39 2.00 -8.08
C GLU B 60 55.09 2.67 -7.65
N LEU B 61 54.13 1.87 -7.15
CA LEU B 61 52.85 2.39 -6.66
C LEU B 61 52.98 3.25 -5.41
N GLN B 62 53.90 2.87 -4.51
CA GLN B 62 54.18 3.66 -3.30
C GLN B 62 54.88 4.99 -3.61
N LYS B 63 55.70 5.01 -4.66
CA LYS B 63 56.30 6.27 -5.17
C LYS B 63 55.23 7.21 -5.71
N LEU B 64 54.27 6.68 -6.46
CA LEU B 64 53.14 7.45 -7.01
C LEU B 64 52.10 7.86 -5.94
N GLY B 65 52.19 7.30 -4.74
CA GLY B 65 51.31 7.68 -3.63
C GLY B 65 49.99 6.96 -3.71
N VAL B 66 50.07 5.65 -3.92
CA VAL B 66 48.89 4.80 -4.15
C VAL B 66 48.90 3.66 -3.15
N ASP B 67 47.76 3.45 -2.48
CA ASP B 67 47.57 2.33 -1.56
C ASP B 67 46.81 1.20 -2.26
N VAL B 68 47.30 -0.03 -2.10
CA VAL B 68 46.66 -1.21 -2.66
C VAL B 68 45.90 -1.93 -1.55
N TYR B 69 44.70 -2.41 -1.88
CA TYR B 69 43.84 -3.13 -0.94
C TYR B 69 43.32 -4.41 -1.59
N ALA B 70 43.92 -5.56 -1.24
CA ALA B 70 43.46 -6.85 -1.72
C ALA B 70 42.24 -7.28 -0.92
N VAL B 71 41.13 -7.55 -1.59
CA VAL B 71 39.85 -7.85 -0.93
C VAL B 71 39.30 -9.21 -1.37
N SER B 72 38.76 -9.96 -0.41
CA SER B 72 38.03 -11.20 -0.68
C SER B 72 37.07 -11.51 0.47
N THR B 73 36.20 -12.49 0.25
CA THR B 73 35.21 -12.90 1.27
C THR B 73 35.79 -13.79 2.38
N ASP B 74 37.09 -14.08 2.34
CA ASP B 74 37.76 -14.81 3.42
C ASP B 74 38.05 -13.89 4.59
N THR B 75 38.36 -14.48 5.74
CA THR B 75 38.70 -13.73 6.96
C THR B 75 40.14 -13.24 6.94
N HIS B 76 40.42 -12.19 7.72
CA HIS B 76 41.79 -11.67 7.90
C HIS B 76 42.73 -12.68 8.59
N PHE B 77 42.16 -13.65 9.31
CA PHE B 77 42.92 -14.80 9.84
C PHE B 77 43.42 -15.69 8.70
N THR B 78 42.57 -15.92 7.70
CA THR B 78 42.93 -16.72 6.53
C THR B 78 44.04 -16.07 5.71
N HIS B 79 43.98 -14.75 5.56
CA HIS B 79 45.01 -14.00 4.82
C HIS B 79 46.41 -14.10 5.46
N LYS B 80 46.47 -14.16 6.80
CA LYS B 80 47.72 -14.39 7.52
C LYS B 80 48.31 -15.77 7.20
N ALA B 81 47.46 -16.80 7.19
CA ALA B 81 47.89 -18.17 6.90
C ALA B 81 48.36 -18.34 5.46
N TRP B 82 47.64 -17.73 4.52
CA TRP B 82 47.98 -17.78 3.09
C TRP B 82 49.27 -17.01 2.77
N HIS B 83 49.58 -16.02 3.61
CA HIS B 83 50.83 -15.25 3.50
C HIS B 83 52.06 -16.07 3.87
N SER B 84 51.96 -16.85 4.94
CA SER B 84 53.06 -17.71 5.40
C SER B 84 53.29 -18.95 4.53
N SER B 85 52.22 -19.54 4.03
CA SER B 85 52.30 -20.79 3.26
C SER B 85 52.86 -20.59 1.84
N SER B 86 52.30 -19.62 1.12
CA SER B 86 52.66 -19.37 -0.28
C SER B 86 53.82 -18.39 -0.42
N GLU B 87 54.74 -18.69 -1.34
CA GLU B 87 55.89 -17.81 -1.64
C GLU B 87 55.48 -16.54 -2.39
N THR B 88 54.56 -16.70 -3.35
CA THR B 88 54.07 -15.59 -4.17
C THR B 88 53.23 -14.58 -3.37
N ILE B 89 52.59 -15.04 -2.28
CA ILE B 89 51.81 -14.18 -1.38
C ILE B 89 52.71 -13.54 -0.30
N ALA B 90 53.78 -14.25 0.09
CA ALA B 90 54.72 -13.76 1.11
C ALA B 90 55.37 -12.39 0.80
N LYS B 91 55.53 -12.07 -0.48
CA LYS B 91 56.11 -10.79 -0.91
C LYS B 91 55.12 -9.59 -0.93
N ILE B 92 53.84 -9.84 -0.62
CA ILE B 92 52.82 -8.77 -0.55
C ILE B 92 53.01 -7.93 0.71
N LYS B 93 53.40 -6.66 0.53
CA LYS B 93 53.51 -5.70 1.64
C LYS B 93 52.28 -4.80 1.82
N TYR B 94 51.33 -4.86 0.88
CA TYR B 94 50.07 -4.10 1.00
C TYR B 94 49.03 -4.87 1.83
N ALA B 95 47.97 -4.15 2.22
CA ALA B 95 46.93 -4.70 3.11
C ALA B 95 46.05 -5.74 2.40
N MET B 96 45.73 -6.82 3.13
CA MET B 96 44.82 -7.87 2.65
C MET B 96 43.53 -7.83 3.46
N ILE B 97 42.52 -7.14 2.93
CA ILE B 97 41.26 -6.91 3.64
C ILE B 97 40.40 -8.17 3.61
N GLY B 98 39.92 -8.58 4.79
CA GLY B 98 38.93 -9.65 4.91
C GLY B 98 37.54 -9.04 4.89
N ASP B 99 36.62 -9.67 4.16
CA ASP B 99 35.24 -9.18 4.03
C ASP B 99 34.25 -10.35 4.16
N PRO B 100 34.22 -11.00 5.34
CA PRO B 100 33.28 -12.10 5.56
C PRO B 100 31.80 -11.71 5.50
N THR B 101 31.47 -10.48 5.90
CA THR B 101 30.11 -9.94 5.77
C THR B 101 29.71 -9.70 4.31
N GLY B 102 30.69 -9.43 3.45
CA GLY B 102 30.45 -9.11 2.05
C GLY B 102 30.00 -7.66 1.82
N ALA B 103 30.20 -6.81 2.82
CA ALA B 103 29.71 -5.43 2.78
C ALA B 103 30.53 -4.57 1.82
N LEU B 104 31.85 -4.66 1.93
CA LEU B 104 32.78 -3.93 1.06
C LEU B 104 32.60 -4.38 -0.40
N THR B 105 32.46 -5.68 -0.61
CA THR B 105 32.22 -6.25 -1.93
C THR B 105 30.87 -5.78 -2.52
N ARG B 106 29.82 -5.77 -1.70
CA ARG B 106 28.49 -5.32 -2.13
C ARG B 106 28.37 -3.80 -2.33
N ASN B 107 29.25 -3.01 -1.69
CA ASN B 107 29.37 -1.58 -1.99
C ASN B 107 29.82 -1.34 -3.43
N PHE B 108 30.80 -2.14 -3.88
CA PHE B 108 31.32 -2.07 -5.25
C PHE B 108 30.55 -2.96 -6.27
N ASP B 109 29.39 -3.52 -5.86
CA ASP B 109 28.55 -4.36 -6.71
C ASP B 109 29.34 -5.47 -7.40
N ASN B 110 30.10 -6.21 -6.59
CA ASN B 110 31.07 -7.18 -7.11
C ASN B 110 30.92 -8.60 -6.53
N MET B 111 29.77 -8.89 -5.92
CA MET B 111 29.54 -10.18 -5.25
C MET B 111 28.86 -11.17 -6.19
N ARG B 112 29.39 -12.40 -6.22
CA ARG B 112 28.67 -13.55 -6.80
C ARG B 112 27.74 -14.07 -5.70
N GLU B 113 26.44 -13.89 -5.88
CA GLU B 113 25.46 -14.19 -4.83
C GLU B 113 25.34 -15.68 -4.56
N ASP B 114 25.16 -16.46 -5.63
CA ASP B 114 25.05 -17.93 -5.54
C ASP B 114 26.35 -18.62 -5.09
N GLU B 115 27.50 -17.98 -5.34
CA GLU B 115 28.82 -18.54 -4.99
C GLU B 115 29.37 -18.00 -3.65
N GLY B 116 28.96 -16.79 -3.27
CA GLY B 116 29.41 -16.16 -2.02
C GLY B 116 30.84 -15.64 -2.05
N LEU B 117 31.34 -15.32 -3.24
CA LEU B 117 32.70 -14.84 -3.45
C LEU B 117 32.70 -13.60 -4.33
N ALA B 118 33.76 -12.80 -4.23
CA ALA B 118 33.91 -11.59 -5.04
C ALA B 118 34.39 -11.93 -6.46
N ASP B 119 33.99 -11.11 -7.43
CA ASP B 119 34.49 -11.24 -8.81
C ASP B 119 35.89 -10.63 -8.92
N ARG B 120 36.63 -11.07 -9.94
CA ARG B 120 37.97 -10.53 -10.21
C ARG B 120 37.84 -9.11 -10.75
N ALA B 121 37.91 -8.12 -9.87
CA ALA B 121 37.70 -6.71 -10.22
C ALA B 121 38.72 -5.77 -9.58
N THR B 122 39.18 -4.80 -10.37
CA THR B 122 40.13 -3.77 -9.92
C THR B 122 39.47 -2.40 -10.06
N PHE B 123 39.43 -1.64 -8.95
CA PHE B 123 38.83 -0.31 -8.93
C PHE B 123 39.89 0.73 -8.53
N VAL B 124 40.15 1.70 -9.41
CA VAL B 124 41.06 2.81 -9.12
C VAL B 124 40.24 3.99 -8.59
N VAL B 125 40.63 4.48 -7.41
CA VAL B 125 39.91 5.56 -6.71
C VAL B 125 40.87 6.73 -6.42
N ASP B 126 40.39 7.95 -6.64
CA ASP B 126 41.19 9.18 -6.45
C ASP B 126 41.05 9.70 -5.01
N PRO B 127 41.87 10.71 -4.62
CA PRO B 127 41.80 11.31 -3.27
C PRO B 127 40.41 11.74 -2.76
N GLN B 128 39.52 12.16 -3.67
CA GLN B 128 38.16 12.57 -3.31
C GLN B 128 37.20 11.39 -3.06
N GLY B 129 37.63 10.17 -3.40
CA GLY B 129 36.83 8.96 -3.22
C GLY B 129 36.04 8.55 -4.45
N ILE B 130 36.32 9.18 -5.59
CA ILE B 130 35.57 8.95 -6.83
C ILE B 130 36.26 7.84 -7.62
N ILE B 131 35.47 6.90 -8.14
CA ILE B 131 36.00 5.77 -8.91
C ILE B 131 36.32 6.22 -10.34
N GLN B 132 37.60 6.23 -10.69
CA GLN B 132 38.09 6.72 -11.99
C GLN B 132 38.28 5.63 -13.05
N ALA B 133 38.43 4.37 -12.64
CA ALA B 133 38.59 3.25 -13.57
C ALA B 133 38.13 1.93 -12.95
N ILE B 134 37.50 1.09 -13.78
CA ILE B 134 37.00 -0.22 -13.38
C ILE B 134 37.52 -1.27 -14.37
N GLU B 135 37.92 -2.42 -13.86
CA GLU B 135 38.38 -3.55 -14.68
C GLU B 135 37.88 -4.85 -14.05
N VAL B 136 36.98 -5.54 -14.74
CA VAL B 136 36.38 -6.79 -14.24
C VAL B 136 36.57 -7.90 -15.27
N THR B 137 36.95 -9.09 -14.82
CA THR B 137 37.20 -10.25 -15.69
C THR B 137 36.58 -11.55 -15.15
N ALA B 138 36.41 -12.52 -16.03
CA ALA B 138 35.89 -13.85 -15.68
C ALA B 138 36.94 -14.70 -14.98
N GLU B 139 36.54 -15.85 -14.45
CA GLU B 139 37.42 -16.64 -13.55
C GLU B 139 38.47 -17.54 -14.24
N GLY B 140 38.82 -17.25 -15.48
CA GLY B 140 40.06 -17.77 -16.06
C GLY B 140 41.00 -16.72 -16.62
N ILE B 141 40.55 -15.46 -16.67
CA ILE B 141 41.26 -14.39 -17.32
C ILE B 141 41.98 -13.57 -16.25
N GLY B 142 43.30 -13.49 -16.37
CA GLY B 142 44.11 -12.71 -15.44
C GLY B 142 44.00 -11.21 -15.65
N ARG B 143 44.65 -10.45 -14.79
CA ARG B 143 44.67 -8.98 -14.86
C ARG B 143 46.12 -8.50 -14.89
N ASP B 144 46.48 -7.77 -15.93
CA ASP B 144 47.84 -7.27 -16.11
C ASP B 144 48.08 -6.06 -15.23
N ALA B 145 49.08 -6.15 -14.35
CA ALA B 145 49.43 -5.06 -13.42
C ALA B 145 50.11 -3.87 -14.12
N SER B 146 50.75 -4.12 -15.25
CA SER B 146 51.34 -3.06 -16.08
C SER B 146 50.27 -2.15 -16.68
N ASP B 147 49.14 -2.75 -17.07
CA ASP B 147 47.97 -2.01 -17.56
C ASP B 147 47.32 -1.17 -16.45
N LEU B 148 47.32 -1.69 -15.23
CA LEU B 148 46.81 -0.96 -14.07
C LEU B 148 47.63 0.30 -13.77
N LEU B 149 48.95 0.21 -13.89
CA LEU B 149 49.84 1.38 -13.73
C LEU B 149 49.60 2.45 -14.78
N ARG B 150 49.38 2.02 -16.02
CA ARG B 150 49.08 2.93 -17.13
C ARG B 150 47.80 3.74 -16.88
N LYS B 151 46.77 3.09 -16.33
CA LYS B 151 45.51 3.76 -15.98
C LYS B 151 45.65 4.72 -14.79
N ILE B 152 46.43 4.31 -13.78
CA ILE B 152 46.70 5.17 -12.61
C ILE B 152 47.49 6.41 -13.01
N LYS B 153 48.55 6.22 -13.82
CA LYS B 153 49.33 7.35 -14.35
C LYS B 153 48.48 8.28 -15.22
N ALA B 154 47.59 7.71 -16.01
CA ALA B 154 46.63 8.48 -16.81
C ALA B 154 45.62 9.22 -15.92
N ALA B 155 45.14 8.56 -14.87
CA ALA B 155 44.20 9.15 -13.91
C ALA B 155 44.83 10.30 -13.10
N GLN B 156 46.08 10.11 -12.69
CA GLN B 156 46.84 11.16 -11.97
C GLN B 156 47.15 12.37 -12.85
N TYR B 157 47.40 12.13 -14.14
CA TYR B 157 47.66 13.22 -15.09
C TYR B 157 46.42 14.12 -15.25
N VAL B 158 45.29 13.51 -15.59
CA VAL B 158 44.04 14.26 -15.83
C VAL B 158 43.43 14.88 -14.56
N ALA B 159 43.71 14.29 -13.39
CA ALA B 159 43.25 14.85 -12.12
C ALA B 159 43.96 16.16 -11.79
N SER B 160 45.28 16.18 -11.96
CA SER B 160 46.08 17.40 -11.78
C SER B 160 45.80 18.43 -12.87
N HIS B 161 45.80 17.99 -14.14
CA HIS B 161 45.72 18.87 -15.30
C HIS B 161 44.26 19.03 -15.76
N PRO B 162 43.63 20.21 -15.54
CA PRO B 162 42.21 20.36 -15.84
C PRO B 162 41.93 20.55 -17.35
N GLY B 163 40.92 19.85 -17.85
CA GLY B 163 40.54 19.93 -19.26
C GLY B 163 41.49 19.14 -20.15
N MET C 1 3.30 12.72 -24.08
CA MET C 1 4.23 12.93 -25.23
C MET C 1 3.45 13.37 -26.49
N SER C 2 4.13 13.47 -27.63
CA SER C 2 3.55 14.07 -28.83
C SER C 2 2.52 13.16 -29.52
N LEU C 3 1.46 13.78 -30.04
CA LEU C 3 0.40 13.08 -30.78
C LEU C 3 0.67 12.98 -32.28
N ILE C 4 1.73 13.65 -32.77
CA ILE C 4 2.11 13.55 -34.18
C ILE C 4 2.54 12.10 -34.49
N ASN C 5 2.08 11.58 -35.62
CA ASN C 5 2.33 10.19 -36.04
C ASN C 5 1.74 9.13 -35.07
N THR C 6 0.55 9.42 -34.53
CA THR C 6 -0.17 8.49 -33.64
C THR C 6 -1.62 8.36 -34.08
N LYS C 7 -2.21 7.18 -33.84
CA LYS C 7 -3.59 6.89 -34.25
C LYS C 7 -4.57 7.61 -33.33
N ILE C 8 -5.64 8.15 -33.92
CA ILE C 8 -6.69 8.83 -33.15
C ILE C 8 -7.48 7.84 -32.30
N LYS C 9 -7.92 8.30 -31.13
CA LYS C 9 -8.66 7.45 -30.19
C LYS C 9 -10.14 7.37 -30.55
N PRO C 10 -10.87 6.38 -29.98
CA PRO C 10 -12.31 6.30 -30.28
C PRO C 10 -13.16 7.43 -29.70
N PHE C 11 -14.29 7.70 -30.35
CA PHE C 11 -15.25 8.71 -29.88
C PHE C 11 -16.67 8.42 -30.39
N LYS C 12 -17.64 9.08 -29.79
CA LYS C 12 -19.06 8.94 -30.14
C LYS C 12 -19.82 10.20 -29.76
N ASN C 13 -19.89 11.14 -30.70
CA ASN C 13 -20.54 12.44 -30.47
C ASN C 13 -21.61 12.76 -31.51
N GLN C 14 -22.54 13.61 -31.10
CA GLN C 14 -23.62 14.09 -31.96
C GLN C 14 -23.16 15.39 -32.62
N ALA C 15 -23.59 15.61 -33.86
CA ALA C 15 -23.14 16.75 -34.66
C ALA C 15 -24.29 17.35 -35.47
N PHE C 16 -24.08 18.57 -35.92
CA PHE C 16 -25.03 19.29 -36.78
C PHE C 16 -24.41 19.43 -38.17
N LYS C 17 -25.15 19.02 -39.20
CA LYS C 17 -24.67 19.06 -40.58
C LYS C 17 -25.84 19.26 -41.56
N ASN C 18 -25.97 20.48 -42.08
CA ASN C 18 -26.99 20.84 -43.08
C ASN C 18 -28.43 20.58 -42.63
N GLY C 19 -28.82 21.23 -41.54
CA GLY C 19 -30.20 21.19 -41.03
C GLY C 19 -30.52 20.09 -40.03
N GLU C 20 -30.02 18.88 -40.28
CA GLU C 20 -30.35 17.69 -39.49
C GLU C 20 -29.20 17.26 -38.58
N PHE C 21 -29.54 16.58 -37.48
CA PHE C 21 -28.55 16.05 -36.54
C PHE C 21 -28.08 14.66 -36.96
N ILE C 22 -26.80 14.37 -36.68
CA ILE C 22 -26.18 13.08 -37.01
C ILE C 22 -25.16 12.67 -35.94
N GLU C 23 -24.87 11.37 -35.86
CA GLU C 23 -23.83 10.83 -34.99
C GLU C 23 -22.56 10.54 -35.79
N ILE C 24 -21.40 10.87 -35.21
CA ILE C 24 -20.09 10.68 -35.86
C ILE C 24 -19.15 9.89 -34.93
N THR C 25 -18.47 8.89 -35.48
CA THR C 25 -17.58 7.99 -34.75
C THR C 25 -16.27 7.78 -35.52
N GLU C 26 -15.40 6.90 -35.01
CA GLU C 26 -14.13 6.55 -35.72
C GLU C 26 -14.40 5.93 -37.09
N LYS C 27 -15.40 5.07 -37.18
CA LYS C 27 -15.73 4.38 -38.43
C LYS C 27 -16.02 5.33 -39.60
N ASP C 28 -16.52 6.53 -39.29
CA ASP C 28 -16.74 7.57 -40.30
C ASP C 28 -15.43 8.14 -40.85
N THR C 29 -14.43 8.32 -39.98
CA THR C 29 -13.10 8.80 -40.41
C THR C 29 -12.24 7.78 -41.16
N GLU C 30 -12.59 6.50 -41.07
CA GLU C 30 -11.79 5.41 -41.70
C GLU C 30 -11.73 5.52 -43.22
N GLY C 31 -10.53 5.35 -43.78
CA GLY C 31 -10.32 5.38 -45.22
C GLY C 31 -10.52 6.74 -45.89
N ARG C 32 -10.43 7.82 -45.10
CA ARG C 32 -10.67 9.18 -45.59
C ARG C 32 -9.80 10.20 -44.82
N TRP C 33 -9.36 11.23 -45.54
CA TRP C 33 -8.63 12.36 -44.92
C TRP C 33 -9.60 13.19 -44.08
N SER C 34 -9.15 13.62 -42.90
CA SER C 34 -10.01 14.27 -41.92
C SER C 34 -9.31 15.44 -41.24
N VAL C 35 -10.10 16.48 -40.92
CA VAL C 35 -9.60 17.68 -40.25
C VAL C 35 -10.47 17.98 -39.04
N PHE C 36 -9.89 17.84 -37.84
CA PHE C 36 -10.57 18.21 -36.60
C PHE C 36 -10.19 19.65 -36.23
N PHE C 37 -11.12 20.57 -36.50
CA PHE C 37 -10.90 22.00 -36.31
C PHE C 37 -11.52 22.45 -34.98
N PHE C 38 -10.70 22.44 -33.93
CA PHE C 38 -11.16 22.81 -32.59
C PHE C 38 -11.23 24.32 -32.40
N TYR C 39 -12.14 24.77 -31.53
CA TYR C 39 -12.26 26.19 -31.16
C TYR C 39 -12.97 26.36 -29.81
N PRO C 40 -12.75 27.49 -29.10
CA PRO C 40 -13.27 27.67 -27.74
C PRO C 40 -14.79 27.52 -27.55
N ALA C 41 -15.57 28.37 -28.20
CA ALA C 41 -17.01 28.41 -27.97
C ALA C 41 -17.78 29.13 -29.07
N ASP C 42 -19.09 28.87 -29.11
CA ASP C 42 -20.01 29.55 -30.02
C ASP C 42 -20.35 30.93 -29.46
N PHE C 43 -20.84 31.79 -30.34
CA PHE C 43 -21.20 33.17 -30.01
C PHE C 43 -20.05 33.97 -29.40
N THR C 44 -18.89 33.86 -30.05
CA THR C 44 -17.68 34.65 -29.74
C THR C 44 -17.27 35.38 -31.02
N PHE C 45 -16.30 36.29 -30.92
CA PHE C 45 -16.00 37.24 -32.01
C PHE C 45 -14.97 36.72 -33.02
N VAL C 46 -13.95 36.01 -32.54
CA VAL C 46 -12.83 35.55 -33.38
C VAL C 46 -13.18 34.28 -34.16
N CYS C 47 -13.98 33.40 -33.55
CA CYS C 47 -14.32 32.09 -34.12
C CYS C 47 -15.00 32.09 -35.51
N PRO C 48 -15.98 32.98 -35.77
CA PRO C 48 -16.65 32.95 -37.07
C PRO C 48 -15.77 33.27 -38.29
N THR C 49 -14.74 34.11 -38.12
CA THR C 49 -13.78 34.39 -39.20
C THR C 49 -12.91 33.18 -39.53
N GLU C 50 -12.51 32.42 -38.52
CA GLU C 50 -11.74 31.18 -38.72
C GLU C 50 -12.57 30.09 -39.40
N LEU C 51 -13.80 29.88 -38.91
CA LEU C 51 -14.73 28.91 -39.47
C LEU C 51 -15.30 29.34 -40.82
N GLY C 52 -15.41 30.65 -41.03
CA GLY C 52 -15.79 31.22 -42.33
C GLY C 52 -14.74 31.01 -43.42
N ASP C 53 -13.46 31.00 -43.02
CA ASP C 53 -12.35 30.75 -43.94
C ASP C 53 -12.33 29.33 -44.51
N VAL C 54 -12.34 28.34 -43.62
CA VAL C 54 -12.47 26.92 -44.04
C VAL C 54 -13.75 26.62 -44.82
N ALA C 55 -14.83 27.36 -44.53
CA ALA C 55 -16.08 27.25 -45.30
C ALA C 55 -15.95 27.71 -46.75
N ASP C 56 -15.11 28.72 -46.99
CA ASP C 56 -14.81 29.19 -48.35
C ASP C 56 -13.98 28.16 -49.14
N HIS C 57 -13.00 27.55 -48.47
CA HIS C 57 -12.15 26.52 -49.07
C HIS C 57 -12.74 25.10 -49.06
N TYR C 58 -13.95 24.92 -48.53
CA TYR C 58 -14.59 23.59 -48.42
C TYR C 58 -14.88 22.96 -49.79
N GLU C 59 -15.08 23.80 -50.80
CA GLU C 59 -15.24 23.34 -52.18
C GLU C 59 -13.97 22.64 -52.67
N GLU C 60 -12.82 23.24 -52.38
CA GLU C 60 -11.51 22.66 -52.70
C GLU C 60 -11.17 21.44 -51.82
N LEU C 61 -11.56 21.48 -50.56
CA LEU C 61 -11.30 20.38 -49.61
C LEU C 61 -12.07 19.09 -49.96
N GLN C 62 -13.35 19.22 -50.30
CA GLN C 62 -14.16 18.08 -50.77
C GLN C 62 -13.69 17.52 -52.11
N LYS C 63 -13.04 18.36 -52.92
CA LYS C 63 -12.45 17.93 -54.19
C LYS C 63 -11.23 17.04 -53.98
N LEU C 64 -10.36 17.43 -53.03
CA LEU C 64 -9.20 16.62 -52.64
C LEU C 64 -9.60 15.32 -51.93
N GLY C 65 -10.77 15.32 -51.29
CA GLY C 65 -11.31 14.14 -50.60
C GLY C 65 -11.09 14.23 -49.10
N VAL C 66 -11.49 15.36 -48.52
CA VAL C 66 -11.24 15.67 -47.12
C VAL C 66 -12.56 16.03 -46.42
N ASP C 67 -12.70 15.58 -45.17
CA ASP C 67 -13.86 15.87 -44.34
C ASP C 67 -13.43 16.80 -43.19
N VAL C 68 -14.19 17.87 -42.98
CA VAL C 68 -13.91 18.84 -41.93
C VAL C 68 -14.84 18.58 -40.75
N TYR C 69 -14.30 18.66 -39.54
CA TYR C 69 -15.05 18.46 -38.30
C TYR C 69 -14.79 19.63 -37.35
N ALA C 70 -15.74 20.54 -37.24
CA ALA C 70 -15.65 21.66 -36.30
C ALA C 70 -16.08 21.20 -34.91
N VAL C 71 -15.21 21.32 -33.93
CA VAL C 71 -15.43 20.77 -32.58
C VAL C 71 -15.36 21.86 -31.51
N SER C 72 -16.28 21.79 -30.55
CA SER C 72 -16.25 22.66 -29.37
C SER C 72 -17.00 22.01 -28.21
N THR C 73 -16.86 22.59 -27.02
CA THR C 73 -17.51 22.08 -25.80
C THR C 73 -19.00 22.43 -25.69
N ASP C 74 -19.51 23.28 -26.59
CA ASP C 74 -20.95 23.55 -26.68
C ASP C 74 -21.70 22.33 -27.25
N THR C 75 -23.01 22.29 -27.01
CA THR C 75 -23.85 21.20 -27.49
C THR C 75 -24.13 21.31 -28.99
N HIS C 76 -24.57 20.19 -29.58
CA HIS C 76 -25.02 20.16 -30.98
C HIS C 76 -26.29 20.99 -31.23
N PHE C 77 -27.09 21.16 -30.18
CA PHE C 77 -28.25 22.06 -30.23
C PHE C 77 -27.83 23.52 -30.44
N THR C 78 -26.74 23.92 -29.77
CA THR C 78 -26.20 25.28 -29.86
C THR C 78 -25.62 25.60 -31.25
N HIS C 79 -24.96 24.62 -31.87
CA HIS C 79 -24.38 24.80 -33.21
C HIS C 79 -25.45 25.07 -34.27
N LYS C 80 -26.61 24.44 -34.13
CA LYS C 80 -27.76 24.70 -35.00
C LYS C 80 -28.27 26.14 -34.89
N ALA C 81 -28.33 26.66 -33.67
CA ALA C 81 -28.76 28.04 -33.42
C ALA C 81 -27.77 29.07 -33.96
N TRP C 82 -26.49 28.82 -33.76
CA TRP C 82 -25.41 29.70 -34.24
C TRP C 82 -25.32 29.71 -35.77
N HIS C 83 -25.68 28.59 -36.41
CA HIS C 83 -25.73 28.48 -37.87
C HIS C 83 -26.80 29.36 -38.50
N SER C 84 -27.96 29.44 -37.84
CA SER C 84 -29.08 30.28 -38.31
C SER C 84 -28.83 31.77 -38.09
N SER C 85 -28.28 32.12 -36.93
CA SER C 85 -28.12 33.53 -36.53
C SER C 85 -27.02 34.25 -37.30
N SER C 86 -25.82 33.68 -37.29
CA SER C 86 -24.65 34.30 -37.91
C SER C 86 -24.57 34.03 -39.41
N GLU C 87 -24.18 35.04 -40.18
CA GLU C 87 -24.03 34.93 -41.64
C GLU C 87 -22.79 34.13 -42.02
N THR C 88 -21.68 34.38 -41.32
CA THR C 88 -20.41 33.69 -41.55
C THR C 88 -20.45 32.19 -41.21
N ILE C 89 -21.33 31.79 -40.29
CA ILE C 89 -21.51 30.39 -39.92
C ILE C 89 -22.52 29.70 -40.85
N ALA C 90 -23.52 30.45 -41.32
CA ALA C 90 -24.58 29.92 -42.22
C ALA C 90 -24.06 29.24 -43.49
N LYS C 91 -22.91 29.68 -44.00
CA LYS C 91 -22.28 29.07 -45.19
C LYS C 91 -21.46 27.79 -44.91
N ILE C 92 -21.40 27.34 -43.65
CA ILE C 92 -20.72 26.08 -43.29
C ILE C 92 -21.58 24.88 -43.69
N LYS C 93 -21.08 24.08 -44.64
CA LYS C 93 -21.70 22.81 -45.03
C LYS C 93 -21.20 21.61 -44.23
N TYR C 94 -19.98 21.71 -43.67
CA TYR C 94 -19.35 20.60 -42.93
C TYR C 94 -19.98 20.36 -41.55
N ALA C 95 -19.63 19.22 -40.95
CA ALA C 95 -20.19 18.78 -39.67
C ALA C 95 -19.62 19.55 -38.47
N MET C 96 -20.51 20.10 -37.66
CA MET C 96 -20.15 20.80 -36.42
C MET C 96 -20.43 19.89 -35.23
N ILE C 97 -19.39 19.24 -34.71
CA ILE C 97 -19.53 18.28 -33.62
C ILE C 97 -19.67 19.01 -32.29
N GLY C 98 -20.63 18.59 -31.48
CA GLY C 98 -20.78 19.03 -30.10
C GLY C 98 -20.09 18.04 -29.16
N ASP C 99 -19.34 18.56 -28.19
CA ASP C 99 -18.51 17.74 -27.30
C ASP C 99 -18.62 18.21 -25.83
N PRO C 100 -19.84 18.13 -25.25
CA PRO C 100 -20.06 18.61 -23.88
C PRO C 100 -19.30 17.84 -22.79
N THR C 101 -19.11 16.53 -22.99
CA THR C 101 -18.31 15.72 -22.08
C THR C 101 -16.82 16.06 -22.14
N GLY C 102 -16.36 16.54 -23.29
CA GLY C 102 -14.95 16.85 -23.51
C GLY C 102 -14.10 15.64 -23.80
N ALA C 103 -14.74 14.52 -24.17
CA ALA C 103 -14.03 13.26 -24.44
C ALA C 103 -13.20 13.34 -25.71
N LEU C 104 -13.78 13.89 -26.78
CA LEU C 104 -13.07 14.10 -28.04
C LEU C 104 -11.94 15.14 -27.89
N THR C 105 -12.22 16.20 -27.15
CA THR C 105 -11.23 17.26 -26.88
C THR C 105 -10.03 16.75 -26.07
N ARG C 106 -10.29 15.95 -25.05
CA ARG C 106 -9.22 15.34 -24.24
C ARG C 106 -8.42 14.25 -24.97
N ASN C 107 -9.04 13.57 -25.93
CA ASN C 107 -8.33 12.60 -26.80
C ASN C 107 -7.22 13.23 -27.65
N PHE C 108 -7.41 14.49 -28.03
CA PHE C 108 -6.40 15.27 -28.77
C PHE C 108 -5.56 16.21 -27.87
N ASP C 109 -5.66 16.05 -26.55
CA ASP C 109 -4.92 16.86 -25.57
C ASP C 109 -5.11 18.37 -25.78
N ASN C 110 -6.37 18.77 -25.92
CA ASN C 110 -6.73 20.13 -26.35
C ASN C 110 -7.78 20.81 -25.45
N MET C 111 -7.82 20.44 -24.17
CA MET C 111 -8.75 21.04 -23.21
C MET C 111 -7.98 22.02 -22.32
N ARG C 112 -8.47 23.26 -22.23
CA ARG C 112 -8.02 24.20 -21.20
C ARG C 112 -8.91 23.96 -19.99
N GLU C 113 -8.33 23.34 -18.96
CA GLU C 113 -9.11 22.72 -17.88
C GLU C 113 -9.86 23.74 -17.01
N ASP C 114 -9.18 24.83 -16.65
CA ASP C 114 -9.78 25.88 -15.81
C ASP C 114 -10.97 26.61 -16.45
N GLU C 115 -10.96 26.73 -17.77
CA GLU C 115 -12.06 27.36 -18.54
C GLU C 115 -13.12 26.38 -19.04
N GLY C 116 -12.75 25.11 -19.23
CA GLY C 116 -13.66 24.10 -19.73
C GLY C 116 -14.02 24.26 -21.20
N LEU C 117 -13.06 24.75 -21.99
CA LEU C 117 -13.25 24.99 -23.43
C LEU C 117 -12.10 24.34 -24.20
N ALA C 118 -12.22 24.29 -25.53
CA ALA C 118 -11.19 23.71 -26.40
C ALA C 118 -10.25 24.81 -26.92
N ASP C 119 -8.94 24.51 -26.97
CA ASP C 119 -7.97 25.45 -27.55
C ASP C 119 -8.07 25.47 -29.08
N ARG C 120 -7.60 26.57 -29.67
CA ARG C 120 -7.63 26.76 -31.12
C ARG C 120 -6.60 25.88 -31.82
N ALA C 121 -6.97 24.60 -32.03
CA ALA C 121 -6.06 23.61 -32.62
C ALA C 121 -6.67 22.94 -33.87
N THR C 122 -5.80 22.62 -34.83
CA THR C 122 -6.19 21.99 -36.10
C THR C 122 -5.39 20.70 -36.27
N PHE C 123 -6.08 19.56 -36.37
CA PHE C 123 -5.46 18.24 -36.51
C PHE C 123 -5.80 17.61 -37.86
N VAL C 124 -4.80 17.52 -38.75
CA VAL C 124 -4.96 16.83 -40.04
C VAL C 124 -4.68 15.34 -39.82
N VAL C 125 -5.61 14.49 -40.27
CA VAL C 125 -5.54 13.04 -40.07
C VAL C 125 -5.71 12.31 -41.42
N ASP C 126 -4.87 11.30 -41.64
CA ASP C 126 -4.85 10.55 -42.91
C ASP C 126 -5.88 9.38 -42.88
N PRO C 127 -6.08 8.67 -44.02
CA PRO C 127 -7.00 7.53 -44.06
C PRO C 127 -6.83 6.43 -43.00
N GLN C 128 -5.60 6.18 -42.57
CA GLN C 128 -5.30 5.16 -41.56
C GLN C 128 -5.57 5.63 -40.11
N GLY C 129 -5.80 6.93 -39.93
CA GLY C 129 -6.07 7.52 -38.61
C GLY C 129 -4.87 8.20 -37.96
N ILE C 130 -3.76 8.29 -38.70
CA ILE C 130 -2.50 8.82 -38.17
C ILE C 130 -2.46 10.35 -38.33
N ILE C 131 -2.14 11.06 -37.25
CA ILE C 131 -2.12 12.52 -37.24
C ILE C 131 -0.86 13.03 -37.94
N GLN C 132 -1.04 13.65 -39.09
CA GLN C 132 0.08 14.09 -39.94
C GLN C 132 0.49 15.55 -39.73
N ALA C 133 -0.38 16.37 -39.12
CA ALA C 133 -0.07 17.78 -38.84
C ALA C 133 -0.92 18.36 -37.72
N ILE C 134 -0.29 19.17 -36.87
CA ILE C 134 -0.96 19.85 -35.75
C ILE C 134 -0.65 21.34 -35.84
N GLU C 135 -1.61 22.18 -35.46
CA GLU C 135 -1.46 23.64 -35.52
C GLU C 135 -2.29 24.30 -34.42
N VAL C 136 -1.63 24.69 -33.32
CA VAL C 136 -2.29 25.28 -32.17
C VAL C 136 -1.88 26.76 -32.01
N THR C 137 -2.84 27.61 -31.65
CA THR C 137 -2.61 29.04 -31.44
C THR C 137 -3.35 29.55 -30.21
N ALA C 138 -2.93 30.71 -29.72
CA ALA C 138 -3.54 31.36 -28.55
C ALA C 138 -4.88 32.01 -28.92
N GLU C 139 -5.57 32.53 -27.91
CA GLU C 139 -6.92 33.09 -28.06
C GLU C 139 -7.03 34.19 -29.13
N GLY C 140 -6.07 35.11 -29.13
CA GLY C 140 -6.06 36.25 -30.05
C GLY C 140 -5.66 35.91 -31.48
N ILE C 141 -4.68 35.02 -31.63
CA ILE C 141 -4.09 34.71 -32.94
C ILE C 141 -5.03 33.82 -33.76
N GLY C 142 -5.39 34.29 -34.96
CA GLY C 142 -6.26 33.56 -35.86
C GLY C 142 -5.51 32.59 -36.76
N ARG C 143 -6.19 31.50 -37.15
CA ARG C 143 -5.61 30.48 -38.02
C ARG C 143 -5.95 30.76 -39.48
N ASP C 144 -4.99 30.49 -40.37
CA ASP C 144 -5.13 30.73 -41.80
C ASP C 144 -5.54 29.42 -42.50
N ALA C 145 -6.63 29.48 -43.27
CA ALA C 145 -7.15 28.30 -43.99
C ALA C 145 -6.35 27.95 -45.25
N SER C 146 -5.68 28.93 -45.84
CA SER C 146 -4.81 28.68 -47.00
C SER C 146 -3.53 27.93 -46.62
N ASP C 147 -3.05 28.14 -45.40
CA ASP C 147 -1.94 27.36 -44.83
C ASP C 147 -2.34 25.90 -44.62
N LEU C 148 -3.56 25.69 -44.11
CA LEU C 148 -4.10 24.35 -43.86
C LEU C 148 -4.13 23.48 -45.13
N LEU C 149 -4.53 24.08 -46.25
CA LEU C 149 -4.53 23.40 -47.56
C LEU C 149 -3.14 22.99 -48.00
N ARG C 150 -2.16 23.89 -47.82
CA ARG C 150 -0.76 23.62 -48.15
C ARG C 150 -0.20 22.42 -47.38
N LYS C 151 -0.62 22.29 -46.11
CA LYS C 151 -0.25 21.14 -45.28
C LYS C 151 -0.92 19.85 -45.72
N ILE C 152 -2.21 19.94 -46.08
CA ILE C 152 -2.97 18.77 -46.57
C ILE C 152 -2.42 18.29 -47.91
N LYS C 153 -2.16 19.21 -48.84
CA LYS C 153 -1.53 18.89 -50.12
C LYS C 153 -0.11 18.31 -49.96
N ALA C 154 0.62 18.80 -48.96
CA ALA C 154 1.93 18.23 -48.60
C ALA C 154 1.79 16.83 -48.00
N ALA C 155 0.78 16.65 -47.15
CA ALA C 155 0.49 15.35 -46.52
C ALA C 155 0.02 14.29 -47.52
N GLN C 156 -0.84 14.69 -48.46
CA GLN C 156 -1.30 13.80 -49.52
C GLN C 156 -0.19 13.40 -50.50
N TYR C 157 0.76 14.32 -50.73
CA TYR C 157 1.90 14.07 -51.62
C TYR C 157 2.83 13.00 -51.07
N VAL C 158 3.29 13.20 -49.83
CA VAL C 158 4.20 12.23 -49.17
C VAL C 158 3.58 10.86 -48.91
N ALA C 159 2.26 10.82 -48.71
CA ALA C 159 1.53 9.56 -48.54
C ALA C 159 1.49 8.75 -49.84
N SER C 160 1.08 9.40 -50.93
CA SER C 160 0.98 8.76 -52.24
C SER C 160 2.35 8.53 -52.89
N HIS C 161 3.27 9.48 -52.71
CA HIS C 161 4.62 9.41 -53.32
C HIS C 161 5.72 9.37 -52.25
N PRO C 162 6.24 8.16 -51.93
CA PRO C 162 7.47 8.07 -51.14
C PRO C 162 8.72 8.32 -51.99
N GLY C 163 9.83 8.62 -51.34
CA GLY C 163 11.11 8.83 -52.03
C GLY C 163 11.17 10.15 -52.78
N MET D 1 -2.65 17.21 -21.28
CA MET D 1 -2.15 18.62 -21.14
C MET D 1 -2.04 19.30 -22.50
N SER D 2 -2.63 20.48 -22.62
CA SER D 2 -2.42 21.37 -23.77
C SER D 2 -1.37 22.40 -23.39
N LEU D 3 -0.24 22.41 -24.12
CA LEU D 3 0.88 23.31 -23.82
C LEU D 3 0.66 24.78 -24.21
N ILE D 4 -0.33 25.04 -25.07
CA ILE D 4 -0.64 26.42 -25.48
C ILE D 4 -1.11 27.23 -24.27
N ASN D 5 -0.63 28.47 -24.17
CA ASN D 5 -0.97 29.39 -23.08
C ASN D 5 -0.45 28.93 -21.70
N THR D 6 0.70 28.25 -21.69
CA THR D 6 1.37 27.79 -20.47
C THR D 6 2.84 28.19 -20.48
N LYS D 7 3.41 28.38 -19.29
CA LYS D 7 4.80 28.84 -19.13
C LYS D 7 5.79 27.72 -19.44
N ILE D 8 6.88 28.05 -20.13
CA ILE D 8 7.92 27.06 -20.46
C ILE D 8 8.68 26.61 -19.21
N LYS D 9 9.14 25.35 -19.23
CA LYS D 9 9.86 24.77 -18.10
C LYS D 9 11.34 25.17 -18.14
N PRO D 10 12.02 25.15 -16.99
CA PRO D 10 13.45 25.51 -16.97
C PRO D 10 14.34 24.46 -17.65
N PHE D 11 15.47 24.90 -18.19
CA PHE D 11 16.41 24.01 -18.88
C PHE D 11 17.85 24.51 -18.79
N LYS D 12 18.78 23.62 -19.12
CA LYS D 12 20.22 23.91 -19.08
C LYS D 12 20.92 23.09 -20.16
N ASN D 13 21.14 23.72 -21.32
CA ASN D 13 21.71 23.04 -22.49
C ASN D 13 22.89 23.78 -23.09
N GLN D 14 23.77 23.02 -23.74
CA GLN D 14 24.89 23.57 -24.50
C GLN D 14 24.44 23.84 -25.94
N ALA D 15 24.96 24.91 -26.52
CA ALA D 15 24.56 25.34 -27.87
C ALA D 15 25.74 25.90 -28.66
N PHE D 16 25.63 25.81 -29.99
CA PHE D 16 26.62 26.34 -30.92
C PHE D 16 26.05 27.60 -31.59
N LYS D 17 26.83 28.68 -31.57
CA LYS D 17 26.39 29.97 -32.13
C LYS D 17 27.59 30.79 -32.65
N ASN D 18 27.71 30.86 -33.98
CA ASN D 18 28.77 31.64 -34.65
C ASN D 18 30.20 31.28 -34.21
N GLY D 19 30.52 30.00 -34.33
CA GLY D 19 31.87 29.49 -34.08
C GLY D 19 32.33 29.43 -32.64
N GLU D 20 31.40 29.44 -31.68
CA GLU D 20 31.73 29.29 -30.25
C GLU D 20 30.61 28.58 -29.49
N PHE D 21 30.99 27.83 -28.46
CA PHE D 21 30.02 27.11 -27.62
C PHE D 21 29.53 28.02 -26.49
N ILE D 22 28.25 27.87 -26.13
CA ILE D 22 27.63 28.66 -25.06
C ILE D 22 26.58 27.84 -24.30
N GLU D 23 26.22 28.30 -23.10
CA GLU D 23 25.21 27.66 -22.27
C GLU D 23 23.93 28.50 -22.27
N ILE D 24 22.84 27.91 -22.75
CA ILE D 24 21.54 28.57 -22.86
C ILE D 24 20.64 28.04 -21.75
N THR D 25 19.96 28.95 -21.05
CA THR D 25 19.02 28.61 -19.98
C THR D 25 17.72 29.41 -20.12
N GLU D 26 16.73 29.07 -19.32
CA GLU D 26 15.44 29.79 -19.30
C GLU D 26 15.57 31.27 -18.92
N LYS D 27 16.57 31.62 -18.11
CA LYS D 27 16.92 33.02 -17.82
C LYS D 27 17.16 33.85 -19.08
N ASP D 28 17.82 33.24 -20.07
CA ASP D 28 18.21 33.93 -21.31
C ASP D 28 17.02 34.28 -22.22
N THR D 29 15.94 33.51 -22.13
CA THR D 29 14.72 33.80 -22.88
C THR D 29 13.84 34.91 -22.26
N GLU D 30 14.05 35.22 -20.99
CA GLU D 30 13.20 36.19 -20.26
C GLU D 30 13.27 37.61 -20.84
N GLY D 31 12.12 38.27 -20.87
CA GLY D 31 12.00 39.62 -21.44
C GLY D 31 12.22 39.72 -22.94
N ARG D 32 12.07 38.60 -23.65
CA ARG D 32 12.31 38.53 -25.10
C ARG D 32 11.44 37.47 -25.78
N TRP D 33 11.11 37.71 -27.04
CA TRP D 33 10.43 36.70 -27.87
C TRP D 33 11.43 35.61 -28.25
N SER D 34 10.97 34.36 -28.22
CA SER D 34 11.83 33.19 -28.45
C SER D 34 11.14 32.18 -29.34
N VAL D 35 11.93 31.50 -30.17
CA VAL D 35 11.44 30.45 -31.06
C VAL D 35 12.26 29.18 -30.83
N PHE D 36 11.56 28.09 -30.50
CA PHE D 36 12.18 26.77 -30.34
C PHE D 36 11.83 25.93 -31.54
N PHE D 37 12.80 25.80 -32.46
CA PHE D 37 12.60 25.09 -33.73
C PHE D 37 13.17 23.68 -33.62
N PHE D 38 12.30 22.71 -33.30
CA PHE D 38 12.71 21.32 -33.13
C PHE D 38 12.82 20.58 -34.45
N TYR D 39 13.78 19.66 -34.54
CA TYR D 39 13.95 18.79 -35.71
C TYR D 39 14.62 17.47 -35.32
N PRO D 40 14.41 16.39 -36.13
CA PRO D 40 14.88 15.05 -35.72
C PRO D 40 16.40 14.92 -35.51
N ALA D 41 17.19 15.11 -36.56
CA ALA D 41 18.62 14.82 -36.50
C ALA D 41 19.45 15.59 -37.53
N ASP D 42 20.75 15.63 -37.29
CA ASP D 42 21.71 16.25 -38.20
C ASP D 42 22.09 15.28 -39.31
N PHE D 43 22.64 15.86 -40.40
CA PHE D 43 23.08 15.12 -41.59
C PHE D 43 21.95 14.29 -42.23
N THR D 44 20.78 14.93 -42.35
CA THR D 44 19.62 14.38 -43.04
C THR D 44 19.22 15.35 -44.16
N PHE D 45 18.18 15.03 -44.93
CA PHE D 45 17.89 15.74 -46.19
C PHE D 45 16.86 16.87 -46.10
N VAL D 46 15.84 16.70 -45.25
CA VAL D 46 14.72 17.64 -45.16
C VAL D 46 15.02 18.87 -44.30
N CYS D 47 15.68 18.67 -43.17
CA CYS D 47 15.93 19.75 -42.20
C CYS D 47 16.78 20.95 -42.68
N PRO D 48 17.83 20.72 -43.51
CA PRO D 48 18.57 21.91 -44.00
C PRO D 48 17.73 22.91 -44.79
N THR D 49 16.70 22.41 -45.49
CA THR D 49 15.75 23.28 -46.20
C THR D 49 14.88 24.07 -45.21
N GLU D 50 14.48 23.44 -44.10
CA GLU D 50 13.67 24.09 -43.05
C GLU D 50 14.49 25.15 -42.31
N LEU D 51 15.67 24.76 -41.85
CA LEU D 51 16.59 25.66 -41.13
C LEU D 51 17.18 26.76 -42.01
N GLY D 52 17.36 26.46 -43.30
CA GLY D 52 17.83 27.45 -44.27
C GLY D 52 16.84 28.58 -44.51
N ASP D 53 15.55 28.26 -44.45
CA ASP D 53 14.48 29.27 -44.57
C ASP D 53 14.51 30.26 -43.41
N VAL D 54 14.63 29.73 -42.19
CA VAL D 54 14.63 30.56 -40.97
C VAL D 54 15.91 31.40 -40.89
N ALA D 55 17.01 30.88 -41.43
CA ALA D 55 18.26 31.64 -41.57
C ALA D 55 18.13 32.85 -42.50
N ASP D 56 17.36 32.70 -43.58
CA ASP D 56 17.09 33.80 -44.51
C ASP D 56 16.23 34.91 -43.87
N HIS D 57 15.24 34.50 -43.07
CA HIS D 57 14.35 35.44 -42.36
C HIS D 57 14.88 35.95 -41.01
N TYR D 58 16.12 35.58 -40.64
CA TYR D 58 16.70 35.96 -39.34
C TYR D 58 16.99 37.45 -39.23
N GLU D 59 17.31 38.09 -40.35
CA GLU D 59 17.40 39.56 -40.42
C GLU D 59 16.12 40.26 -39.94
N GLU D 60 14.98 39.76 -40.41
CA GLU D 60 13.66 40.28 -40.02
C GLU D 60 13.29 39.93 -38.58
N LEU D 61 13.65 38.72 -38.15
CA LEU D 61 13.37 38.27 -36.77
C LEU D 61 14.12 39.08 -35.72
N GLN D 62 15.39 39.38 -35.98
CA GLN D 62 16.21 40.22 -35.09
C GLN D 62 15.72 41.68 -35.02
N LYS D 63 15.13 42.18 -36.11
CA LYS D 63 14.45 43.48 -36.11
C LYS D 63 13.23 43.49 -35.18
N LEU D 64 12.42 42.44 -35.27
CA LEU D 64 11.23 42.27 -34.41
C LEU D 64 11.57 41.97 -32.93
N GLY D 65 12.81 41.56 -32.66
CA GLY D 65 13.26 41.29 -31.29
C GLY D 65 12.97 39.86 -30.88
N VAL D 66 13.31 38.93 -31.77
CA VAL D 66 12.96 37.51 -31.62
C VAL D 66 14.23 36.67 -31.73
N ASP D 67 14.47 35.83 -30.72
CA ASP D 67 15.58 34.87 -30.74
C ASP D 67 15.10 33.55 -31.33
N VAL D 68 16.01 32.83 -31.98
CA VAL D 68 15.72 31.51 -32.53
C VAL D 68 16.65 30.48 -31.87
N TYR D 69 16.10 29.31 -31.57
CA TYR D 69 16.85 28.21 -30.94
C TYR D 69 16.55 26.91 -31.69
N ALA D 70 17.51 26.43 -32.47
CA ALA D 70 17.36 25.19 -33.25
C ALA D 70 17.74 23.98 -32.38
N VAL D 71 16.74 23.19 -32.00
CA VAL D 71 16.90 22.11 -31.03
C VAL D 71 16.84 20.73 -31.70
N SER D 72 17.69 19.82 -31.23
CA SER D 72 17.65 18.40 -31.63
C SER D 72 18.33 17.53 -30.58
N THR D 73 18.15 16.21 -30.70
CA THR D 73 18.76 15.26 -29.77
C THR D 73 20.27 15.02 -30.01
N ASP D 74 20.82 15.53 -31.11
CA ASP D 74 22.26 15.48 -31.35
C ASP D 74 23.00 16.48 -30.45
N THR D 75 24.30 16.23 -30.24
CA THR D 75 25.13 17.04 -29.35
C THR D 75 25.46 18.41 -29.95
N HIS D 76 25.99 19.30 -29.13
CA HIS D 76 26.50 20.61 -29.59
C HIS D 76 27.79 20.49 -30.41
N PHE D 77 28.52 19.38 -30.23
CA PHE D 77 29.72 19.08 -31.03
C PHE D 77 29.38 18.75 -32.49
N THR D 78 28.25 18.07 -32.71
CA THR D 78 27.75 17.75 -34.06
C THR D 78 27.25 18.97 -34.83
N HIS D 79 26.62 19.89 -34.11
CA HIS D 79 26.09 21.12 -34.70
C HIS D 79 27.20 22.02 -35.24
N LYS D 80 28.36 22.01 -34.57
CA LYS D 80 29.60 22.63 -35.08
C LYS D 80 30.04 22.01 -36.41
N ALA D 81 30.08 20.69 -36.48
CA ALA D 81 30.54 19.97 -37.68
C ALA D 81 29.60 20.11 -38.87
N TRP D 82 28.30 20.05 -38.60
CA TRP D 82 27.26 20.20 -39.64
C TRP D 82 27.23 21.63 -40.22
N HIS D 83 27.59 22.61 -39.39
CA HIS D 83 27.71 24.01 -39.82
C HIS D 83 28.82 24.22 -40.83
N SER D 84 29.94 23.51 -40.66
CA SER D 84 31.09 23.61 -41.57
C SER D 84 30.88 22.88 -42.90
N SER D 85 30.26 21.70 -42.84
CA SER D 85 30.09 20.86 -44.03
C SER D 85 29.02 21.38 -44.99
N SER D 86 27.81 21.58 -44.49
CA SER D 86 26.66 21.97 -45.31
C SER D 86 26.63 23.48 -45.56
N GLU D 87 26.24 23.85 -46.78
CA GLU D 87 26.14 25.27 -47.19
C GLU D 87 24.91 25.96 -46.61
N THR D 88 23.76 25.27 -46.64
CA THR D 88 22.50 25.79 -46.10
C THR D 88 22.51 25.99 -44.57
N ILE D 89 23.35 25.23 -43.87
CA ILE D 89 23.51 25.36 -42.41
C ILE D 89 24.52 26.45 -42.07
N ALA D 90 25.55 26.62 -42.90
CA ALA D 90 26.60 27.63 -42.69
C ALA D 90 26.09 29.08 -42.55
N LYS D 91 24.95 29.39 -43.17
CA LYS D 91 24.33 30.73 -43.05
C LYS D 91 23.43 30.94 -41.81
N ILE D 92 23.38 29.95 -40.90
CA ILE D 92 22.65 30.08 -39.64
C ILE D 92 23.46 30.90 -38.64
N LYS D 93 22.99 32.09 -38.31
CA LYS D 93 23.61 32.95 -37.27
C LYS D 93 22.95 32.82 -35.89
N TYR D 94 21.85 32.08 -35.81
CA TYR D 94 21.15 31.81 -34.54
C TYR D 94 21.73 30.59 -33.82
N ALA D 95 21.33 30.40 -32.56
CA ALA D 95 21.84 29.31 -31.71
C ALA D 95 21.27 27.96 -32.11
N MET D 96 22.13 26.94 -32.09
CA MET D 96 21.73 25.54 -32.33
C MET D 96 21.96 24.74 -31.05
N ILE D 97 20.87 24.53 -30.29
CA ILE D 97 20.94 23.89 -28.97
C ILE D 97 21.01 22.36 -29.10
N GLY D 98 22.00 21.75 -28.44
CA GLY D 98 22.10 20.30 -28.33
C GLY D 98 21.31 19.79 -27.13
N ASP D 99 20.64 18.65 -27.29
CA ASP D 99 19.76 18.08 -26.25
C ASP D 99 19.88 16.54 -26.20
N PRO D 100 21.09 16.02 -25.88
CA PRO D 100 21.30 14.56 -25.82
C PRO D 100 20.52 13.84 -24.71
N THR D 101 20.30 14.51 -23.59
CA THR D 101 19.45 13.99 -22.52
C THR D 101 17.98 13.89 -22.93
N GLY D 102 17.54 14.83 -23.77
CA GLY D 102 16.15 14.92 -24.20
C GLY D 102 15.27 15.72 -23.25
N ALA D 103 15.88 16.41 -22.29
CA ALA D 103 15.15 17.13 -21.24
C ALA D 103 14.38 18.33 -21.80
N LEU D 104 15.03 19.10 -22.67
CA LEU D 104 14.40 20.25 -23.33
C LEU D 104 13.27 19.78 -24.27
N THR D 105 13.53 18.72 -25.03
CA THR D 105 12.53 18.12 -25.92
C THR D 105 11.33 17.55 -25.16
N ARG D 106 11.60 16.90 -24.03
CA ARG D 106 10.53 16.37 -23.17
C ARG D 106 9.73 17.45 -22.43
N ASN D 107 10.34 18.61 -22.17
CA ASN D 107 9.61 19.77 -21.61
C ASN D 107 8.54 20.31 -22.56
N PHE D 108 8.86 20.34 -23.86
CA PHE D 108 7.90 20.74 -24.91
C PHE D 108 7.07 19.58 -25.46
N ASP D 109 7.19 18.39 -24.86
CA ASP D 109 6.31 17.24 -25.13
C ASP D 109 6.42 16.79 -26.58
N ASN D 110 7.68 16.68 -27.04
CA ASN D 110 8.00 16.60 -28.47
C ASN D 110 9.03 15.51 -28.82
N MET D 111 9.05 14.43 -28.05
CA MET D 111 10.02 13.34 -28.23
C MET D 111 9.36 12.14 -28.91
N ARG D 112 10.03 11.60 -29.94
CA ARG D 112 9.71 10.28 -30.47
C ARG D 112 10.40 9.27 -29.56
N GLU D 113 9.63 8.53 -28.78
CA GLU D 113 10.19 7.68 -27.72
C GLU D 113 10.95 6.48 -28.27
N ASP D 114 10.35 5.78 -29.23
CA ASP D 114 10.99 4.61 -29.87
C ASP D 114 12.18 4.98 -30.79
N GLU D 115 12.21 6.22 -31.29
CA GLU D 115 13.30 6.71 -32.15
C GLU D 115 14.40 7.49 -31.41
N GLY D 116 14.03 8.15 -30.31
CA GLY D 116 14.96 8.99 -29.55
C GLY D 116 15.35 10.27 -30.24
N LEU D 117 14.43 10.82 -31.05
CA LEU D 117 14.63 12.06 -31.80
C LEU D 117 13.44 12.99 -31.58
N ALA D 118 13.67 14.29 -31.79
CA ALA D 118 12.62 15.30 -31.64
C ALA D 118 11.72 15.35 -32.88
N ASP D 119 10.44 15.65 -32.68
CA ASP D 119 9.51 15.83 -33.80
C ASP D 119 9.67 17.22 -34.43
N ARG D 120 9.28 17.33 -35.70
CA ARG D 120 9.34 18.61 -36.42
C ARG D 120 8.30 19.57 -35.87
N ALA D 121 8.68 20.33 -34.86
CA ALA D 121 7.78 21.25 -34.16
C ALA D 121 8.39 22.63 -33.95
N THR D 122 7.56 23.66 -34.08
CA THR D 122 7.97 25.05 -33.89
C THR D 122 7.10 25.66 -32.78
N PHE D 123 7.75 26.19 -31.75
CA PHE D 123 7.07 26.85 -30.62
C PHE D 123 7.42 28.32 -30.59
N VAL D 124 6.42 29.18 -30.48
CA VAL D 124 6.61 30.63 -30.35
C VAL D 124 6.31 31.01 -28.90
N VAL D 125 7.29 31.64 -28.23
CA VAL D 125 7.17 32.01 -26.82
C VAL D 125 7.30 33.52 -26.66
N ASP D 126 6.51 34.09 -25.76
CA ASP D 126 6.47 35.54 -25.51
C ASP D 126 7.45 35.94 -24.38
N PRO D 127 7.69 37.25 -24.15
CA PRO D 127 8.60 37.71 -23.08
C PRO D 127 8.38 37.15 -21.66
N GLN D 128 7.14 36.80 -21.33
CA GLN D 128 6.80 36.22 -20.01
C GLN D 128 7.04 34.70 -19.91
N GLY D 129 7.38 34.07 -21.03
CA GLY D 129 7.63 32.62 -21.08
C GLY D 129 6.42 31.77 -21.46
N ILE D 130 5.33 32.42 -21.88
CA ILE D 130 4.08 31.74 -22.22
C ILE D 130 4.12 31.34 -23.70
N ILE D 131 3.70 30.10 -23.99
CA ILE D 131 3.69 29.58 -25.37
C ILE D 131 2.47 30.14 -26.10
N GLN D 132 2.71 30.95 -27.13
CA GLN D 132 1.65 31.63 -27.89
C GLN D 132 1.23 30.92 -29.18
N ALA D 133 2.11 30.09 -29.75
CA ALA D 133 1.79 29.33 -30.96
C ALA D 133 2.61 28.05 -31.05
N ILE D 134 1.97 26.98 -31.53
CA ILE D 134 2.61 25.68 -31.73
C ILE D 134 2.29 25.19 -33.15
N GLU D 135 3.29 24.59 -33.78
CA GLU D 135 3.18 24.06 -35.13
C GLU D 135 3.96 22.75 -35.19
N VAL D 136 3.27 21.63 -35.43
CA VAL D 136 3.90 20.31 -35.50
C VAL D 136 3.53 19.63 -36.83
N THR D 137 4.49 18.94 -37.44
CA THR D 137 4.30 18.26 -38.72
C THR D 137 4.99 16.91 -38.76
N ALA D 138 4.57 16.06 -39.70
CA ALA D 138 5.13 14.72 -39.87
C ALA D 138 6.53 14.75 -40.50
N GLU D 139 7.16 13.58 -40.61
CA GLU D 139 8.54 13.45 -41.13
C GLU D 139 8.71 14.03 -42.53
N GLY D 140 7.77 13.71 -43.43
CA GLY D 140 7.84 14.17 -44.82
C GLY D 140 7.51 15.65 -45.01
N ILE D 141 6.58 16.18 -44.22
CA ILE D 141 6.03 17.53 -44.44
C ILE D 141 6.99 18.59 -43.93
N GLY D 142 7.16 19.67 -44.70
CA GLY D 142 8.02 20.80 -44.36
C GLY D 142 7.26 21.97 -43.76
N ARG D 143 7.96 22.78 -42.99
CA ARG D 143 7.40 23.96 -42.32
C ARG D 143 7.79 25.24 -43.07
N ASP D 144 6.82 26.12 -43.26
CA ASP D 144 7.01 27.37 -44.00
C ASP D 144 7.41 28.48 -43.03
N ALA D 145 8.59 29.08 -43.28
CA ALA D 145 9.12 30.15 -42.42
C ALA D 145 8.38 31.48 -42.57
N SER D 146 7.81 31.72 -43.76
CA SER D 146 6.97 32.90 -44.00
C SER D 146 5.67 32.86 -43.17
N ASP D 147 5.14 31.65 -42.95
CA ASP D 147 3.98 31.45 -42.08
C ASP D 147 4.31 31.69 -40.61
N LEU D 148 5.52 31.29 -40.19
CA LEU D 148 6.00 31.50 -38.82
C LEU D 148 6.08 32.98 -38.45
N LEU D 149 6.58 33.81 -39.37
CA LEU D 149 6.64 35.27 -39.17
C LEU D 149 5.24 35.89 -39.02
N ARG D 150 4.28 35.39 -39.79
CA ARG D 150 2.89 35.86 -39.72
C ARG D 150 2.23 35.52 -38.38
N LYS D 151 2.61 34.40 -37.78
CA LYS D 151 2.17 34.03 -36.43
C LYS D 151 2.84 34.88 -35.35
N ILE D 152 4.13 35.21 -35.54
CA ILE D 152 4.88 36.05 -34.60
C ILE D 152 4.37 37.50 -34.62
N LYS D 153 4.14 38.04 -35.82
CA LYS D 153 3.59 39.40 -35.96
C LYS D 153 2.16 39.51 -35.41
N ALA D 154 1.37 38.45 -35.56
CA ALA D 154 0.04 38.37 -34.97
C ALA D 154 0.10 38.28 -33.44
N ALA D 155 1.08 37.52 -32.93
CA ALA D 155 1.30 37.37 -31.49
C ALA D 155 1.80 38.67 -30.83
N GLN D 156 2.70 39.37 -31.52
CA GLN D 156 3.21 40.68 -31.07
C GLN D 156 2.14 41.77 -31.10
N TYR D 157 1.18 41.66 -32.02
CA TYR D 157 0.08 42.63 -32.12
C TYR D 157 -0.88 42.51 -30.94
N VAL D 158 -1.34 41.30 -30.66
CA VAL D 158 -2.26 41.05 -29.54
C VAL D 158 -1.66 41.35 -28.16
N ALA D 159 -0.35 41.16 -28.02
CA ALA D 159 0.37 41.47 -26.78
C ALA D 159 0.44 42.98 -26.53
N SER D 160 0.83 43.73 -27.55
CA SER D 160 0.90 45.20 -27.47
C SER D 160 -0.47 45.89 -27.51
N HIS D 161 -1.47 45.22 -28.10
CA HIS D 161 -2.85 45.74 -28.19
C HIS D 161 -3.82 44.75 -27.51
N PRO D 162 -3.96 44.81 -26.18
CA PRO D 162 -4.89 43.91 -25.49
C PRO D 162 -6.36 44.23 -25.80
N GLY D 163 -7.14 43.19 -26.08
CA GLY D 163 -8.56 43.35 -26.44
C GLY D 163 -8.79 43.03 -27.92
N GLU D 164 -8.01 43.68 -28.78
CA GLU D 164 -8.09 43.45 -30.23
C GLU D 164 -7.49 42.11 -30.64
N VAL D 165 -7.86 41.67 -31.85
CA VAL D 165 -7.61 40.29 -32.32
C VAL D 165 -7.29 40.23 -33.81
N CYS D 166 -6.78 39.07 -34.25
CA CYS D 166 -6.45 38.81 -35.65
C CYS D 166 -7.35 37.71 -36.20
N MET E 1 8.85 -19.64 18.53
CA MET E 1 10.00 -19.36 17.60
C MET E 1 11.28 -20.04 18.09
N SER E 2 11.26 -21.37 18.08
CA SER E 2 12.40 -22.19 18.51
C SER E 2 12.65 -23.31 17.49
N LEU E 3 13.92 -23.54 17.16
CA LEU E 3 14.30 -24.57 16.18
C LEU E 3 14.28 -26.00 16.73
N ILE E 4 14.15 -26.15 18.05
CA ILE E 4 14.02 -27.48 18.66
C ILE E 4 12.70 -28.14 18.22
N ASN E 5 12.79 -29.43 17.86
CA ASN E 5 11.66 -30.20 17.34
C ASN E 5 11.11 -29.65 16.00
N THR E 6 12.00 -29.11 15.16
CA THR E 6 11.66 -28.65 13.82
C THR E 6 12.57 -29.30 12.79
N LYS E 7 12.04 -29.50 11.58
CA LYS E 7 12.81 -30.13 10.50
C LYS E 7 13.86 -29.17 9.95
N ILE E 8 15.04 -29.71 9.63
CA ILE E 8 16.12 -28.91 9.03
C ILE E 8 15.77 -28.51 7.59
N LYS E 9 16.20 -27.31 7.20
CA LYS E 9 15.94 -26.79 5.86
C LYS E 9 16.95 -27.35 4.86
N PRO E 10 16.57 -27.42 3.57
CA PRO E 10 17.50 -27.95 2.57
C PRO E 10 18.72 -27.06 2.35
N PHE E 11 19.84 -27.66 1.94
CA PHE E 11 21.08 -26.95 1.63
C PHE E 11 21.88 -27.65 0.53
N LYS E 12 22.85 -26.93 -0.01
CA LYS E 12 23.76 -27.45 -1.04
C LYS E 12 25.11 -26.79 -0.88
N ASN E 13 26.02 -27.44 -0.14
CA ASN E 13 27.33 -26.89 0.16
C ASN E 13 28.47 -27.80 -0.29
N GLN E 14 29.61 -27.18 -0.61
CA GLN E 14 30.85 -27.89 -0.90
C GLN E 14 31.60 -28.13 0.41
N ALA E 15 32.29 -29.26 0.50
CA ALA E 15 32.99 -29.65 1.73
C ALA E 15 34.33 -30.32 1.46
N PHE E 16 35.11 -30.52 2.52
CA PHE E 16 36.38 -31.22 2.47
C PHE E 16 36.33 -32.41 3.43
N LYS E 17 36.66 -33.59 2.91
CA LYS E 17 36.59 -34.84 3.69
C LYS E 17 37.64 -35.85 3.19
N ASN E 18 38.70 -36.01 3.98
CA ASN E 18 39.79 -36.97 3.70
C ASN E 18 40.46 -36.78 2.34
N GLY E 19 41.04 -35.59 2.15
CA GLY E 19 41.84 -35.27 0.97
C GLY E 19 41.12 -35.08 -0.34
N GLU E 20 39.78 -34.93 -0.32
CA GLU E 20 39.00 -34.68 -1.54
C GLU E 20 37.79 -33.79 -1.28
N PHE E 21 37.37 -33.08 -2.32
CA PHE E 21 36.21 -32.19 -2.25
C PHE E 21 34.94 -32.94 -2.63
N ILE E 22 33.85 -32.67 -1.91
CA ILE E 22 32.55 -33.30 -2.14
C ILE E 22 31.40 -32.32 -1.92
N GLU E 23 30.27 -32.59 -2.57
CA GLU E 23 29.04 -31.83 -2.38
C GLU E 23 28.13 -32.59 -1.41
N ILE E 24 27.66 -31.89 -0.38
CA ILE E 24 26.76 -32.47 0.63
C ILE E 24 25.45 -31.69 0.61
N THR E 25 24.34 -32.42 0.71
CA THR E 25 22.99 -31.82 0.74
C THR E 25 22.19 -32.42 1.88
N GLU E 26 20.97 -31.91 2.08
CA GLU E 26 20.04 -32.49 3.05
C GLU E 26 19.67 -33.95 2.73
N LYS E 27 19.68 -34.31 1.44
CA LYS E 27 19.46 -35.71 1.02
C LYS E 27 20.47 -36.69 1.63
N ASP E 28 21.71 -36.24 1.83
CA ASP E 28 22.76 -37.08 2.44
C ASP E 28 22.49 -37.37 3.92
N THR E 29 21.91 -36.40 4.62
CA THR E 29 21.59 -36.57 6.05
C THR E 29 20.36 -37.45 6.31
N GLU E 30 19.51 -37.66 5.30
CA GLU E 30 18.27 -38.44 5.43
C GLU E 30 18.53 -39.88 5.86
N GLY E 31 17.71 -40.37 6.80
CA GLY E 31 17.81 -41.72 7.32
C GLY E 31 19.02 -41.98 8.22
N ARG E 32 19.61 -40.91 8.77
CA ARG E 32 20.77 -41.01 9.64
C ARG E 32 20.83 -39.90 10.69
N TRP E 33 21.50 -40.20 11.80
CA TRP E 33 21.78 -39.19 12.82
C TRP E 33 22.89 -38.27 12.33
N SER E 34 22.74 -36.97 12.61
CA SER E 34 23.68 -35.97 12.13
C SER E 34 24.01 -34.96 13.22
N VAL E 35 25.23 -34.42 13.16
CA VAL E 35 25.70 -33.38 14.07
C VAL E 35 26.28 -32.24 13.24
N PHE E 36 25.63 -31.08 13.27
CA PHE E 36 26.11 -29.88 12.58
C PHE E 36 26.88 -29.03 13.59
N PHE E 37 28.21 -29.08 13.50
CA PHE E 37 29.10 -28.40 14.45
C PHE E 37 29.61 -27.06 13.89
N PHE E 38 28.90 -25.99 14.21
CA PHE E 38 29.27 -24.65 13.75
C PHE E 38 30.42 -24.05 14.57
N TYR E 39 31.23 -23.23 13.91
CA TYR E 39 32.30 -22.49 14.56
C TYR E 39 32.64 -21.21 13.75
N PRO E 40 33.28 -20.21 14.38
CA PRO E 40 33.48 -18.92 13.72
C PRO E 40 34.36 -18.94 12.47
N ALA E 41 35.62 -19.35 12.60
CA ALA E 41 36.57 -19.26 11.49
C ALA E 41 37.77 -20.17 11.66
N ASP E 42 38.42 -20.46 10.53
CA ASP E 42 39.67 -21.22 10.50
C ASP E 42 40.82 -20.35 10.99
N PHE E 43 41.93 -21.02 11.33
CA PHE E 43 43.14 -20.39 11.86
C PHE E 43 42.90 -19.52 13.10
N THR E 44 42.24 -20.13 14.09
CA THR E 44 41.98 -19.54 15.41
C THR E 44 42.43 -20.52 16.50
N PHE E 45 42.47 -20.05 17.75
CA PHE E 45 43.08 -20.82 18.86
C PHE E 45 42.14 -21.81 19.57
N VAL E 46 40.87 -21.44 19.72
CA VAL E 46 39.92 -22.25 20.50
C VAL E 46 39.27 -23.36 19.65
N CYS E 47 39.10 -23.12 18.35
CA CYS E 47 38.41 -24.05 17.45
C CYS E 47 39.07 -25.43 17.25
N PRO E 48 40.41 -25.49 17.16
CA PRO E 48 41.07 -26.81 17.05
C PRO E 48 40.84 -27.74 18.25
N THR E 49 40.74 -27.18 19.45
CA THR E 49 40.51 -27.97 20.67
C THR E 49 39.11 -28.59 20.66
N GLU E 50 38.12 -27.83 20.22
CA GLU E 50 36.73 -28.32 20.08
C GLU E 50 36.61 -29.38 18.99
N LEU E 51 37.12 -29.05 17.80
CA LEU E 51 37.11 -29.96 16.64
C LEU E 51 37.98 -31.20 16.86
N GLY E 52 39.08 -31.04 17.59
CA GLY E 52 39.96 -32.15 17.95
C GLY E 52 39.35 -33.11 18.96
N ASP E 53 38.56 -32.58 19.89
CA ASP E 53 37.87 -33.39 20.89
C ASP E 53 36.75 -34.23 20.24
N VAL E 54 36.05 -33.66 19.26
CA VAL E 54 35.05 -34.39 18.48
C VAL E 54 35.73 -35.43 17.56
N ALA E 55 36.91 -35.09 17.03
CA ALA E 55 37.71 -36.02 16.22
C ALA E 55 38.18 -37.25 17.00
N ASP E 56 38.47 -37.07 18.29
CA ASP E 56 38.81 -38.20 19.17
C ASP E 56 37.63 -39.16 19.36
N HIS E 57 36.42 -38.61 19.48
CA HIS E 57 35.20 -39.40 19.67
C HIS E 57 34.48 -39.79 18.36
N TYR E 58 35.12 -39.56 17.21
CA TYR E 58 34.50 -39.87 15.91
C TYR E 58 34.35 -41.37 15.65
N GLU E 59 35.30 -42.16 16.15
CA GLU E 59 35.17 -43.63 16.11
C GLU E 59 33.92 -44.11 16.84
N GLU E 60 33.67 -43.54 18.02
CA GLU E 60 32.47 -43.85 18.81
C GLU E 60 31.19 -43.32 18.13
N LEU E 61 31.26 -42.14 17.53
CA LEU E 61 30.11 -41.56 16.82
C LEU E 61 29.73 -42.36 15.58
N GLN E 62 30.73 -42.73 14.76
CA GLN E 62 30.52 -43.61 13.60
C GLN E 62 30.00 -44.99 13.98
N LYS E 63 30.38 -45.46 15.17
CA LYS E 63 29.82 -46.69 15.76
C LYS E 63 28.31 -46.55 15.93
N LEU E 64 27.89 -45.43 16.53
CA LEU E 64 26.48 -45.14 16.81
C LEU E 64 25.65 -44.69 15.57
N GLY E 65 26.28 -44.63 14.39
CA GLY E 65 25.60 -44.30 13.14
C GLY E 65 25.34 -42.82 13.02
N VAL E 66 26.35 -42.02 13.39
CA VAL E 66 26.23 -40.56 13.47
C VAL E 66 27.28 -39.93 12.56
N ASP E 67 26.83 -39.01 11.70
CA ASP E 67 27.73 -38.25 10.83
C ASP E 67 27.96 -36.87 11.43
N VAL E 68 29.22 -36.41 11.36
CA VAL E 68 29.60 -35.08 11.88
C VAL E 68 29.86 -34.15 10.71
N TYR E 69 29.38 -32.91 10.84
CA TYR E 69 29.53 -31.88 9.81
C TYR E 69 30.05 -30.60 10.44
N ALA E 70 31.35 -30.34 10.28
CA ALA E 70 31.97 -29.10 10.75
C ALA E 70 31.62 -28.00 9.75
N VAL E 71 31.04 -26.91 10.23
CA VAL E 71 30.57 -25.82 9.38
C VAL E 71 31.14 -24.47 9.83
N SER E 72 31.59 -23.67 8.86
CA SER E 72 31.97 -22.28 9.09
C SER E 72 31.76 -21.49 7.82
N THR E 73 31.83 -20.16 7.91
CA THR E 73 31.64 -19.30 6.74
C THR E 73 32.82 -19.36 5.75
N ASP E 74 33.99 -19.82 6.20
CA ASP E 74 35.15 -19.97 5.32
C ASP E 74 34.92 -21.01 4.23
N THR E 75 35.68 -20.90 3.14
CA THR E 75 35.52 -21.77 1.97
C THR E 75 36.09 -23.17 2.21
N HIS E 76 35.66 -24.11 1.38
CA HIS E 76 36.19 -25.48 1.36
C HIS E 76 37.68 -25.55 0.97
N PHE E 77 38.15 -24.57 0.19
CA PHE E 77 39.57 -24.44 -0.14
C PHE E 77 40.42 -24.13 1.10
N THR E 78 39.87 -23.32 2.00
CA THR E 78 40.52 -22.97 3.26
C THR E 78 40.59 -24.15 4.24
N HIS E 79 39.54 -24.97 4.26
CA HIS E 79 39.51 -26.16 5.13
C HIS E 79 40.59 -27.19 4.77
N LYS E 80 40.86 -27.34 3.47
CA LYS E 80 41.96 -28.20 3.00
C LYS E 80 43.33 -27.73 3.48
N ALA E 81 43.54 -26.42 3.49
CA ALA E 81 44.81 -25.81 3.95
C ALA E 81 44.98 -25.92 5.47
N TRP E 82 43.89 -25.66 6.21
CA TRP E 82 43.88 -25.74 7.68
C TRP E 82 44.06 -27.19 8.17
N HIS E 83 43.55 -28.14 7.40
CA HIS E 83 43.73 -29.57 7.68
C HIS E 83 45.18 -30.01 7.51
N SER E 84 45.87 -29.46 6.50
CA SER E 84 47.28 -29.78 6.25
C SER E 84 48.23 -29.12 7.26
N SER E 85 48.01 -27.84 7.52
CA SER E 85 48.92 -27.05 8.36
C SER E 85 48.86 -27.41 9.85
N SER E 86 47.65 -27.45 10.40
CA SER E 86 47.45 -27.71 11.83
C SER E 86 47.43 -29.21 12.13
N GLU E 87 47.91 -29.57 13.32
CA GLU E 87 48.08 -30.98 13.72
C GLU E 87 46.80 -31.53 14.36
N THR E 88 46.18 -30.72 15.22
CA THR E 88 44.88 -31.07 15.82
C THR E 88 43.73 -31.15 14.82
N ILE E 89 43.86 -30.47 13.67
CA ILE E 89 42.86 -30.52 12.60
C ILE E 89 43.09 -31.73 11.68
N ALA E 90 44.36 -32.09 11.46
CA ALA E 90 44.72 -33.21 10.58
C ALA E 90 44.05 -34.55 10.93
N LYS E 91 43.80 -34.78 12.21
CA LYS E 91 43.11 -35.99 12.69
C LYS E 91 41.59 -36.03 12.40
N ILE E 92 41.01 -34.93 11.90
CA ILE E 92 39.59 -34.90 11.53
C ILE E 92 39.33 -35.73 10.27
N LYS E 93 38.59 -36.82 10.42
CA LYS E 93 38.14 -37.65 9.29
C LYS E 93 36.70 -37.35 8.83
N TYR E 94 35.99 -36.50 9.56
CA TYR E 94 34.64 -36.05 9.18
C TYR E 94 34.67 -34.85 8.23
N ALA E 95 33.52 -34.56 7.63
CA ALA E 95 33.39 -33.51 6.61
C ALA E 95 33.51 -32.11 7.20
N MET E 96 34.25 -31.25 6.52
CA MET E 96 34.31 -29.83 6.84
C MET E 96 33.56 -29.07 5.75
N ILE E 97 32.33 -28.66 6.05
CA ILE E 97 31.47 -27.95 5.10
C ILE E 97 31.85 -26.47 5.06
N GLY E 98 32.10 -25.97 3.85
CA GLY E 98 32.27 -24.54 3.61
C GLY E 98 30.92 -23.89 3.36
N ASP E 99 30.76 -22.66 3.86
CA ASP E 99 29.49 -21.95 3.78
C ASP E 99 29.70 -20.44 3.51
N PRO E 100 30.37 -20.10 2.39
CA PRO E 100 30.66 -18.69 2.07
C PRO E 100 29.45 -17.80 1.86
N THR E 101 28.36 -18.36 1.33
CA THR E 101 27.08 -17.65 1.21
C THR E 101 26.38 -17.40 2.57
N GLY E 102 26.64 -18.29 3.52
CA GLY E 102 26.01 -18.23 4.84
C GLY E 102 24.63 -18.84 4.89
N ALA E 103 24.26 -19.58 3.84
CA ALA E 103 22.91 -20.13 3.70
C ALA E 103 22.62 -21.21 4.74
N LEU E 104 23.58 -22.11 4.93
CA LEU E 104 23.48 -23.18 5.94
C LEU E 104 23.47 -22.59 7.35
N THR E 105 24.36 -21.62 7.60
CA THR E 105 24.46 -20.92 8.88
C THR E 105 23.19 -20.12 9.22
N ARG E 106 22.56 -19.54 8.21
CA ARG E 106 21.30 -18.81 8.38
C ARG E 106 20.08 -19.72 8.52
N ASN E 107 20.11 -20.91 7.91
CA ASN E 107 19.05 -21.93 8.09
C ASN E 107 18.91 -22.39 9.55
N PHE E 108 20.03 -22.38 10.28
CA PHE E 108 20.05 -22.73 11.71
C PHE E 108 20.03 -21.51 12.66
N ASP E 109 19.74 -20.32 12.14
CA ASP E 109 19.73 -19.06 12.92
C ASP E 109 20.99 -18.91 13.78
N ASN E 110 22.14 -18.97 13.12
CA ASN E 110 23.43 -19.03 13.81
C ASN E 110 24.53 -18.14 13.19
N MET E 111 24.12 -17.04 12.55
CA MET E 111 25.05 -16.11 11.92
C MET E 111 25.25 -14.88 12.80
N ARG E 112 26.51 -14.50 13.01
CA ARG E 112 26.85 -13.19 13.56
C ARG E 112 26.77 -12.22 12.39
N GLU E 113 25.73 -11.39 12.36
CA GLU E 113 25.45 -10.54 11.20
C GLU E 113 26.52 -9.47 10.96
N ASP E 114 26.89 -8.76 12.03
CA ASP E 114 27.94 -7.73 11.96
C ASP E 114 29.36 -8.30 11.72
N GLU E 115 29.60 -9.55 12.13
CA GLU E 115 30.91 -10.21 11.95
C GLU E 115 31.02 -11.06 10.68
N GLY E 116 29.89 -11.57 10.16
CA GLY E 116 29.89 -12.43 8.98
C GLY E 116 30.45 -13.83 9.23
N LEU E 117 30.35 -14.30 10.48
CA LEU E 117 30.84 -15.61 10.90
C LEU E 117 29.75 -16.35 11.63
N ALA E 118 29.88 -17.68 11.71
CA ALA E 118 28.94 -18.50 12.46
C ALA E 118 29.25 -18.46 13.96
N ASP E 119 28.23 -18.56 14.79
CA ASP E 119 28.43 -18.71 16.24
C ASP E 119 28.82 -20.15 16.57
N ARG E 120 29.40 -20.34 17.76
CA ARG E 120 29.75 -21.68 18.25
C ARG E 120 28.48 -22.39 18.69
N ALA E 121 27.93 -23.24 17.81
CA ALA E 121 26.70 -23.98 18.09
C ALA E 121 26.73 -25.41 17.52
N THR E 122 26.21 -26.35 18.30
CA THR E 122 26.12 -27.76 17.90
C THR E 122 24.64 -28.13 17.80
N PHE E 123 24.25 -28.78 16.71
CA PHE E 123 22.88 -29.23 16.49
C PHE E 123 22.85 -30.74 16.28
N VAL E 124 22.14 -31.47 17.15
CA VAL E 124 21.93 -32.92 17.00
C VAL E 124 20.62 -33.16 16.22
N VAL E 125 20.73 -33.81 15.07
CA VAL E 125 19.59 -34.04 14.17
C VAL E 125 19.36 -35.54 13.96
N ASP E 126 18.09 -35.96 14.01
CA ASP E 126 17.70 -37.37 13.93
C ASP E 126 17.50 -37.82 12.46
N PRO E 127 17.27 -39.13 12.21
CA PRO E 127 17.00 -39.63 10.84
C PRO E 127 15.89 -38.92 10.04
N GLN E 128 14.86 -38.44 10.72
CA GLN E 128 13.75 -37.73 10.07
C GLN E 128 14.09 -36.27 9.73
N GLY E 129 15.20 -35.76 10.26
CA GLY E 129 15.65 -34.38 10.03
C GLY E 129 15.25 -33.42 11.12
N ILE E 130 14.73 -33.93 12.23
CA ILE E 130 14.23 -33.12 13.35
C ILE E 130 15.36 -32.83 14.32
N ILE E 131 15.50 -31.56 14.73
CA ILE E 131 16.56 -31.13 15.64
C ILE E 131 16.18 -31.52 17.08
N GLN E 132 16.97 -32.41 17.67
CA GLN E 132 16.69 -32.97 19.00
C GLN E 132 17.48 -32.33 20.15
N ALA E 133 18.56 -31.61 19.83
CA ALA E 133 19.36 -30.91 20.85
C ALA E 133 20.18 -29.76 20.25
N ILE E 134 20.22 -28.63 20.95
CA ILE E 134 21.00 -27.46 20.57
C ILE E 134 21.95 -27.11 21.71
N GLU E 135 23.14 -26.61 21.36
CA GLU E 135 24.13 -26.14 22.33
C GLU E 135 24.93 -24.99 21.75
N VAL E 136 24.64 -23.77 22.19
CA VAL E 136 25.35 -22.56 21.74
C VAL E 136 26.18 -21.98 22.88
N THR E 137 27.40 -21.53 22.56
CA THR E 137 28.32 -20.95 23.55
C THR E 137 28.99 -19.71 23.01
N ALA E 138 29.50 -18.88 23.92
CA ALA E 138 30.21 -17.66 23.55
C ALA E 138 31.60 -17.98 23.00
N GLU E 139 32.26 -16.95 22.49
CA GLU E 139 33.59 -17.08 21.86
C GLU E 139 34.64 -17.74 22.78
N GLY E 140 34.68 -17.31 24.03
CA GLY E 140 35.64 -17.82 25.00
C GLY E 140 35.39 -19.22 25.52
N ILE E 141 34.12 -19.60 25.64
CA ILE E 141 33.72 -20.88 26.25
C ILE E 141 33.87 -22.02 25.25
N GLY E 142 34.38 -23.16 25.73
CA GLY E 142 34.58 -24.37 24.91
C GLY E 142 33.47 -25.39 25.09
N ARG E 143 33.26 -26.21 24.07
CA ARG E 143 32.22 -27.24 24.05
C ARG E 143 32.81 -28.63 24.34
N ASP E 144 32.20 -29.34 25.29
CA ASP E 144 32.66 -30.66 25.72
C ASP E 144 32.03 -31.74 24.84
N ALA E 145 32.88 -32.57 24.22
CA ALA E 145 32.41 -33.64 23.32
C ALA E 145 31.81 -34.82 24.06
N SER E 146 32.20 -35.02 25.32
CA SER E 146 31.63 -36.07 26.18
C SER E 146 30.15 -35.79 26.49
N ASP E 147 29.83 -34.52 26.73
CA ASP E 147 28.44 -34.09 26.91
C ASP E 147 27.59 -34.32 25.65
N LEU E 148 28.18 -34.07 24.49
CA LEU E 148 27.52 -34.30 23.19
C LEU E 148 27.12 -35.76 22.99
N LEU E 149 28.03 -36.67 23.33
CA LEU E 149 27.75 -38.12 23.28
C LEU E 149 26.62 -38.53 24.20
N ARG E 150 26.52 -37.90 25.38
CA ARG E 150 25.43 -38.17 26.33
C ARG E 150 24.07 -37.80 25.73
N LYS E 151 24.01 -36.65 25.06
CA LYS E 151 22.78 -36.16 24.42
C LYS E 151 22.36 -36.96 23.18
N ILE E 152 23.32 -37.50 22.44
CA ILE E 152 23.05 -38.37 21.29
C ILE E 152 22.53 -39.73 21.77
N LYS E 153 23.24 -40.32 22.75
CA LYS E 153 22.81 -41.58 23.37
C LYS E 153 21.48 -41.46 24.11
N ALA E 154 21.19 -40.27 24.64
CA ALA E 154 19.88 -39.98 25.23
C ALA E 154 18.81 -39.91 24.14
N ALA E 155 19.08 -39.11 23.11
CA ALA E 155 18.15 -38.93 21.98
C ALA E 155 17.80 -40.24 21.26
N GLN E 156 18.82 -41.07 21.04
CA GLN E 156 18.65 -42.40 20.44
C GLN E 156 17.79 -43.34 21.30
N TYR E 157 17.91 -43.21 22.62
CA TYR E 157 17.11 -44.00 23.57
C TYR E 157 15.62 -43.64 23.55
N VAL E 158 15.30 -42.35 23.39
CA VAL E 158 13.90 -41.88 23.41
C VAL E 158 13.19 -42.23 22.10
N ALA E 159 13.93 -42.14 20.99
CA ALA E 159 13.42 -42.53 19.67
C ALA E 159 13.09 -44.02 19.63
N SER E 160 14.06 -44.84 20.06
CA SER E 160 13.88 -46.30 20.11
C SER E 160 12.83 -46.77 21.11
N HIS E 161 12.63 -46.00 22.19
CA HIS E 161 11.63 -46.30 23.24
C HIS E 161 10.64 -45.14 23.40
N PRO E 162 9.58 -45.09 22.56
CA PRO E 162 8.57 -44.03 22.70
C PRO E 162 7.75 -44.14 24.00
N GLY E 163 7.36 -42.98 24.54
CA GLY E 163 6.68 -42.91 25.83
C GLY E 163 7.61 -43.19 27.00
N GLU E 164 8.83 -42.66 26.92
CA GLU E 164 9.82 -42.78 28.00
C GLU E 164 10.71 -41.54 28.04
N VAL E 165 11.47 -41.41 29.13
CA VAL E 165 12.16 -40.17 29.49
C VAL E 165 13.56 -40.41 30.10
N CYS E 166 14.32 -39.33 30.24
CA CYS E 166 15.63 -39.34 30.92
C CYS E 166 15.77 -38.13 31.84
N MET F 1 19.80 -12.99 14.50
CA MET F 1 18.85 -14.11 14.81
C MET F 1 19.24 -14.80 16.11
N SER F 2 20.50 -15.23 16.20
CA SER F 2 21.01 -16.00 17.33
C SER F 2 21.11 -15.13 18.57
N LEU F 3 20.59 -15.63 19.70
CA LEU F 3 20.59 -14.88 20.97
C LEU F 3 21.93 -14.89 21.70
N ILE F 4 22.86 -15.76 21.30
CA ILE F 4 24.18 -15.81 21.90
C ILE F 4 24.89 -14.46 21.67
N ASN F 5 25.53 -13.96 22.73
CA ASN F 5 26.20 -12.65 22.73
C ASN F 5 25.24 -11.46 22.50
N THR F 6 24.00 -11.57 23.00
CA THR F 6 23.03 -10.47 22.95
C THR F 6 22.51 -10.18 24.36
N LYS F 7 22.10 -8.93 24.58
CA LYS F 7 21.56 -8.51 25.89
C LYS F 7 20.14 -9.04 26.07
N ILE F 8 19.83 -9.47 27.29
CA ILE F 8 18.48 -9.94 27.62
C ILE F 8 17.48 -8.79 27.64
N LYS F 9 16.25 -9.08 27.21
CA LYS F 9 15.19 -8.06 27.11
C LYS F 9 14.57 -7.81 28.49
N PRO F 10 13.92 -6.64 28.69
CA PRO F 10 13.26 -6.39 29.98
C PRO F 10 12.04 -7.29 30.23
N PHE F 11 11.74 -7.54 31.50
CA PHE F 11 10.59 -8.36 31.88
C PHE F 11 10.06 -8.01 33.27
N LYS F 12 8.83 -8.45 33.56
CA LYS F 12 8.19 -8.25 34.86
C LYS F 12 7.29 -9.45 35.15
N ASN F 13 7.77 -10.35 36.01
CA ASN F 13 7.05 -11.58 36.37
C ASN F 13 6.92 -11.76 37.89
N GLN F 14 5.85 -12.44 38.29
CA GLN F 14 5.67 -12.89 39.67
C GLN F 14 6.35 -14.24 39.84
N ALA F 15 6.89 -14.50 41.03
CA ALA F 15 7.64 -15.72 41.30
C ALA F 15 7.47 -16.19 42.74
N PHE F 16 7.76 -17.46 42.97
CA PHE F 16 7.71 -18.08 44.30
C PHE F 16 9.13 -18.41 44.76
N LYS F 17 9.49 -17.97 45.96
CA LYS F 17 10.83 -18.20 46.53
C LYS F 17 10.80 -18.28 48.06
N ASN F 18 11.01 -19.48 48.58
CA ASN F 18 11.07 -19.76 50.03
C ASN F 18 9.81 -19.34 50.80
N GLY F 19 8.68 -19.89 50.37
CA GLY F 19 7.38 -19.68 51.04
C GLY F 19 6.85 -18.25 51.00
N GLU F 20 7.11 -17.55 49.90
CA GLU F 20 6.72 -16.14 49.76
C GLU F 20 6.74 -15.72 48.28
N PHE F 21 5.80 -14.87 47.89
CA PHE F 21 5.71 -14.35 46.53
C PHE F 21 6.53 -13.06 46.38
N ILE F 22 7.14 -12.88 45.21
CA ILE F 22 7.94 -11.70 44.88
C ILE F 22 7.84 -11.34 43.40
N GLU F 23 8.11 -10.08 43.08
CA GLU F 23 8.19 -9.62 41.69
C GLU F 23 9.66 -9.54 41.28
N ILE F 24 9.99 -10.18 40.15
CA ILE F 24 11.35 -10.22 39.63
C ILE F 24 11.39 -9.50 38.27
N THR F 25 12.41 -8.68 38.07
CA THR F 25 12.59 -7.90 36.83
C THR F 25 14.03 -8.01 36.32
N GLU F 26 14.29 -7.42 35.16
CA GLU F 26 15.66 -7.34 34.60
C GLU F 26 16.62 -6.53 35.49
N LYS F 27 16.09 -5.58 36.26
CA LYS F 27 16.89 -4.83 37.25
C LYS F 27 17.51 -5.71 38.34
N ASP F 28 16.81 -6.79 38.72
CA ASP F 28 17.33 -7.74 39.72
C ASP F 28 18.47 -8.62 39.20
N THR F 29 18.56 -8.80 37.88
CA THR F 29 19.63 -9.57 37.24
C THR F 29 20.90 -8.75 36.94
N GLU F 30 20.81 -7.42 36.99
CA GLU F 30 21.95 -6.55 36.68
C GLU F 30 23.04 -6.63 37.74
N GLY F 31 24.29 -6.68 37.28
CA GLY F 31 25.47 -6.75 38.16
C GLY F 31 25.75 -8.12 38.78
N ARG F 32 25.05 -9.16 38.32
CA ARG F 32 25.22 -10.52 38.84
C ARG F 32 25.04 -11.57 37.75
N TRP F 33 25.69 -12.72 37.94
CA TRP F 33 25.49 -13.88 37.06
C TRP F 33 24.12 -14.50 37.30
N SER F 34 23.44 -14.84 36.22
CA SER F 34 22.07 -15.36 36.28
C SER F 34 21.92 -16.62 35.44
N VAL F 35 21.02 -17.50 35.86
CA VAL F 35 20.67 -18.70 35.13
C VAL F 35 19.16 -18.77 34.97
N PHE F 36 18.68 -18.62 33.73
CA PHE F 36 17.27 -18.80 33.41
C PHE F 36 17.03 -20.24 32.96
N PHE F 37 16.45 -21.04 33.86
CA PHE F 37 16.24 -22.47 33.63
C PHE F 37 14.78 -22.75 33.21
N PHE F 38 14.55 -22.78 31.90
CA PHE F 38 13.21 -23.01 31.36
C PHE F 38 12.85 -24.49 31.40
N TYR F 39 11.56 -24.77 31.56
CA TYR F 39 11.03 -26.13 31.48
C TYR F 39 9.53 -26.10 31.11
N PRO F 40 8.99 -27.20 30.54
CA PRO F 40 7.61 -27.17 30.00
C PRO F 40 6.50 -26.85 31.01
N ALA F 41 6.35 -27.68 32.04
CA ALA F 41 5.21 -27.57 32.95
C ALA F 41 5.42 -28.24 34.30
N ASP F 42 4.66 -27.77 35.29
CA ASP F 42 4.64 -28.35 36.63
C ASP F 42 3.84 -29.66 36.61
N PHE F 43 4.06 -30.47 37.64
CA PHE F 43 3.43 -31.79 37.80
C PHE F 43 3.65 -32.71 36.59
N THR F 44 4.92 -32.80 36.17
CA THR F 44 5.37 -33.68 35.10
C THR F 44 6.50 -34.58 35.64
N PHE F 45 6.87 -35.59 34.85
CA PHE F 45 7.75 -36.67 35.32
C PHE F 45 9.26 -36.35 35.21
N VAL F 46 9.66 -35.59 34.20
CA VAL F 46 11.09 -35.33 33.90
C VAL F 46 11.64 -34.09 34.61
N CYS F 47 10.78 -33.09 34.82
CA CYS F 47 11.20 -31.81 35.40
C CYS F 47 11.82 -31.90 36.81
N PRO F 48 11.23 -32.69 37.73
CA PRO F 48 11.77 -32.77 39.10
C PRO F 48 13.24 -33.20 39.20
N THR F 49 13.67 -34.13 38.33
CA THR F 49 15.07 -34.57 38.31
C THR F 49 16.02 -33.48 37.82
N GLU F 50 15.59 -32.70 36.83
CA GLU F 50 16.38 -31.57 36.32
C GLU F 50 16.50 -30.46 37.36
N LEU F 51 15.34 -29.95 37.82
CA LEU F 51 15.28 -28.89 38.83
C LEU F 51 15.93 -29.30 40.16
N GLY F 52 15.77 -30.58 40.53
CA GLY F 52 16.40 -31.14 41.72
C GLY F 52 17.92 -31.22 41.64
N ASP F 53 18.44 -31.52 40.44
CA ASP F 53 19.88 -31.57 40.21
C ASP F 53 20.52 -30.17 40.33
N VAL F 54 19.79 -29.14 39.89
CA VAL F 54 20.25 -27.75 40.04
C VAL F 54 20.13 -27.29 41.50
N ALA F 55 19.10 -27.77 42.20
CA ALA F 55 18.92 -27.50 43.63
C ALA F 55 20.05 -28.06 44.49
N ASP F 56 20.58 -29.22 44.11
CA ASP F 56 21.73 -29.82 44.80
C ASP F 56 23.02 -29.02 44.63
N HIS F 57 23.19 -28.41 43.45
CA HIS F 57 24.34 -27.53 43.17
C HIS F 57 24.09 -26.04 43.46
N TYR F 58 23.00 -25.71 44.14
CA TYR F 58 22.66 -24.31 44.45
C TYR F 58 23.58 -23.70 45.51
N GLU F 59 24.02 -24.52 46.48
CA GLU F 59 25.09 -24.15 47.41
C GLU F 59 26.35 -23.68 46.67
N GLU F 60 26.78 -24.48 45.69
CA GLU F 60 27.95 -24.18 44.86
C GLU F 60 27.73 -22.95 43.97
N LEU F 61 26.52 -22.81 43.41
CA LEU F 61 26.20 -21.67 42.53
C LEU F 61 26.17 -20.34 43.29
N GLN F 62 25.55 -20.33 44.47
CA GLN F 62 25.51 -19.13 45.31
C GLN F 62 26.91 -18.68 45.76
N LYS F 63 27.80 -19.64 46.02
CA LYS F 63 29.22 -19.35 46.31
C LYS F 63 29.93 -18.66 45.13
N LEU F 64 29.60 -19.06 43.90
CA LEU F 64 30.13 -18.42 42.68
C LEU F 64 29.44 -17.08 42.31
N GLY F 65 28.43 -16.67 43.09
CA GLY F 65 27.73 -15.40 42.87
C GLY F 65 26.75 -15.50 41.72
N VAL F 66 26.02 -16.62 41.68
CA VAL F 66 25.13 -16.96 40.58
C VAL F 66 23.71 -17.16 41.11
N ASP F 67 22.76 -16.43 40.55
CA ASP F 67 21.34 -16.60 40.85
C ASP F 67 20.73 -17.56 39.84
N VAL F 68 19.70 -18.29 40.27
CA VAL F 68 18.96 -19.24 39.41
C VAL F 68 17.49 -18.80 39.33
N TYR F 69 16.94 -18.86 38.12
CA TYR F 69 15.55 -18.51 37.85
C TYR F 69 14.90 -19.64 37.07
N ALA F 70 14.13 -20.48 37.77
CA ALA F 70 13.33 -21.52 37.12
C ALA F 70 12.12 -20.85 36.47
N VAL F 71 11.87 -21.18 35.21
CA VAL F 71 10.80 -20.54 34.43
C VAL F 71 9.91 -21.58 33.75
N SER F 72 8.61 -21.33 33.77
CA SER F 72 7.63 -22.08 32.96
C SER F 72 6.36 -21.27 32.77
N THR F 73 5.48 -21.77 31.91
CA THR F 73 4.23 -21.08 31.58
C THR F 73 3.11 -21.24 32.62
N ASP F 74 3.36 -22.00 33.69
CA ASP F 74 2.42 -22.09 34.81
C ASP F 74 2.49 -20.84 35.68
N THR F 75 1.45 -20.64 36.50
CA THR F 75 1.39 -19.48 37.39
C THR F 75 2.25 -19.68 38.63
N HIS F 76 2.59 -18.56 39.26
CA HIS F 76 3.32 -18.54 40.54
C HIS F 76 2.53 -19.21 41.69
N PHE F 77 1.21 -19.22 41.58
CA PHE F 77 0.35 -19.98 42.50
C PHE F 77 0.60 -21.48 42.36
N THR F 78 0.77 -21.95 41.13
CA THR F 78 1.03 -23.37 40.85
C THR F 78 2.39 -23.82 41.38
N HIS F 79 3.41 -22.95 41.28
CA HIS F 79 4.74 -23.26 41.79
C HIS F 79 4.79 -23.45 43.32
N LYS F 80 3.97 -22.67 44.04
CA LYS F 80 3.82 -22.83 45.50
C LYS F 80 3.24 -24.20 45.86
N ALA F 81 2.24 -24.64 45.10
CA ALA F 81 1.58 -25.93 45.30
C ALA F 81 2.51 -27.12 44.99
N TRP F 82 3.23 -27.01 43.88
CA TRP F 82 4.18 -28.05 43.46
C TRP F 82 5.37 -28.16 44.42
N HIS F 83 5.76 -27.04 45.02
CA HIS F 83 6.80 -27.01 46.05
C HIS F 83 6.38 -27.74 47.33
N SER F 84 5.11 -27.57 47.72
CA SER F 84 4.54 -28.27 48.87
C SER F 84 4.29 -29.74 48.57
N SER F 85 3.78 -30.03 47.37
CA SER F 85 3.40 -31.39 46.97
C SER F 85 4.62 -32.30 46.75
N SER F 86 5.47 -31.94 45.79
CA SER F 86 6.61 -32.77 45.41
C SER F 86 7.78 -32.59 46.37
N GLU F 87 8.54 -33.67 46.53
CA GLU F 87 9.64 -33.72 47.50
C GLU F 87 10.95 -33.24 46.86
N THR F 88 11.17 -33.63 45.60
CA THR F 88 12.32 -33.17 44.83
C THR F 88 12.26 -31.66 44.52
N ILE F 89 11.05 -31.08 44.52
CA ILE F 89 10.85 -29.65 44.33
C ILE F 89 11.00 -28.88 45.65
N ALA F 90 10.62 -29.51 46.76
CA ALA F 90 10.69 -28.89 48.10
C ALA F 90 12.07 -28.38 48.52
N LYS F 91 13.13 -28.99 47.99
CA LYS F 91 14.52 -28.55 48.25
C LYS F 91 15.01 -27.37 47.39
N ILE F 92 14.17 -26.85 46.51
CA ILE F 92 14.52 -25.67 45.68
C ILE F 92 14.46 -24.39 46.52
N LYS F 93 15.62 -23.80 46.80
CA LYS F 93 15.69 -22.51 47.50
C LYS F 93 15.79 -21.31 46.56
N TYR F 94 15.88 -21.56 45.25
CA TYR F 94 15.92 -20.50 44.22
C TYR F 94 14.52 -20.11 43.74
N ALA F 95 14.44 -18.98 43.03
CA ALA F 95 13.17 -18.41 42.57
C ALA F 95 12.54 -19.23 41.44
N MET F 96 11.20 -19.36 41.48
CA MET F 96 10.42 -20.08 40.46
C MET F 96 9.47 -19.11 39.75
N ILE F 97 9.90 -18.64 38.59
CA ILE F 97 9.22 -17.58 37.84
C ILE F 97 7.98 -18.12 37.12
N GLY F 98 6.82 -17.51 37.38
CA GLY F 98 5.59 -17.81 36.64
C GLY F 98 5.50 -16.94 35.40
N ASP F 99 5.13 -17.52 34.27
CA ASP F 99 5.07 -16.82 32.98
C ASP F 99 3.81 -17.20 32.17
N PRO F 100 2.61 -16.90 32.71
CA PRO F 100 1.37 -17.22 32.01
C PRO F 100 1.23 -16.52 30.65
N THR F 101 1.61 -15.25 30.58
CA THR F 101 1.64 -14.49 29.32
C THR F 101 2.60 -15.07 28.29
N GLY F 102 3.67 -15.70 28.76
CA GLY F 102 4.71 -16.25 27.90
C GLY F 102 5.68 -15.21 27.38
N ALA F 103 5.66 -14.02 28.00
CA ALA F 103 6.46 -12.88 27.54
C ALA F 103 7.94 -13.16 27.75
N LEU F 104 8.30 -13.62 28.95
CA LEU F 104 9.68 -13.97 29.30
C LEU F 104 10.19 -15.11 28.42
N THR F 105 9.35 -16.10 28.20
CA THR F 105 9.69 -17.24 27.34
C THR F 105 9.91 -16.80 25.89
N ARG F 106 9.03 -15.94 25.37
CA ARG F 106 9.16 -15.42 24.01
C ARG F 106 10.33 -14.44 23.83
N ASN F 107 10.77 -13.78 24.91
CA ASN F 107 12.00 -12.96 24.88
C ASN F 107 13.25 -13.80 24.61
N PHE F 108 13.25 -15.04 25.13
CA PHE F 108 14.36 -15.98 24.96
C PHE F 108 14.17 -16.96 23.78
N ASP F 109 13.16 -16.71 22.93
CA ASP F 109 12.89 -17.53 21.74
C ASP F 109 12.83 -19.02 22.11
N ASN F 110 11.98 -19.33 23.08
CA ASN F 110 11.93 -20.65 23.71
C ASN F 110 10.50 -21.14 23.98
N MET F 111 9.56 -20.79 23.09
CA MET F 111 8.15 -21.15 23.24
C MET F 111 7.75 -22.22 22.23
N ARG F 112 7.07 -23.26 22.72
CA ARG F 112 6.36 -24.20 21.86
C ARG F 112 4.99 -23.57 21.61
N GLU F 113 4.77 -23.09 20.39
CA GLU F 113 3.58 -22.28 20.09
C GLU F 113 2.30 -23.12 20.12
N ASP F 114 2.34 -24.29 19.48
CA ASP F 114 1.19 -25.21 19.46
C ASP F 114 0.88 -25.88 20.81
N GLU F 115 1.87 -25.94 21.70
CA GLU F 115 1.71 -26.50 23.06
C GLU F 115 1.44 -25.45 24.14
N GLY F 116 1.93 -24.22 23.94
CA GLY F 116 1.79 -23.15 24.93
C GLY F 116 2.67 -23.34 26.16
N LEU F 117 3.77 -24.08 25.99
CA LEU F 117 4.70 -24.39 27.06
C LEU F 117 6.12 -24.04 26.62
N ALA F 118 6.98 -23.76 27.59
CA ALA F 118 8.39 -23.44 27.32
C ALA F 118 9.17 -24.70 26.98
N ASP F 119 10.17 -24.58 26.11
CA ASP F 119 11.09 -25.69 25.82
C ASP F 119 12.10 -25.84 26.95
N ARG F 120 12.71 -27.03 27.03
CA ARG F 120 13.75 -27.29 28.02
C ARG F 120 15.03 -26.57 27.59
N ALA F 121 15.29 -25.41 28.19
CA ALA F 121 16.47 -24.61 27.85
C ALA F 121 17.08 -23.89 29.05
N THR F 122 18.41 -23.80 29.05
CA THR F 122 19.18 -23.15 30.10
C THR F 122 19.99 -22.01 29.48
N PHE F 123 19.90 -20.82 30.07
CA PHE F 123 20.62 -19.64 29.60
C PHE F 123 21.51 -19.08 30.71
N VAL F 124 22.81 -19.01 30.45
CA VAL F 124 23.77 -18.38 31.36
C VAL F 124 23.91 -16.91 30.93
N VAL F 125 23.67 -15.99 31.87
CA VAL F 125 23.72 -14.55 31.60
C VAL F 125 24.69 -13.87 32.57
N ASP F 126 25.59 -13.04 32.04
CA ASP F 126 26.63 -12.38 32.83
C ASP F 126 26.08 -11.08 33.47
N PRO F 127 26.84 -10.45 34.40
CA PRO F 127 26.42 -9.19 35.05
C PRO F 127 25.94 -8.05 34.14
N GLN F 128 26.50 -7.95 32.93
CA GLN F 128 26.07 -6.93 31.96
C GLN F 128 24.76 -7.29 31.24
N GLY F 129 24.29 -8.52 31.41
CA GLY F 129 23.02 -8.98 30.82
C GLY F 129 23.18 -9.74 29.51
N ILE F 130 24.43 -10.06 29.14
CA ILE F 130 24.72 -10.69 27.86
C ILE F 130 24.68 -12.22 28.00
N ILE F 131 24.03 -12.89 27.05
CA ILE F 131 23.87 -14.34 27.08
C ILE F 131 25.16 -15.00 26.62
N GLN F 132 25.84 -15.67 27.55
CA GLN F 132 27.14 -16.31 27.28
C GLN F 132 27.04 -17.80 26.90
N ALA F 133 25.92 -18.44 27.21
CA ALA F 133 25.71 -19.85 26.84
C ALA F 133 24.23 -20.23 26.77
N ILE F 134 23.89 -21.10 25.83
CA ILE F 134 22.52 -21.58 25.61
C ILE F 134 22.55 -23.10 25.46
N GLU F 135 21.67 -23.78 26.19
CA GLU F 135 21.45 -25.21 26.03
C GLU F 135 19.96 -25.42 25.75
N VAL F 136 19.64 -26.24 24.76
CA VAL F 136 18.23 -26.62 24.46
C VAL F 136 18.18 -28.12 24.15
N THR F 137 17.12 -28.79 24.63
CA THR F 137 16.95 -30.24 24.46
C THR F 137 15.49 -30.62 24.21
N ALA F 138 15.29 -31.83 23.67
CA ALA F 138 13.96 -32.38 23.42
C ALA F 138 13.27 -32.83 24.70
N GLU F 139 12.01 -33.28 24.58
CA GLU F 139 11.17 -33.64 25.73
C GLU F 139 11.77 -34.75 26.61
N GLY F 140 12.29 -35.79 25.98
CA GLY F 140 12.87 -36.93 26.70
C GLY F 140 14.24 -36.71 27.30
N ILE F 141 15.03 -35.83 26.69
CA ILE F 141 16.45 -35.67 27.05
C ILE F 141 16.60 -34.75 28.26
N GLY F 142 17.35 -35.20 29.27
CA GLY F 142 17.61 -34.45 30.49
C GLY F 142 18.83 -33.55 30.38
N ARG F 143 18.88 -32.52 31.22
CA ARG F 143 19.99 -31.56 31.28
C ARG F 143 20.84 -31.79 32.52
N ASP F 144 22.14 -31.97 32.33
CA ASP F 144 23.07 -32.25 33.42
C ASP F 144 23.55 -30.95 34.07
N ALA F 145 23.41 -30.87 35.39
CA ALA F 145 23.76 -29.66 36.15
C ALA F 145 25.27 -29.48 36.34
N SER F 146 26.03 -30.57 36.29
CA SER F 146 27.50 -30.50 36.37
C SER F 146 28.11 -29.89 35.09
N ASP F 147 27.49 -30.13 33.94
CA ASP F 147 27.89 -29.49 32.68
C ASP F 147 27.54 -27.99 32.67
N LEU F 148 26.46 -27.61 33.35
CA LEU F 148 26.10 -26.18 33.53
C LEU F 148 27.15 -25.43 34.36
N LEU F 149 27.57 -26.04 35.48
CA LEU F 149 28.65 -25.48 36.32
C LEU F 149 29.97 -25.33 35.57
N ARG F 150 30.27 -26.30 34.70
CA ARG F 150 31.48 -26.26 33.87
C ARG F 150 31.47 -25.06 32.92
N LYS F 151 30.31 -24.75 32.34
CA LYS F 151 30.16 -23.59 31.45
C LYS F 151 30.17 -22.25 32.20
N ILE F 152 29.53 -22.20 33.36
CA ILE F 152 29.52 -20.97 34.19
C ILE F 152 30.93 -20.62 34.67
N LYS F 153 31.68 -21.63 35.12
CA LYS F 153 33.08 -21.44 35.51
C LYS F 153 33.97 -21.02 34.33
N ALA F 154 33.70 -21.58 33.16
CA ALA F 154 34.38 -21.16 31.92
C ALA F 154 34.01 -19.73 31.51
N ALA F 155 32.73 -19.38 31.66
CA ALA F 155 32.23 -18.03 31.37
C ALA F 155 32.77 -16.98 32.33
N GLN F 156 32.90 -17.35 33.60
CA GLN F 156 33.47 -16.47 34.62
C GLN F 156 34.98 -16.26 34.42
N TYR F 157 35.67 -17.31 33.98
CA TYR F 157 37.12 -17.24 33.73
C TYR F 157 37.46 -16.28 32.59
N VAL F 158 36.76 -16.42 31.46
CA VAL F 158 36.98 -15.56 30.28
C VAL F 158 36.56 -14.10 30.51
N ALA F 159 35.59 -13.89 31.39
CA ALA F 159 35.16 -12.53 31.75
C ALA F 159 36.25 -11.80 32.52
N SER F 160 36.76 -12.44 33.57
CA SER F 160 37.85 -11.88 34.37
C SER F 160 39.20 -11.94 33.65
N HIS F 161 39.41 -12.95 32.81
CA HIS F 161 40.67 -13.14 32.07
C HIS F 161 40.44 -13.31 30.56
N PRO F 162 40.26 -12.21 29.82
CA PRO F 162 40.15 -12.31 28.35
C PRO F 162 41.48 -12.65 27.66
N GLY F 163 41.41 -13.48 26.61
CA GLY F 163 42.54 -13.74 25.72
C GLY F 163 43.52 -14.82 26.18
N GLU F 164 42.99 -15.95 26.66
CA GLU F 164 43.82 -17.11 27.02
C GLU F 164 42.98 -18.38 27.17
N MET G 1 -11.13 -7.45 22.44
CA MET G 1 -11.41 -8.85 22.85
C MET G 1 -12.54 -8.93 23.88
N SER G 2 -12.27 -8.51 25.11
CA SER G 2 -13.22 -8.61 26.22
C SER G 2 -13.42 -7.25 26.89
N LEU G 3 -14.67 -6.80 26.98
CA LEU G 3 -15.00 -5.50 27.57
C LEU G 3 -15.00 -5.46 29.10
N ILE G 4 -14.81 -6.61 29.76
CA ILE G 4 -14.69 -6.66 31.22
C ILE G 4 -13.39 -5.98 31.66
N ASN G 5 -13.48 -5.16 32.70
CA ASN G 5 -12.35 -4.37 33.23
C ASN G 5 -11.80 -3.31 32.27
N THR G 6 -12.69 -2.74 31.44
CA THR G 6 -12.31 -1.66 30.51
C THR G 6 -13.24 -0.46 30.70
N LYS G 7 -12.71 0.73 30.44
CA LYS G 7 -13.47 1.97 30.60
C LYS G 7 -14.53 2.11 29.50
N ILE G 8 -15.69 2.64 29.86
CA ILE G 8 -16.76 2.90 28.88
C ILE G 8 -16.39 4.06 27.96
N LYS G 9 -16.87 4.00 26.72
CA LYS G 9 -16.59 5.03 25.72
C LYS G 9 -17.60 6.18 25.80
N PRO G 10 -17.21 7.39 25.35
CA PRO G 10 -18.14 8.53 25.43
C PRO G 10 -19.34 8.43 24.50
N PHE G 11 -20.44 9.06 24.88
CA PHE G 11 -21.67 9.08 24.09
C PHE G 11 -22.51 10.33 24.34
N LYS G 12 -23.50 10.54 23.47
CA LYS G 12 -24.45 11.66 23.60
C LYS G 12 -25.80 11.21 23.03
N ASN G 13 -26.73 10.87 23.92
CA ASN G 13 -28.05 10.35 23.52
C ASN G 13 -29.19 11.07 24.24
N GLN G 14 -30.32 11.19 23.55
CA GLN G 14 -31.55 11.75 24.12
C GLN G 14 -32.31 10.62 24.81
N ALA G 15 -33.06 10.96 25.87
CA ALA G 15 -33.72 9.96 26.71
C ALA G 15 -34.98 10.49 27.38
N PHE G 16 -35.93 9.59 27.64
CA PHE G 16 -37.19 9.89 28.30
C PHE G 16 -37.09 9.47 29.77
N LYS G 17 -37.46 10.38 30.68
CA LYS G 17 -37.40 10.11 32.12
C LYS G 17 -38.42 10.96 32.89
N ASN G 18 -39.49 10.29 33.36
CA ASN G 18 -40.55 10.91 34.17
C ASN G 18 -41.24 12.11 33.50
N GLY G 19 -41.72 11.87 32.29
CA GLY G 19 -42.52 12.85 31.55
C GLY G 19 -41.78 14.05 30.97
N GLU G 20 -40.48 13.91 30.72
CA GLU G 20 -39.71 14.96 30.03
C GLU G 20 -38.46 14.38 29.35
N PHE G 21 -38.09 14.99 28.23
CA PHE G 21 -36.91 14.55 27.47
C PHE G 21 -35.66 15.18 28.04
N ILE G 22 -34.58 14.40 28.10
CA ILE G 22 -33.28 14.86 28.61
C ILE G 22 -32.13 14.27 27.80
N GLU G 23 -31.01 14.98 27.79
CA GLU G 23 -29.78 14.50 27.17
C GLU G 23 -28.90 13.87 28.24
N ILE G 24 -28.29 12.74 27.91
CA ILE G 24 -27.42 11.99 28.82
C ILE G 24 -26.09 11.74 28.12
N THR G 25 -24.99 11.86 28.88
CA THR G 25 -23.63 11.67 28.37
C THR G 25 -22.83 10.81 29.34
N GLU G 26 -21.59 10.50 28.98
CA GLU G 26 -20.64 9.84 29.88
C GLU G 26 -20.32 10.65 31.14
N LYS G 27 -20.31 11.98 31.04
CA LYS G 27 -20.12 12.87 32.21
C LYS G 27 -21.15 12.65 33.33
N ASP G 28 -22.38 12.30 32.95
CA ASP G 28 -23.45 12.02 33.92
C ASP G 28 -23.20 10.74 34.73
N THR G 29 -22.56 9.74 34.11
CA THR G 29 -22.23 8.48 34.78
C THR G 29 -20.97 8.53 35.67
N GLU G 30 -20.19 9.62 35.57
CA GLU G 30 -18.94 9.76 36.33
C GLU G 30 -19.16 9.84 37.85
N GLY G 31 -18.32 9.12 38.59
CA GLY G 31 -18.41 9.03 40.04
C GLY G 31 -19.65 8.32 40.56
N ARG G 32 -20.25 7.46 39.72
CA ARG G 32 -21.45 6.72 40.09
C ARG G 32 -21.55 5.33 39.49
N TRP G 33 -22.29 4.47 40.19
CA TRP G 33 -22.64 3.15 39.68
C TRP G 33 -23.74 3.29 38.63
N SER G 34 -23.59 2.60 37.51
CA SER G 34 -24.51 2.70 36.39
C SER G 34 -24.78 1.33 35.79
N VAL G 35 -26.05 1.10 35.43
CA VAL G 35 -26.48 -0.12 34.76
C VAL G 35 -27.00 0.27 33.38
N PHE G 36 -26.30 -0.19 32.35
CA PHE G 36 -26.76 -0.02 30.96
C PHE G 36 -27.50 -1.29 30.54
N PHE G 37 -28.83 -1.18 30.45
CA PHE G 37 -29.73 -2.31 30.21
C PHE G 37 -30.23 -2.31 28.76
N PHE G 38 -29.54 -3.07 27.91
CA PHE G 38 -29.88 -3.14 26.47
C PHE G 38 -31.01 -4.14 26.19
N TYR G 39 -31.80 -3.84 25.17
CA TYR G 39 -32.88 -4.73 24.71
C TYR G 39 -33.24 -4.45 23.24
N PRO G 40 -33.89 -5.41 22.55
CA PRO G 40 -34.13 -5.28 21.10
C PRO G 40 -34.99 -4.09 20.67
N ALA G 41 -36.26 -4.04 21.09
CA ALA G 41 -37.21 -3.05 20.58
C ALA G 41 -38.41 -2.81 21.48
N ASP G 42 -39.04 -1.65 21.30
CA ASP G 42 -40.28 -1.30 21.96
C ASP G 42 -41.44 -2.01 21.27
N PHE G 43 -42.57 -2.05 21.96
CA PHE G 43 -43.77 -2.76 21.52
C PHE G 43 -43.49 -4.21 21.11
N THR G 44 -42.76 -4.89 21.99
CA THR G 44 -42.47 -6.33 21.89
C THR G 44 -43.04 -7.03 23.13
N PHE G 45 -42.88 -8.35 23.20
CA PHE G 45 -43.63 -9.21 24.12
C PHE G 45 -42.83 -9.57 25.38
N VAL G 46 -41.55 -9.92 25.19
CA VAL G 46 -40.66 -10.33 26.29
C VAL G 46 -40.00 -9.14 27.01
N CYS G 47 -39.75 -8.05 26.29
CA CYS G 47 -39.08 -6.86 26.84
C CYS G 47 -39.73 -6.18 28.07
N PRO G 48 -41.08 -6.02 28.07
CA PRO G 48 -41.71 -5.38 29.23
C PRO G 48 -41.58 -6.13 30.58
N THR G 49 -41.61 -7.46 30.55
CA THR G 49 -41.41 -8.27 31.77
C THR G 49 -40.00 -8.12 32.34
N GLU G 50 -39.00 -8.00 31.47
CA GLU G 50 -37.60 -7.76 31.87
C GLU G 50 -37.42 -6.37 32.50
N LEU G 51 -37.93 -5.35 31.81
CA LEU G 51 -37.84 -3.97 32.29
C LEU G 51 -38.69 -3.73 33.55
N GLY G 52 -39.88 -4.33 33.58
CA GLY G 52 -40.77 -4.25 34.74
C GLY G 52 -40.20 -4.87 36.00
N ASP G 53 -39.39 -5.92 35.85
CA ASP G 53 -38.72 -6.56 37.00
C ASP G 53 -37.66 -5.63 37.60
N VAL G 54 -36.93 -4.91 36.74
CA VAL G 54 -35.93 -3.92 37.18
C VAL G 54 -36.61 -2.70 37.81
N ALA G 55 -37.79 -2.33 37.29
CA ALA G 55 -38.61 -1.25 37.85
C ALA G 55 -39.11 -1.55 39.26
N ASP G 56 -39.38 -2.83 39.55
CA ASP G 56 -39.77 -3.26 40.91
C ASP G 56 -38.63 -3.11 41.93
N HIS G 57 -37.39 -3.32 41.46
CA HIS G 57 -36.19 -3.18 42.31
C HIS G 57 -35.49 -1.81 42.21
N TYR G 58 -36.11 -0.84 41.52
CA TYR G 58 -35.52 0.50 41.36
C TYR G 58 -35.51 1.30 42.68
N GLU G 59 -36.48 1.02 43.55
CA GLU G 59 -36.48 1.53 44.92
C GLU G 59 -35.20 1.10 45.66
N GLU G 60 -34.84 -0.18 45.50
CA GLU G 60 -33.61 -0.72 46.10
C GLU G 60 -32.35 -0.24 45.38
N LEU G 61 -32.39 -0.16 44.05
CA LEU G 61 -31.23 0.29 43.25
C LEU G 61 -30.85 1.74 43.53
N GLN G 62 -31.85 2.61 43.61
CA GLN G 62 -31.62 4.02 43.97
C GLN G 62 -31.01 4.17 45.36
N LYS G 63 -31.41 3.31 46.30
CA LYS G 63 -30.88 3.33 47.67
C LYS G 63 -29.37 2.99 47.70
N LEU G 64 -28.96 2.04 46.87
CA LEU G 64 -27.54 1.68 46.71
C LEU G 64 -26.73 2.77 45.98
N GLY G 65 -27.41 3.60 45.18
CA GLY G 65 -26.78 4.71 44.45
C GLY G 65 -26.48 4.36 43.02
N VAL G 66 -27.43 3.69 42.37
CA VAL G 66 -27.21 3.07 41.06
C VAL G 66 -28.16 3.68 40.04
N ASP G 67 -27.59 4.22 38.95
CA ASP G 67 -28.38 4.68 37.81
C ASP G 67 -28.75 3.48 36.97
N VAL G 68 -29.93 3.55 36.36
CA VAL G 68 -30.38 2.56 35.39
C VAL G 68 -30.61 3.28 34.07
N TYR G 69 -30.07 2.72 32.99
CA TYR G 69 -30.20 3.29 31.66
C TYR G 69 -30.70 2.21 30.71
N ALA G 70 -32.00 2.24 30.40
CA ALA G 70 -32.58 1.33 29.43
C ALA G 70 -32.24 1.85 28.02
N VAL G 71 -31.68 0.98 27.19
CA VAL G 71 -31.17 1.39 25.87
C VAL G 71 -31.71 0.50 24.75
N SER G 72 -32.14 1.13 23.66
CA SER G 72 -32.52 0.43 22.43
C SER G 72 -32.29 1.33 21.22
N THR G 73 -32.36 0.76 20.02
CA THR G 73 -32.18 1.52 18.78
C THR G 73 -33.41 2.37 18.39
N ASP G 74 -34.51 2.25 19.14
CA ASP G 74 -35.70 3.10 18.91
C ASP G 74 -35.43 4.51 19.37
N THR G 75 -36.22 5.45 18.88
CA THR G 75 -36.08 6.86 19.25
C THR G 75 -36.66 7.12 20.64
N HIS G 76 -36.18 8.20 21.26
CA HIS G 76 -36.71 8.67 22.55
C HIS G 76 -38.19 9.09 22.48
N PHE G 77 -38.66 9.48 21.30
CA PHE G 77 -40.08 9.77 21.07
C PHE G 77 -40.93 8.51 21.23
N THR G 78 -40.42 7.39 20.72
CA THR G 78 -41.08 6.09 20.83
C THR G 78 -41.17 5.59 22.28
N HIS G 79 -40.13 5.86 23.07
CA HIS G 79 -40.12 5.48 24.49
C HIS G 79 -41.24 6.14 25.29
N LYS G 80 -41.51 7.41 24.98
CA LYS G 80 -42.63 8.14 25.60
C LYS G 80 -43.98 7.49 25.30
N ALA G 81 -44.19 7.08 24.06
CA ALA G 81 -45.44 6.42 23.66
C ALA G 81 -45.61 5.07 24.34
N TRP G 82 -44.55 4.28 24.35
CA TRP G 82 -44.54 2.96 24.99
C TRP G 82 -44.71 3.06 26.51
N HIS G 83 -44.25 4.16 27.10
CA HIS G 83 -44.48 4.45 28.51
C HIS G 83 -45.95 4.68 28.83
N SER G 84 -46.65 5.41 27.96
CA SER G 84 -48.07 5.71 28.15
C SER G 84 -48.97 4.49 27.92
N SER G 85 -48.71 3.77 26.83
CA SER G 85 -49.57 2.66 26.41
C SER G 85 -49.48 1.42 27.30
N SER G 86 -48.27 0.97 27.57
CA SER G 86 -48.04 -0.25 28.35
C SER G 86 -48.07 0.04 29.85
N GLU G 87 -48.70 -0.86 30.61
CA GLU G 87 -48.80 -0.73 32.07
C GLU G 87 -47.49 -1.06 32.77
N THR G 88 -46.82 -2.10 32.30
CA THR G 88 -45.53 -2.54 32.88
C THR G 88 -44.41 -1.52 32.68
N ILE G 89 -44.49 -0.73 31.60
CA ILE G 89 -43.50 0.30 31.29
C ILE G 89 -43.80 1.61 32.05
N ALA G 90 -45.08 1.85 32.36
CA ALA G 90 -45.49 3.05 33.10
C ALA G 90 -44.86 3.18 34.49
N LYS G 91 -44.61 2.05 35.16
CA LYS G 91 -43.98 2.06 36.49
C LYS G 91 -42.48 2.40 36.49
N ILE G 92 -41.84 2.37 35.32
CA ILE G 92 -40.42 2.71 35.17
C ILE G 92 -40.18 4.19 35.49
N LYS G 93 -39.25 4.47 36.41
CA LYS G 93 -38.88 5.85 36.77
C LYS G 93 -37.41 6.20 36.42
N TYR G 94 -36.77 5.34 35.63
CA TYR G 94 -35.39 5.55 35.16
C TYR G 94 -35.36 5.95 33.69
N ALA G 95 -34.19 6.38 33.22
CA ALA G 95 -34.02 6.92 31.87
C ALA G 95 -34.16 5.83 30.80
N MET G 96 -34.95 6.11 29.77
CA MET G 96 -35.08 5.24 28.59
C MET G 96 -34.34 5.89 27.42
N ILE G 97 -33.06 5.53 27.27
CA ILE G 97 -32.17 6.14 26.27
C ILE G 97 -32.48 5.64 24.87
N GLY G 98 -32.74 6.56 23.95
CA GLY G 98 -32.87 6.27 22.53
C GLY G 98 -31.50 6.24 21.86
N ASP G 99 -31.31 5.31 20.93
CA ASP G 99 -30.02 5.13 20.25
C ASP G 99 -30.20 4.80 18.76
N PRO G 100 -30.91 5.67 18.01
CA PRO G 100 -31.14 5.42 16.58
C PRO G 100 -29.86 5.31 15.72
N THR G 101 -28.81 6.04 16.09
CA THR G 101 -27.50 5.92 15.44
C THR G 101 -26.83 4.57 15.74
N GLY G 102 -27.11 4.02 16.92
CA GLY G 102 -26.52 2.75 17.36
C GLY G 102 -25.11 2.91 17.93
N ALA G 103 -24.72 4.15 18.22
CA ALA G 103 -23.36 4.46 18.69
C ALA G 103 -23.12 3.92 20.09
N LEU G 104 -24.09 4.17 20.99
CA LEU G 104 -24.04 3.65 22.36
C LEU G 104 -24.08 2.12 22.36
N THR G 105 -24.93 1.53 21.50
CA THR G 105 -25.02 0.09 21.35
C THR G 105 -23.73 -0.53 20.80
N ARG G 106 -23.13 0.14 19.81
CA ARG G 106 -21.85 -0.31 19.24
C ARG G 106 -20.66 -0.09 20.18
N ASN G 107 -20.71 0.94 21.02
CA ASN G 107 -19.68 1.16 22.05
C ASN G 107 -19.52 -0.05 22.98
N PHE G 108 -20.63 -0.71 23.30
CA PHE G 108 -20.64 -1.92 24.14
C PHE G 108 -20.60 -3.24 23.35
N ASP G 109 -20.32 -3.18 22.04
CA ASP G 109 -20.30 -4.37 21.16
C ASP G 109 -21.55 -5.23 21.33
N ASN G 110 -22.71 -4.61 21.06
CA ASN G 110 -23.99 -5.22 21.37
C ASN G 110 -25.07 -5.01 20.30
N MET G 111 -24.65 -4.87 19.04
CA MET G 111 -25.58 -4.66 17.93
C MET G 111 -25.77 -5.98 17.16
N ARG G 112 -27.01 -6.23 16.76
CA ARG G 112 -27.31 -7.24 15.76
C ARG G 112 -27.22 -6.54 14.40
N GLU G 113 -26.18 -6.86 13.63
CA GLU G 113 -25.85 -6.09 12.44
C GLU G 113 -26.87 -6.23 11.31
N ASP G 114 -27.28 -7.48 11.04
CA ASP G 114 -28.31 -7.76 10.03
C ASP G 114 -29.73 -7.34 10.46
N GLU G 115 -29.97 -7.23 11.77
CA GLU G 115 -31.28 -6.92 12.35
C GLU G 115 -31.45 -5.41 12.65
N GLY G 116 -30.39 -4.76 13.09
CA GLY G 116 -30.40 -3.33 13.44
C GLY G 116 -30.96 -3.01 14.82
N LEU G 117 -30.87 -3.98 15.74
CA LEU G 117 -31.40 -3.85 17.10
C LEU G 117 -30.33 -4.31 18.10
N ALA G 118 -30.44 -3.84 19.34
CA ALA G 118 -29.50 -4.21 20.39
C ALA G 118 -29.85 -5.58 20.98
N ASP G 119 -28.83 -6.36 21.34
CA ASP G 119 -29.04 -7.66 22.03
C ASP G 119 -29.48 -7.44 23.48
N ARG G 120 -30.02 -8.50 24.09
CA ARG G 120 -30.40 -8.47 25.51
C ARG G 120 -29.15 -8.58 26.38
N ALA G 121 -28.57 -7.43 26.74
CA ALA G 121 -27.31 -7.37 27.49
C ALA G 121 -27.34 -6.31 28.59
N THR G 122 -26.90 -6.70 29.79
CA THR G 122 -26.80 -5.80 30.94
C THR G 122 -25.33 -5.60 31.30
N PHE G 123 -24.95 -4.34 31.54
CA PHE G 123 -23.58 -3.98 31.93
C PHE G 123 -23.61 -3.19 33.23
N VAL G 124 -22.89 -3.68 34.25
CA VAL G 124 -22.75 -2.98 35.53
C VAL G 124 -21.44 -2.18 35.54
N VAL G 125 -21.57 -0.86 35.52
CA VAL G 125 -20.42 0.06 35.44
C VAL G 125 -20.23 0.76 36.78
N ASP G 126 -18.96 0.85 37.22
CA ASP G 126 -18.61 1.44 38.52
C ASP G 126 -18.33 2.97 38.38
N PRO G 127 -18.06 3.67 39.52
CA PRO G 127 -17.79 5.12 39.46
C PRO G 127 -16.69 5.60 38.50
N GLN G 128 -15.64 4.80 38.34
CA GLN G 128 -14.54 5.15 37.44
C GLN G 128 -14.86 4.91 35.95
N GLY G 129 -15.98 4.25 35.66
CA GLY G 129 -16.42 3.97 34.29
C GLY G 129 -16.04 2.57 33.82
N ILE G 130 -15.56 1.73 34.73
CA ILE G 130 -15.05 0.40 34.39
C ILE G 130 -16.19 -0.62 34.47
N ILE G 131 -16.29 -1.49 33.46
CA ILE G 131 -17.34 -2.51 33.38
C ILE G 131 -17.00 -3.68 34.29
N GLN G 132 -17.74 -3.81 35.40
CA GLN G 132 -17.47 -4.83 36.42
C GLN G 132 -18.26 -6.14 36.24
N ALA G 133 -19.34 -6.12 35.45
CA ALA G 133 -20.12 -7.33 35.18
C ALA G 133 -20.96 -7.20 33.89
N ILE G 134 -20.86 -8.22 33.03
CA ILE G 134 -21.62 -8.29 31.79
C ILE G 134 -22.58 -9.48 31.86
N GLU G 135 -23.74 -9.36 31.21
CA GLU G 135 -24.76 -10.41 31.20
C GLU G 135 -25.57 -10.35 29.90
N VAL G 136 -25.29 -11.29 28.99
CA VAL G 136 -25.96 -11.35 27.68
C VAL G 136 -26.79 -12.64 27.58
N THR G 137 -27.96 -12.55 26.94
CA THR G 137 -28.82 -13.72 26.67
C THR G 137 -29.44 -13.65 25.28
N ALA G 138 -29.91 -14.80 24.80
CA ALA G 138 -30.59 -14.90 23.51
C ALA G 138 -32.00 -14.32 23.56
N GLU G 139 -32.65 -14.24 22.39
CA GLU G 139 -33.94 -13.54 22.24
C GLU G 139 -35.03 -14.06 23.18
N GLY G 140 -35.14 -15.38 23.31
CA GLY G 140 -36.15 -15.99 24.16
C GLY G 140 -35.91 -15.86 25.66
N ILE G 141 -34.64 -15.91 26.07
CA ILE G 141 -34.27 -16.04 27.48
C ILE G 141 -34.36 -14.69 28.20
N GLY G 142 -34.95 -14.71 29.40
CA GLY G 142 -35.13 -13.51 30.23
C GLY G 142 -34.06 -13.35 31.30
N ARG G 143 -33.75 -12.10 31.65
CA ARG G 143 -32.78 -11.76 32.70
C ARG G 143 -33.48 -11.56 34.04
N ASP G 144 -32.80 -11.95 35.12
CA ASP G 144 -33.35 -11.87 36.48
C ASP G 144 -32.81 -10.63 37.18
N ALA G 145 -33.72 -9.81 37.72
CA ALA G 145 -33.35 -8.54 38.37
C ALA G 145 -32.71 -8.73 39.75
N SER G 146 -33.09 -9.79 40.45
CA SER G 146 -32.48 -10.12 41.75
C SER G 146 -31.02 -10.53 41.63
N ASP G 147 -30.68 -11.25 40.56
CA ASP G 147 -29.29 -11.61 40.26
C ASP G 147 -28.43 -10.39 39.96
N LEU G 148 -29.00 -9.38 39.30
CA LEU G 148 -28.32 -8.11 39.05
C LEU G 148 -27.95 -7.41 40.36
N LEU G 149 -28.89 -7.38 41.30
CA LEU G 149 -28.65 -6.79 42.64
C LEU G 149 -27.53 -7.51 43.42
N ARG G 150 -27.43 -8.83 43.25
CA ARG G 150 -26.34 -9.61 43.86
C ARG G 150 -24.99 -9.16 43.30
N LYS G 151 -24.90 -9.03 41.99
CA LYS G 151 -23.66 -8.63 41.31
C LYS G 151 -23.25 -7.18 41.62
N ILE G 152 -24.22 -6.28 41.74
CA ILE G 152 -23.96 -4.89 42.11
C ILE G 152 -23.46 -4.80 43.56
N LYS G 153 -24.17 -5.46 44.47
CA LYS G 153 -23.77 -5.54 45.88
C LYS G 153 -22.40 -6.19 46.07
N ALA G 154 -22.10 -7.19 45.25
CA ALA G 154 -20.77 -7.80 45.21
C ALA G 154 -19.73 -6.79 44.72
N ALA G 155 -20.00 -6.18 43.56
CA ALA G 155 -19.10 -5.19 42.95
C ALA G 155 -18.80 -4.02 43.88
N GLN G 156 -19.82 -3.51 44.56
CA GLN G 156 -19.67 -2.44 45.56
C GLN G 156 -18.78 -2.86 46.73
N TYR G 157 -18.94 -4.10 47.18
CA TYR G 157 -18.11 -4.66 48.25
C TYR G 157 -16.63 -4.79 47.87
N VAL G 158 -16.34 -5.21 46.63
CA VAL G 158 -14.94 -5.41 46.20
C VAL G 158 -14.24 -4.06 46.05
N ALA G 159 -14.97 -3.08 45.52
CA ALA G 159 -14.45 -1.72 45.35
C ALA G 159 -14.12 -1.07 46.70
N SER G 160 -15.06 -1.14 47.63
CA SER G 160 -14.90 -0.56 48.97
C SER G 160 -13.92 -1.31 49.88
N HIS G 161 -13.76 -2.62 49.64
CA HIS G 161 -12.80 -3.44 50.40
C HIS G 161 -11.68 -3.97 49.47
N PRO G 162 -10.60 -3.17 49.31
CA PRO G 162 -9.39 -3.67 48.64
C PRO G 162 -8.72 -4.82 49.41
N GLY G 163 -8.27 -5.84 48.67
CA GLY G 163 -7.68 -7.04 49.27
C GLY G 163 -8.70 -8.16 49.41
N GLU G 164 -9.87 -7.83 50.03
CA GLU G 164 -11.00 -8.77 50.17
C GLU G 164 -11.68 -9.01 48.83
N VAL G 165 -12.31 -10.18 48.70
CA VAL G 165 -12.97 -10.62 47.47
C VAL G 165 -14.18 -11.51 47.79
N CYS G 166 -15.26 -11.35 47.03
CA CYS G 166 -16.50 -12.12 47.23
C CYS G 166 -16.41 -13.49 46.54
N PRO G 167 -16.87 -14.56 47.22
CA PRO G 167 -16.99 -15.87 46.56
C PRO G 167 -18.37 -16.09 45.95
N MET H 1 -17.37 -7.83 17.76
CA MET H 1 -17.98 -9.19 17.54
C MET H 1 -18.77 -9.65 18.78
N SER H 2 -20.09 -9.47 18.73
CA SER H 2 -20.97 -10.02 19.76
C SER H 2 -21.13 -11.52 19.53
N LEU H 3 -20.74 -12.33 20.52
CA LEU H 3 -20.77 -13.79 20.40
C LEU H 3 -22.14 -14.42 20.61
N ILE H 4 -23.10 -13.66 21.14
CA ILE H 4 -24.46 -14.18 21.38
C ILE H 4 -25.11 -14.55 20.04
N ASN H 5 -25.75 -15.73 20.02
CA ASN H 5 -26.38 -16.28 18.81
C ASN H 5 -25.38 -16.62 17.69
N THR H 6 -24.17 -17.03 18.07
CA THR H 6 -23.11 -17.45 17.12
C THR H 6 -22.60 -18.84 17.46
N LYS H 7 -22.18 -19.57 16.44
CA LYS H 7 -21.67 -20.94 16.61
C LYS H 7 -20.28 -20.93 17.22
N ILE H 8 -20.02 -21.87 18.13
CA ILE H 8 -18.69 -22.02 18.74
C ILE H 8 -17.68 -22.53 17.71
N LYS H 9 -16.44 -22.05 17.84
CA LYS H 9 -15.37 -22.43 16.91
C LYS H 9 -14.77 -23.78 17.31
N PRO H 10 -14.11 -24.49 16.37
CA PRO H 10 -13.50 -25.78 16.72
C PRO H 10 -12.34 -25.65 17.71
N PHE H 11 -12.12 -26.68 18.51
CA PHE H 11 -11.01 -26.71 19.48
C PHE H 11 -10.51 -28.14 19.73
N LYS H 12 -9.34 -28.23 20.36
CA LYS H 12 -8.67 -29.50 20.61
C LYS H 12 -7.77 -29.33 21.84
N ASN H 13 -8.31 -29.68 23.01
CA ASN H 13 -7.63 -29.49 24.29
C ASN H 13 -7.53 -30.79 25.10
N GLN H 14 -6.56 -30.83 26.00
CA GLN H 14 -6.39 -31.90 26.98
C GLN H 14 -7.09 -31.51 28.27
N ALA H 15 -7.72 -32.48 28.93
CA ALA H 15 -8.52 -32.23 30.13
C ALA H 15 -8.30 -33.30 31.21
N PHE H 16 -8.88 -33.05 32.38
CA PHE H 16 -8.87 -33.99 33.49
C PHE H 16 -10.32 -34.24 33.91
N LYS H 17 -10.68 -35.51 34.09
CA LYS H 17 -12.05 -35.89 34.45
C LYS H 17 -12.07 -37.26 35.15
N ASN H 18 -12.33 -37.24 36.46
CA ASN H 18 -12.42 -38.45 37.29
C ASN H 18 -11.17 -39.34 37.21
N GLY H 19 -10.01 -38.74 37.46
CA GLY H 19 -8.75 -39.49 37.59
C GLY H 19 -7.93 -39.64 36.32
N GLU H 20 -8.59 -39.85 35.19
CA GLU H 20 -7.90 -40.08 33.90
C GLU H 20 -7.90 -38.81 33.04
N PHE H 21 -6.92 -38.73 32.14
CA PHE H 21 -6.84 -37.63 31.17
C PHE H 21 -7.61 -38.01 29.91
N ILE H 22 -8.23 -37.01 29.27
CA ILE H 22 -8.99 -37.20 28.03
C ILE H 22 -8.85 -36.00 27.10
N GLU H 23 -9.08 -36.24 25.80
CA GLU H 23 -9.10 -35.19 24.79
C GLU H 23 -10.55 -34.78 24.56
N ILE H 24 -10.80 -33.46 24.48
CA ILE H 24 -12.15 -32.91 24.26
C ILE H 24 -12.12 -31.94 23.08
N THR H 25 -13.02 -32.17 22.13
CA THR H 25 -13.13 -31.33 20.92
C THR H 25 -14.56 -30.83 20.77
N GLU H 26 -14.78 -29.98 19.76
CA GLU H 26 -16.13 -29.51 19.41
C GLU H 26 -17.09 -30.64 18.99
N LYS H 27 -16.56 -31.75 18.47
CA LYS H 27 -17.38 -32.94 18.17
C LYS H 27 -18.09 -33.52 19.40
N ASP H 28 -17.45 -33.45 20.57
CA ASP H 28 -18.04 -33.96 21.82
C ASP H 28 -19.21 -33.11 22.34
N THR H 29 -19.24 -31.82 21.99
CA THR H 29 -20.33 -30.92 22.37
C THR H 29 -21.57 -30.98 21.46
N GLU H 30 -21.45 -31.66 20.32
CA GLU H 30 -22.56 -31.74 19.35
C GLU H 30 -23.73 -32.57 19.87
N GLY H 31 -24.94 -32.08 19.62
CA GLY H 31 -26.15 -32.77 20.03
C GLY H 31 -26.46 -32.76 21.52
N ARG H 32 -25.75 -31.95 22.30
CA ARG H 32 -25.93 -31.85 23.75
C ARG H 32 -25.67 -30.43 24.25
N TRP H 33 -26.35 -30.06 25.33
CA TRP H 33 -26.12 -28.78 25.99
C TRP H 33 -24.75 -28.78 26.66
N SER H 34 -24.06 -27.63 26.62
CA SER H 34 -22.71 -27.50 27.18
C SER H 34 -22.58 -26.20 27.95
N VAL H 35 -21.71 -26.22 28.96
CA VAL H 35 -21.40 -25.05 29.79
C VAL H 35 -19.89 -24.90 29.86
N PHE H 36 -19.37 -23.88 29.17
CA PHE H 36 -17.94 -23.54 29.20
C PHE H 36 -17.68 -22.54 30.32
N PHE H 37 -17.22 -23.05 31.46
CA PHE H 37 -17.03 -22.25 32.67
C PHE H 37 -15.56 -21.82 32.82
N PHE H 38 -15.27 -20.58 32.41
CA PHE H 38 -13.91 -20.04 32.49
C PHE H 38 -13.61 -19.46 33.87
N TYR H 39 -12.34 -19.53 34.27
CA TYR H 39 -11.86 -18.92 35.51
C TYR H 39 -10.34 -18.67 35.40
N PRO H 40 -9.79 -17.67 36.14
CA PRO H 40 -8.40 -17.25 35.93
C PRO H 40 -7.33 -18.32 36.11
N ALA H 41 -7.23 -18.92 37.30
CA ALA H 41 -6.14 -19.84 37.60
C ALA H 41 -6.43 -20.79 38.75
N ASP H 42 -5.67 -21.88 38.79
CA ASP H 42 -5.70 -22.85 39.88
C ASP H 42 -4.93 -22.30 41.08
N PHE H 43 -5.18 -22.93 42.24
CA PHE H 43 -4.58 -22.55 43.52
C PHE H 43 -4.79 -21.08 43.88
N THR H 44 -6.01 -20.62 43.65
CA THR H 44 -6.46 -19.27 44.01
C THR H 44 -7.59 -19.38 45.03
N PHE H 45 -8.02 -18.24 45.57
CA PHE H 45 -8.94 -18.21 46.71
C PHE H 45 -10.42 -18.17 46.33
N VAL H 46 -10.76 -17.46 45.26
CA VAL H 46 -12.17 -17.28 44.84
C VAL H 46 -12.67 -18.43 43.96
N CYS H 47 -11.78 -19.00 43.15
CA CYS H 47 -12.16 -20.02 42.15
C CYS H 47 -12.76 -21.32 42.70
N PRO H 48 -12.23 -21.86 43.83
CA PRO H 48 -12.81 -23.09 44.38
C PRO H 48 -14.28 -22.98 44.82
N THR H 49 -14.68 -21.79 45.29
CA THR H 49 -16.05 -21.54 45.74
C THR H 49 -17.04 -21.53 44.57
N GLU H 50 -16.62 -20.97 43.43
CA GLU H 50 -17.42 -20.94 42.20
C GLU H 50 -17.56 -22.34 41.61
N LEU H 51 -16.44 -23.02 41.41
CA LEU H 51 -16.40 -24.38 40.84
C LEU H 51 -17.10 -25.40 41.73
N GLY H 52 -16.97 -25.24 43.05
CA GLY H 52 -17.63 -26.09 44.03
C GLY H 52 -19.14 -25.98 44.02
N ASP H 53 -19.64 -24.78 43.76
CA ASP H 53 -21.09 -24.53 43.66
C ASP H 53 -21.70 -25.21 42.43
N VAL H 54 -20.96 -25.22 41.32
CA VAL H 54 -21.39 -25.90 40.09
C VAL H 54 -21.37 -27.42 40.29
N ALA H 55 -20.40 -27.92 41.06
CA ALA H 55 -20.31 -29.34 41.41
C ALA H 55 -21.51 -29.82 42.24
N ASP H 56 -22.04 -28.95 43.11
CA ASP H 56 -23.23 -29.26 43.91
C ASP H 56 -24.49 -29.41 43.05
N HIS H 57 -24.56 -28.62 41.98
CA HIS H 57 -25.67 -28.69 41.01
C HIS H 57 -25.38 -29.58 39.78
N TYR H 58 -24.29 -30.35 39.80
CA TYR H 58 -23.89 -31.17 38.64
C TYR H 58 -24.86 -32.35 38.39
N GLU H 59 -25.33 -32.98 39.47
CA GLU H 59 -26.39 -34.00 39.37
C GLU H 59 -27.62 -33.44 38.68
N GLU H 60 -28.02 -32.22 39.08
CA GLU H 60 -29.15 -31.52 38.46
C GLU H 60 -28.87 -31.18 36.99
N LEU H 61 -27.64 -30.76 36.69
CA LEU H 61 -27.22 -30.43 35.33
C LEU H 61 -27.16 -31.65 34.41
N GLN H 62 -26.61 -32.76 34.90
CA GLN H 62 -26.57 -34.02 34.15
C GLN H 62 -27.96 -34.56 33.81
N LYS H 63 -28.90 -34.38 34.74
CA LYS H 63 -30.31 -34.73 34.51
C LYS H 63 -30.95 -33.94 33.37
N LEU H 64 -30.60 -32.66 33.26
CA LEU H 64 -31.07 -31.79 32.17
C LEU H 64 -30.35 -32.03 30.83
N GLY H 65 -29.34 -32.92 30.82
CA GLY H 65 -28.62 -33.27 29.60
C GLY H 65 -27.58 -32.23 29.25
N VAL H 66 -26.88 -31.75 30.27
CA VAL H 66 -25.96 -30.63 30.17
C VAL H 66 -24.58 -31.07 30.66
N ASP H 67 -23.57 -30.94 29.81
CA ASP H 67 -22.18 -31.17 30.18
C ASP H 67 -21.61 -29.86 30.71
N VAL H 68 -20.60 -29.96 31.56
CA VAL H 68 -19.86 -28.80 32.08
C VAL H 68 -18.40 -28.95 31.69
N TYR H 69 -17.77 -27.83 31.34
CA TYR H 69 -16.36 -27.78 30.95
C TYR H 69 -15.66 -26.62 31.65
N ALA H 70 -14.97 -26.93 32.75
CA ALA H 70 -14.18 -25.93 33.48
C ALA H 70 -12.92 -25.65 32.67
N VAL H 71 -12.69 -24.38 32.34
CA VAL H 71 -11.56 -24.00 31.50
C VAL H 71 -10.66 -22.99 32.22
N SER H 72 -9.34 -23.17 32.08
CA SER H 72 -8.37 -22.16 32.50
C SER H 72 -7.06 -22.35 31.74
N THR H 73 -6.19 -21.34 31.84
CA THR H 73 -4.92 -21.33 31.11
C THR H 73 -3.82 -22.22 31.74
N ASP H 74 -4.11 -22.89 32.85
CA ASP H 74 -3.21 -23.89 33.42
C ASP H 74 -3.27 -25.19 32.61
N THR H 75 -2.27 -26.04 32.80
CA THR H 75 -2.21 -27.34 32.12
C THR H 75 -3.16 -28.34 32.77
N HIS H 76 -3.46 -29.39 32.03
CA HIS H 76 -4.26 -30.52 32.53
C HIS H 76 -3.57 -31.31 33.65
N PHE H 77 -2.24 -31.25 33.69
CA PHE H 77 -1.46 -31.82 34.79
C PHE H 77 -1.69 -31.10 36.11
N THR H 78 -1.78 -29.77 36.05
CA THR H 78 -2.06 -28.94 37.23
C THR H 78 -3.45 -29.21 37.81
N HIS H 79 -4.44 -29.39 36.94
CA HIS H 79 -5.82 -29.69 37.36
C HIS H 79 -5.95 -30.98 38.16
N LYS H 80 -5.18 -32.00 37.78
CA LYS H 80 -5.09 -33.26 38.54
C LYS H 80 -4.55 -33.03 39.94
N ALA H 81 -3.48 -32.25 40.05
CA ALA H 81 -2.84 -31.93 41.33
C ALA H 81 -3.76 -31.12 42.25
N TRP H 82 -4.46 -30.15 41.68
CA TRP H 82 -5.40 -29.29 42.40
C TRP H 82 -6.64 -30.08 42.89
N HIS H 83 -7.02 -31.10 42.12
CA HIS H 83 -8.14 -31.98 42.47
C HIS H 83 -7.87 -32.83 43.72
N SER H 84 -6.65 -33.32 43.84
CA SER H 84 -6.20 -34.04 45.03
C SER H 84 -6.02 -33.10 46.22
N SER H 85 -5.40 -31.95 45.98
CA SER H 85 -5.04 -30.99 47.03
C SER H 85 -6.24 -30.34 47.70
N SER H 86 -7.08 -29.68 46.90
CA SER H 86 -8.23 -28.93 47.41
C SER H 86 -9.45 -29.81 47.64
N GLU H 87 -10.20 -29.51 48.69
CA GLU H 87 -11.39 -30.27 49.07
C GLU H 87 -12.59 -29.94 48.19
N THR H 88 -12.81 -28.64 47.98
CA THR H 88 -13.91 -28.16 47.13
C THR H 88 -13.75 -28.55 45.64
N ILE H 89 -12.53 -28.81 45.20
CA ILE H 89 -12.26 -29.27 43.83
C ILE H 89 -12.43 -30.79 43.71
N ALA H 90 -12.11 -31.53 44.77
CA ALA H 90 -12.20 -33.01 44.77
C ALA H 90 -13.59 -33.58 44.44
N LYS H 91 -14.64 -32.84 44.79
CA LYS H 91 -16.02 -33.23 44.49
C LYS H 91 -16.48 -32.95 43.04
N ILE H 92 -15.62 -32.35 42.21
CA ILE H 92 -15.92 -32.08 40.80
C ILE H 92 -15.84 -33.36 39.97
N LYS H 93 -16.99 -33.83 39.47
CA LYS H 93 -17.06 -34.99 38.57
C LYS H 93 -17.01 -34.62 37.08
N TYR H 94 -17.14 -33.32 36.77
CA TYR H 94 -17.08 -32.84 35.37
C TYR H 94 -15.65 -32.61 34.89
N ALA H 95 -15.50 -32.39 33.59
CA ALA H 95 -14.19 -32.21 32.95
C ALA H 95 -13.56 -30.85 33.29
N MET H 96 -12.23 -30.85 33.49
CA MET H 96 -11.45 -29.63 33.72
C MET H 96 -10.45 -29.46 32.59
N ILE H 97 -10.77 -28.60 31.63
CA ILE H 97 -9.97 -28.42 30.42
C ILE H 97 -8.76 -27.53 30.70
N GLY H 98 -7.59 -27.99 30.28
CA GLY H 98 -6.36 -27.19 30.30
C GLY H 98 -6.19 -26.47 28.97
N ASP H 99 -5.83 -25.19 29.03
CA ASP H 99 -5.70 -24.35 27.83
C ASP H 99 -4.42 -23.49 27.89
N PRO H 100 -3.23 -24.14 27.88
CA PRO H 100 -1.97 -23.39 27.91
C PRO H 100 -1.73 -22.48 26.69
N THR H 101 -2.14 -22.92 25.50
CA THR H 101 -2.08 -22.09 24.29
C THR H 101 -2.99 -20.85 24.37
N GLY H 102 -4.11 -20.97 25.07
CA GLY H 102 -5.11 -19.93 25.15
C GLY H 102 -6.06 -19.92 23.96
N ALA H 103 -6.01 -20.99 23.14
CA ALA H 103 -6.80 -21.08 21.92
C ALA H 103 -8.29 -21.11 22.20
N LEU H 104 -8.69 -22.01 23.12
CA LEU H 104 -10.10 -22.13 23.54
C LEU H 104 -10.60 -20.82 24.17
N THR H 105 -9.74 -20.17 24.94
CA THR H 105 -10.07 -18.90 25.58
C THR H 105 -10.22 -17.76 24.56
N ARG H 106 -9.32 -17.72 23.58
CA ARG H 106 -9.37 -16.70 22.51
C ARG H 106 -10.52 -16.91 21.52
N ASN H 107 -11.00 -18.15 21.39
CA ASN H 107 -12.22 -18.43 20.61
C ASN H 107 -13.48 -17.81 21.23
N PHE H 108 -13.54 -17.83 22.56
CA PHE H 108 -14.67 -17.25 23.31
C PHE H 108 -14.46 -15.79 23.73
N ASP H 109 -13.40 -15.14 23.24
CA ASP H 109 -13.11 -13.74 23.52
C ASP H 109 -13.09 -13.46 25.02
N ASN H 110 -12.21 -14.16 25.73
CA ASN H 110 -12.19 -14.13 27.21
C ASN H 110 -10.82 -14.08 27.89
N MET H 111 -9.74 -13.81 27.15
CA MET H 111 -8.41 -13.76 27.75
C MET H 111 -8.08 -12.35 28.24
N ARG H 112 -7.42 -12.29 29.40
CA ARG H 112 -6.74 -11.08 29.85
C ARG H 112 -5.36 -11.12 29.22
N GLU H 113 -5.11 -10.28 28.23
CA GLU H 113 -3.86 -10.35 27.45
C GLU H 113 -2.64 -10.05 28.30
N ASP H 114 -2.72 -9.00 29.12
CA ASP H 114 -1.62 -8.61 30.01
C ASP H 114 -1.32 -9.62 31.14
N GLU H 115 -2.31 -10.42 31.53
CA GLU H 115 -2.15 -11.44 32.57
C GLU H 115 -1.94 -12.87 32.04
N GLY H 116 -2.42 -13.16 30.83
CA GLY H 116 -2.38 -14.51 30.28
C GLY H 116 -3.32 -15.50 30.98
N LEU H 117 -4.40 -14.96 31.56
CA LEU H 117 -5.39 -15.74 32.30
C LEU H 117 -6.78 -15.43 31.77
N ALA H 118 -7.67 -16.42 31.83
CA ALA H 118 -9.03 -16.28 31.34
C ALA H 118 -9.88 -15.52 32.35
N ASP H 119 -10.77 -14.65 31.85
CA ASP H 119 -11.71 -13.93 32.72
C ASP H 119 -12.79 -14.88 33.26
N ARG H 120 -13.48 -14.43 34.32
CA ARG H 120 -14.57 -15.20 34.92
C ARG H 120 -15.81 -15.08 34.05
N ALA H 121 -15.95 -16.01 33.09
CA ALA H 121 -17.08 -16.01 32.15
C ALA H 121 -17.69 -17.40 31.99
N THR H 122 -19.01 -17.44 31.86
CA THR H 122 -19.77 -18.67 31.71
C THR H 122 -20.57 -18.58 30.40
N PHE H 123 -20.48 -19.62 29.57
CA PHE H 123 -21.15 -19.67 28.28
C PHE H 123 -22.06 -20.90 28.18
N VAL H 124 -23.37 -20.66 28.02
CA VAL H 124 -24.35 -21.74 27.82
C VAL H 124 -24.52 -21.97 26.33
N VAL H 125 -24.19 -23.18 25.86
CA VAL H 125 -24.24 -23.55 24.44
C VAL H 125 -25.27 -24.64 24.22
N ASP H 126 -26.09 -24.50 23.18
CA ASP H 126 -27.15 -25.48 22.86
C ASP H 126 -26.58 -26.66 22.05
N PRO H 127 -27.42 -27.70 21.77
CA PRO H 127 -26.99 -28.84 20.94
C PRO H 127 -26.42 -28.52 19.55
N GLN H 128 -26.90 -27.43 18.93
CA GLN H 128 -26.42 -26.99 17.62
C GLN H 128 -25.08 -26.23 17.67
N GLY H 129 -24.62 -25.88 18.87
CA GLY H 129 -23.34 -25.19 19.07
C GLY H 129 -23.47 -23.68 19.18
N ILE H 130 -24.70 -23.17 19.28
CA ILE H 130 -24.97 -21.74 19.32
C ILE H 130 -24.96 -21.27 20.76
N ILE H 131 -24.30 -20.14 21.01
CA ILE H 131 -24.15 -19.58 22.36
C ILE H 131 -25.44 -18.85 22.75
N GLN H 132 -26.14 -19.38 23.75
CA GLN H 132 -27.46 -18.87 24.15
C GLN H 132 -27.43 -17.91 25.34
N ALA H 133 -26.37 -17.95 26.15
CA ALA H 133 -26.22 -17.01 27.27
C ALA H 133 -24.75 -16.82 27.66
N ILE H 134 -24.41 -15.60 28.05
CA ILE H 134 -23.06 -15.23 28.49
C ILE H 134 -23.15 -14.50 29.82
N GLU H 135 -22.20 -14.76 30.71
CA GLU H 135 -22.13 -14.10 32.03
C GLU H 135 -20.67 -13.88 32.39
N VAL H 136 -20.20 -12.65 32.27
CA VAL H 136 -18.82 -12.28 32.59
C VAL H 136 -18.80 -11.40 33.84
N THR H 137 -17.85 -11.67 34.75
CA THR H 137 -17.69 -10.89 35.98
C THR H 137 -16.23 -10.49 36.22
N ALA H 138 -16.04 -9.51 37.10
CA ALA H 138 -14.70 -9.06 37.50
C ALA H 138 -14.05 -10.05 38.47
N GLU H 139 -12.78 -9.78 38.81
CA GLU H 139 -11.97 -10.70 39.64
C GLU H 139 -12.62 -11.01 40.99
N GLY H 140 -13.18 -10.00 41.66
CA GLY H 140 -13.79 -10.17 42.98
C GLY H 140 -15.19 -10.73 42.98
N ILE H 141 -15.97 -10.39 41.95
CA ILE H 141 -17.40 -10.73 41.91
C ILE H 141 -17.60 -12.20 41.52
N GLY H 142 -18.28 -12.95 42.40
CA GLY H 142 -18.53 -14.37 42.20
C GLY H 142 -19.76 -14.63 41.36
N ARG H 143 -19.81 -15.83 40.76
CA ARG H 143 -20.93 -16.26 39.92
C ARG H 143 -21.79 -17.29 40.67
N ASP H 144 -23.10 -17.05 40.69
CA ASP H 144 -24.05 -17.95 41.35
C ASP H 144 -24.44 -19.07 40.39
N ALA H 145 -24.40 -20.31 40.89
CA ALA H 145 -24.76 -21.48 40.10
C ALA H 145 -26.27 -21.70 39.99
N SER H 146 -27.04 -21.14 40.93
CA SER H 146 -28.51 -21.23 40.88
C SER H 146 -29.11 -20.37 39.77
N ASP H 147 -28.49 -19.23 39.47
CA ASP H 147 -28.90 -18.40 38.32
C ASP H 147 -28.53 -19.06 36.98
N LEU H 148 -27.40 -19.76 36.95
CA LEU H 148 -26.97 -20.50 35.75
C LEU H 148 -27.99 -21.58 35.35
N LEU H 149 -28.54 -22.28 36.35
CA LEU H 149 -29.60 -23.27 36.12
C LEU H 149 -30.86 -22.63 35.54
N ARG H 150 -31.26 -21.50 36.11
CA ARG H 150 -32.42 -20.73 35.62
C ARG H 150 -32.26 -20.33 34.15
N LYS H 151 -31.04 -19.98 33.75
CA LYS H 151 -30.74 -19.64 32.35
C LYS H 151 -30.77 -20.84 31.41
N ILE H 152 -30.26 -21.99 31.87
CA ILE H 152 -30.29 -23.23 31.08
C ILE H 152 -31.72 -23.73 30.93
N LYS H 153 -32.47 -23.75 32.04
CA LYS H 153 -33.89 -24.09 32.04
C LYS H 153 -34.71 -23.20 31.09
N ALA H 154 -34.40 -21.90 31.09
CA ALA H 154 -35.03 -20.94 30.20
C ALA H 154 -34.62 -21.14 28.74
N ALA H 155 -33.34 -21.43 28.52
CA ALA H 155 -32.81 -21.68 27.18
C ALA H 155 -33.39 -22.97 26.58
N GLN H 156 -33.52 -24.00 27.41
CA GLN H 156 -34.15 -25.26 27.00
C GLN H 156 -35.65 -25.12 26.69
N TYR H 157 -36.33 -24.25 27.43
CA TYR H 157 -37.76 -24.00 27.22
C TYR H 157 -38.05 -23.37 25.86
N VAL H 158 -37.30 -22.30 25.55
CA VAL H 158 -37.47 -21.58 24.27
C VAL H 158 -37.05 -22.39 23.05
N ALA H 159 -36.07 -23.28 23.22
CA ALA H 159 -35.65 -24.20 22.15
C ALA H 159 -36.76 -25.20 21.83
N SER H 160 -37.32 -25.81 22.87
CA SER H 160 -38.42 -26.76 22.72
C SER H 160 -39.73 -26.10 22.30
N HIS H 161 -39.96 -24.85 22.73
CA HIS H 161 -41.19 -24.11 22.46
C HIS H 161 -40.89 -22.72 21.84
N PRO H 162 -40.47 -22.69 20.55
CA PRO H 162 -40.11 -21.40 19.94
C PRO H 162 -41.33 -20.49 19.72
N GLY H 163 -41.21 -19.23 20.14
CA GLY H 163 -42.27 -18.24 19.95
C GLY H 163 -43.48 -18.48 20.81
N GLU H 164 -43.28 -18.52 22.13
CA GLU H 164 -44.34 -18.79 23.10
C GLU H 164 -45.26 -17.57 23.25
N VAL H 165 -46.52 -17.83 23.60
CA VAL H 165 -47.55 -16.80 23.72
C VAL H 165 -47.35 -15.98 25.02
N CYS H 166 -46.62 -14.86 24.90
CA CYS H 166 -46.44 -13.86 25.97
C CYS H 166 -45.37 -14.30 26.98
N MET I 1 -22.81 11.74 -6.46
CA MET I 1 -23.42 11.49 -7.80
C MET I 1 -24.95 11.41 -7.69
N SER I 2 -25.64 11.85 -8.73
CA SER I 2 -27.10 11.99 -8.71
C SER I 2 -27.82 10.64 -8.85
N LEU I 3 -28.91 10.48 -8.10
CA LEU I 3 -29.74 9.27 -8.14
C LEU I 3 -30.89 9.32 -9.16
N ILE I 4 -31.12 10.50 -9.76
CA ILE I 4 -32.13 10.63 -10.82
C ILE I 4 -31.71 9.82 -12.06
N ASN I 5 -32.67 9.08 -12.62
CA ASN I 5 -32.43 8.21 -13.78
C ASN I 5 -31.43 7.07 -13.49
N THR I 6 -31.55 6.47 -12.30
CA THR I 6 -30.76 5.29 -11.90
C THR I 6 -31.66 4.24 -11.28
N LYS I 7 -31.27 2.97 -11.41
CA LYS I 7 -32.04 1.83 -10.90
C LYS I 7 -31.91 1.73 -9.38
N ILE I 8 -33.03 1.47 -8.69
CA ILE I 8 -33.02 1.27 -7.24
C ILE I 8 -32.28 -0.01 -6.85
N LYS I 9 -31.61 0.01 -5.71
CA LYS I 9 -30.82 -1.12 -5.24
C LYS I 9 -31.72 -2.14 -4.53
N PRO I 10 -31.26 -3.40 -4.39
CA PRO I 10 -32.05 -4.40 -3.67
C PRO I 10 -32.17 -4.12 -2.17
N PHE I 11 -33.32 -4.48 -1.60
CA PHE I 11 -33.58 -4.33 -0.16
C PHE I 11 -34.45 -5.47 0.36
N LYS I 12 -34.50 -5.60 1.69
CA LYS I 12 -35.31 -6.63 2.36
C LYS I 12 -35.72 -6.14 3.74
N ASN I 13 -36.86 -5.46 3.78
CA ASN I 13 -37.35 -4.81 4.99
C ASN I 13 -38.74 -5.30 5.37
N GLN I 14 -39.01 -5.32 6.67
CA GLN I 14 -40.32 -5.70 7.19
C GLN I 14 -41.19 -4.46 7.28
N ALA I 15 -42.50 -4.66 7.18
CA ALA I 15 -43.46 -3.56 7.11
C ALA I 15 -44.79 -3.92 7.78
N PHE I 16 -45.56 -2.87 8.06
CA PHE I 16 -46.91 -2.99 8.62
C PHE I 16 -47.90 -2.50 7.57
N LYS I 17 -48.94 -3.28 7.31
CA LYS I 17 -49.96 -2.94 6.31
C LYS I 17 -51.31 -3.58 6.63
N ASN I 18 -52.27 -2.76 7.07
CA ASN I 18 -53.64 -3.17 7.36
C ASN I 18 -53.74 -4.29 8.42
N GLY I 19 -53.07 -4.07 9.55
CA GLY I 19 -53.11 -4.99 10.70
C GLY I 19 -51.98 -5.99 10.76
N GLU I 20 -51.68 -6.65 9.64
CA GLU I 20 -50.68 -7.72 9.57
C GLU I 20 -49.30 -7.22 9.14
N PHE I 21 -48.25 -7.90 9.64
CA PHE I 21 -46.87 -7.61 9.23
C PHE I 21 -46.53 -8.38 7.95
N ILE I 22 -45.71 -7.77 7.10
CA ILE I 22 -45.26 -8.37 5.84
C ILE I 22 -43.82 -7.99 5.53
N GLU I 23 -43.19 -8.79 4.65
CA GLU I 23 -41.87 -8.50 4.12
C GLU I 23 -42.02 -7.91 2.72
N ILE I 24 -41.26 -6.84 2.44
CA ILE I 24 -41.25 -6.19 1.13
C ILE I 24 -39.82 -6.16 0.60
N THR I 25 -39.67 -6.49 -0.69
CA THR I 25 -38.37 -6.50 -1.37
C THR I 25 -38.47 -5.75 -2.70
N GLU I 26 -37.33 -5.60 -3.37
CA GLU I 26 -37.28 -5.00 -4.72
C GLU I 26 -38.08 -5.78 -5.76
N LYS I 27 -38.24 -7.09 -5.56
CA LYS I 27 -39.10 -7.92 -6.41
C LYS I 27 -40.57 -7.49 -6.40
N ASP I 28 -41.05 -7.01 -5.25
CA ASP I 28 -42.44 -6.57 -5.11
C ASP I 28 -42.76 -5.29 -5.88
N THR I 29 -41.75 -4.44 -6.07
CA THR I 29 -41.90 -3.20 -6.84
C THR I 29 -41.83 -3.36 -8.36
N GLU I 30 -41.36 -4.51 -8.85
CA GLU I 30 -41.18 -4.75 -10.30
C GLU I 30 -42.49 -4.76 -11.07
N GLY I 31 -42.47 -4.17 -12.27
CA GLY I 31 -43.65 -4.08 -13.13
C GLY I 31 -44.71 -3.08 -12.71
N ARG I 32 -44.40 -2.22 -11.72
CA ARG I 32 -45.35 -1.25 -11.18
C ARG I 32 -44.66 0.04 -10.76
N TRP I 33 -45.42 1.13 -10.76
CA TRP I 33 -44.94 2.41 -10.23
C TRP I 33 -44.90 2.36 -8.71
N SER I 34 -43.93 3.05 -8.12
CA SER I 34 -43.69 3.01 -6.68
C SER I 34 -43.29 4.37 -6.11
N VAL I 35 -43.67 4.60 -4.85
CA VAL I 35 -43.36 5.84 -4.13
C VAL I 35 -42.72 5.52 -2.78
N PHE I 36 -41.44 5.86 -2.63
CA PHE I 36 -40.72 5.69 -1.36
C PHE I 36 -40.74 7.00 -0.57
N PHE I 37 -41.61 7.06 0.43
CA PHE I 37 -41.87 8.28 1.20
C PHE I 37 -41.14 8.24 2.55
N PHE I 38 -39.92 8.78 2.57
CA PHE I 38 -39.11 8.81 3.80
C PHE I 38 -39.57 9.92 4.75
N TYR I 39 -39.33 9.70 6.05
CA TYR I 39 -39.57 10.71 7.08
C TYR I 39 -38.74 10.40 8.35
N PRO I 40 -38.51 11.41 9.21
CA PRO I 40 -37.59 11.22 10.36
C PRO I 40 -37.97 10.13 11.36
N ALA I 41 -39.12 10.27 12.02
CA ALA I 41 -39.49 9.35 13.09
C ALA I 41 -40.99 9.29 13.35
N ASP I 42 -41.40 8.24 14.06
CA ASP I 42 -42.76 8.08 14.54
C ASP I 42 -42.92 8.87 15.84
N PHE I 43 -44.18 9.15 16.18
CA PHE I 43 -44.54 9.97 17.34
C PHE I 43 -43.88 11.34 17.33
N THR I 44 -44.02 12.02 16.20
CA THR I 44 -43.55 13.40 16.01
C THR I 44 -44.71 14.26 15.51
N PHE I 45 -44.48 15.57 15.44
CA PHE I 45 -45.55 16.56 15.26
C PHE I 45 -45.91 16.79 13.79
N VAL I 46 -44.91 16.85 12.92
CA VAL I 46 -45.08 17.23 11.51
C VAL I 46 -45.44 16.04 10.60
N CYS I 47 -44.91 14.86 10.90
CA CYS I 47 -45.08 13.66 10.05
C CYS I 47 -46.53 13.20 9.80
N PRO I 48 -47.42 13.28 10.81
CA PRO I 48 -48.81 12.88 10.58
C PRO I 48 -49.56 13.67 9.51
N THR I 49 -49.28 14.97 9.40
CA THR I 49 -49.91 15.81 8.37
C THR I 49 -49.45 15.45 6.96
N GLU I 50 -48.18 15.10 6.80
CA GLU I 50 -47.64 14.64 5.51
C GLU I 50 -48.20 13.28 5.10
N LEU I 51 -48.13 12.32 6.03
CA LEU I 51 -48.60 10.95 5.77
C LEU I 51 -50.12 10.86 5.63
N GLY I 52 -50.83 11.66 6.42
CA GLY I 52 -52.28 11.79 6.30
C GLY I 52 -52.75 12.40 4.99
N ASP I 53 -51.93 13.33 4.46
CA ASP I 53 -52.21 13.95 3.15
C ASP I 53 -52.08 12.95 2.00
N VAL I 54 -51.09 12.06 2.08
CA VAL I 54 -50.90 10.99 1.10
C VAL I 54 -51.99 9.91 1.27
N ALA I 55 -52.42 9.66 2.50
CA ALA I 55 -53.52 8.74 2.79
C ALA I 55 -54.85 9.19 2.19
N ASP I 56 -55.08 10.50 2.14
CA ASP I 56 -56.29 11.06 1.50
C ASP I 56 -56.31 10.83 -0.02
N HIS I 57 -55.13 10.89 -0.65
CA HIS I 57 -55.00 10.68 -2.10
C HIS I 57 -54.69 9.22 -2.51
N TYR I 58 -54.64 8.29 -1.55
CA TYR I 58 -54.33 6.88 -1.84
C TYR I 58 -55.40 6.20 -2.70
N GLU I 59 -56.66 6.65 -2.56
CA GLU I 59 -57.75 6.22 -3.45
C GLU I 59 -57.41 6.54 -4.90
N GLU I 60 -56.96 7.77 -5.14
CA GLU I 60 -56.58 8.23 -6.48
C GLU I 60 -55.29 7.57 -6.97
N LEU I 61 -54.32 7.37 -6.06
CA LEU I 61 -53.04 6.73 -6.41
C LEU I 61 -53.24 5.27 -6.84
N GLN I 62 -53.97 4.50 -6.04
CA GLN I 62 -54.27 3.10 -6.38
C GLN I 62 -54.96 2.93 -7.74
N LYS I 63 -55.77 3.91 -8.14
CA LYS I 63 -56.32 3.98 -9.51
C LYS I 63 -55.22 4.13 -10.57
N LEU I 64 -54.27 5.03 -10.32
CA LEU I 64 -53.13 5.24 -11.22
C LEU I 64 -52.11 4.10 -11.23
N GLY I 65 -52.17 3.21 -10.24
CA GLY I 65 -51.33 2.02 -10.20
C GLY I 65 -49.99 2.28 -9.56
N VAL I 66 -50.02 2.94 -8.39
CA VAL I 66 -48.81 3.29 -7.63
C VAL I 66 -48.91 2.67 -6.24
N ASP I 67 -47.79 2.09 -5.79
CA ASP I 67 -47.66 1.51 -4.45
C ASP I 67 -46.87 2.48 -3.58
N VAL I 68 -47.50 2.94 -2.50
CA VAL I 68 -46.86 3.86 -1.56
C VAL I 68 -46.14 3.07 -0.48
N TYR I 69 -44.90 3.46 -0.19
CA TYR I 69 -44.08 2.83 0.85
C TYR I 69 -43.53 3.91 1.79
N ALA I 70 -44.12 4.02 2.97
CA ALA I 70 -43.65 4.97 3.98
C ALA I 70 -42.51 4.35 4.77
N VAL I 71 -41.32 4.95 4.67
CA VAL I 71 -40.10 4.39 5.25
C VAL I 71 -39.55 5.30 6.35
N SER I 72 -39.02 4.69 7.42
CA SER I 72 -38.32 5.40 8.49
C SER I 72 -37.41 4.45 9.24
N THR I 73 -36.51 5.02 10.05
CA THR I 73 -35.56 4.22 10.83
C THR I 73 -36.20 3.48 12.03
N ASP I 74 -37.47 3.75 12.34
CA ASP I 74 -38.18 3.04 13.40
C ASP I 74 -38.57 1.62 12.96
N THR I 75 -38.85 0.75 13.93
CA THR I 75 -39.21 -0.65 13.64
C THR I 75 -40.65 -0.78 13.15
N HIS I 76 -40.94 -1.92 12.51
CA HIS I 76 -42.29 -2.25 12.04
C HIS I 76 -43.29 -2.41 13.19
N PHE I 77 -42.79 -2.80 14.37
CA PHE I 77 -43.60 -2.84 15.59
C PHE I 77 -44.09 -1.45 15.97
N THR I 78 -43.19 -0.46 15.92
CA THR I 78 -43.49 0.94 16.26
C THR I 78 -44.54 1.54 15.33
N HIS I 79 -44.49 1.17 14.05
CA HIS I 79 -45.48 1.65 13.08
C HIS I 79 -46.91 1.16 13.40
N LYS I 80 -47.04 -0.08 13.88
CA LYS I 80 -48.35 -0.60 14.31
C LYS I 80 -48.91 0.17 15.51
N ALA I 81 -48.05 0.47 16.48
CA ALA I 81 -48.45 1.21 17.68
C ALA I 81 -48.89 2.63 17.34
N TRP I 82 -48.12 3.29 16.48
CA TRP I 82 -48.43 4.64 16.00
C TRP I 82 -49.73 4.68 15.19
N HIS I 83 -49.99 3.61 14.43
CA HIS I 83 -51.23 3.45 13.66
C HIS I 83 -52.48 3.34 14.55
N SER I 84 -52.34 2.69 15.70
CA SER I 84 -53.45 2.54 16.66
C SER I 84 -53.72 3.82 17.47
N SER I 85 -52.65 4.49 17.91
CA SER I 85 -52.76 5.64 18.80
C SER I 85 -53.26 6.90 18.11
N SER I 86 -52.66 7.24 16.97
CA SER I 86 -53.01 8.45 16.21
C SER I 86 -54.18 8.20 15.24
N GLU I 87 -55.00 9.24 15.04
CA GLU I 87 -56.14 9.16 14.10
C GLU I 87 -55.71 9.41 12.65
N THR I 88 -54.82 10.37 12.45
CA THR I 88 -54.29 10.67 11.12
C THR I 88 -53.44 9.54 10.52
N ILE I 89 -52.84 8.71 11.37
CA ILE I 89 -52.06 7.55 10.93
C ILE I 89 -52.99 6.34 10.71
N ALA I 90 -54.09 6.27 11.45
CA ALA I 90 -55.07 5.17 11.34
C ALA I 90 -55.72 5.02 9.95
N LYS I 91 -55.83 6.13 9.20
CA LYS I 91 -56.39 6.10 7.84
C LYS I 91 -55.39 5.71 6.72
N ILE I 92 -54.13 5.43 7.08
CA ILE I 92 -53.12 4.96 6.12
C ILE I 92 -53.36 3.48 5.79
N LYS I 93 -53.76 3.21 4.55
CA LYS I 93 -53.95 1.83 4.07
C LYS I 93 -52.73 1.27 3.29
N TYR I 94 -51.69 2.08 3.13
CA TYR I 94 -50.44 1.66 2.47
C TYR I 94 -49.40 1.14 3.47
N ALA I 95 -48.35 0.52 2.95
CA ALA I 95 -47.32 -0.14 3.77
C ALA I 95 -46.44 0.87 4.52
N MET I 96 -46.13 0.54 5.78
CA MET I 96 -45.23 1.33 6.62
C MET I 96 -43.95 0.53 6.90
N ILE I 97 -42.95 0.70 6.05
CA ILE I 97 -41.71 -0.09 6.11
C ILE I 97 -40.84 0.37 7.28
N GLY I 98 -40.35 -0.61 8.05
CA GLY I 98 -39.39 -0.36 9.12
C GLY I 98 -37.97 -0.62 8.63
N ASP I 99 -37.06 0.32 8.92
CA ASP I 99 -35.67 0.26 8.44
C ASP I 99 -34.68 0.56 9.58
N PRO I 100 -34.65 -0.30 10.62
CA PRO I 100 -33.73 -0.10 11.74
C PRO I 100 -32.24 -0.20 11.36
N THR I 101 -31.91 -1.08 10.42
CA THR I 101 -30.55 -1.19 9.88
C THR I 101 -30.12 0.03 9.08
N GLY I 102 -31.09 0.74 8.48
CA GLY I 102 -30.81 1.92 7.68
C GLY I 102 -30.30 1.61 6.28
N ALA I 103 -30.47 0.37 5.83
CA ALA I 103 -29.96 -0.08 4.53
C ALA I 103 -30.78 0.51 3.38
N LEU I 104 -32.11 0.49 3.52
CA LEU I 104 -33.02 1.06 2.52
C LEU I 104 -32.84 2.59 2.45
N THR I 105 -32.65 3.22 3.60
CA THR I 105 -32.40 4.66 3.69
C THR I 105 -31.05 5.05 3.08
N ARG I 106 -30.01 4.26 3.37
CA ARG I 106 -28.67 4.50 2.81
C ARG I 106 -28.53 4.15 1.31
N ASN I 107 -29.36 3.24 0.81
CA ASN I 107 -29.46 3.00 -0.64
C ASN I 107 -29.91 4.25 -1.40
N PHE I 108 -30.81 5.01 -0.78
CA PHE I 108 -31.41 6.21 -1.39
C PHE I 108 -30.67 7.51 -1.01
N ASP I 109 -29.49 7.38 -0.37
CA ASP I 109 -28.67 8.53 0.06
C ASP I 109 -29.51 9.52 0.88
N ASN I 110 -30.14 9.02 1.93
CA ASN I 110 -31.13 9.78 2.70
C ASN I 110 -31.01 9.64 4.21
N MET I 111 -29.80 9.35 4.71
CA MET I 111 -29.58 9.16 6.14
C MET I 111 -28.95 10.41 6.76
N ARG I 112 -29.53 10.87 7.87
CA ARG I 112 -28.88 11.82 8.76
C ARG I 112 -27.96 10.98 9.65
N GLU I 113 -26.65 11.10 9.45
CA GLU I 113 -25.68 10.22 10.12
C GLU I 113 -25.56 10.50 11.61
N ASP I 114 -25.48 11.79 11.97
CA ASP I 114 -25.39 12.20 13.38
C ASP I 114 -26.68 12.01 14.18
N GLU I 115 -27.83 12.07 13.52
CA GLU I 115 -29.14 11.82 14.16
C GLU I 115 -29.60 10.36 14.09
N GLY I 116 -29.20 9.65 13.04
CA GLY I 116 -29.63 8.26 12.82
C GLY I 116 -31.07 8.11 12.34
N LEU I 117 -31.56 9.12 11.62
CA LEU I 117 -32.92 9.16 11.10
C LEU I 117 -32.91 9.47 9.61
N ALA I 118 -34.02 9.16 8.93
CA ALA I 118 -34.16 9.44 7.50
C ALA I 118 -34.61 10.89 7.27
N ASP I 119 -34.09 11.54 6.22
CA ASP I 119 -34.53 12.89 5.85
C ASP I 119 -35.90 12.84 5.19
N ARG I 120 -36.63 13.96 5.24
CA ARG I 120 -37.92 14.09 4.56
C ARG I 120 -37.70 14.09 3.05
N ALA I 121 -37.82 12.92 2.44
CA ALA I 121 -37.60 12.75 1.01
C ALA I 121 -38.61 11.81 0.35
N THR I 122 -39.11 12.20 -0.83
CA THR I 122 -40.07 11.42 -1.62
C THR I 122 -39.41 11.02 -2.94
N PHE I 123 -39.52 9.74 -3.30
CA PHE I 123 -38.93 9.21 -4.53
C PHE I 123 -39.98 8.52 -5.38
N VAL I 124 -40.16 8.97 -6.63
CA VAL I 124 -41.08 8.36 -7.58
C VAL I 124 -40.30 7.40 -8.49
N VAL I 125 -40.70 6.12 -8.48
CA VAL I 125 -40.01 5.07 -9.25
C VAL I 125 -40.98 4.43 -10.24
N ASP I 126 -40.45 4.03 -11.39
CA ASP I 126 -41.24 3.45 -12.49
C ASP I 126 -41.15 1.90 -12.48
N PRO I 127 -41.94 1.20 -13.33
CA PRO I 127 -41.91 -0.28 -13.43
C PRO I 127 -40.52 -0.93 -13.62
N GLN I 128 -39.62 -0.25 -14.32
CA GLN I 128 -38.26 -0.75 -14.55
C GLN I 128 -37.30 -0.52 -13.36
N GLY I 129 -37.75 0.23 -12.34
CA GLY I 129 -36.97 0.48 -11.13
C GLY I 129 -36.19 1.79 -11.14
N ILE I 130 -36.44 2.63 -12.16
CA ILE I 130 -35.69 3.86 -12.38
C ILE I 130 -36.35 5.02 -11.64
N ILE I 131 -35.54 5.83 -10.95
CA ILE I 131 -36.03 6.98 -10.19
C ILE I 131 -36.31 8.15 -11.15
N GLN I 132 -37.58 8.55 -11.24
CA GLN I 132 -38.05 9.59 -12.16
C GLN I 132 -38.23 10.98 -11.52
N ALA I 133 -38.38 11.03 -10.19
CA ALA I 133 -38.51 12.31 -9.49
C ALA I 133 -38.06 12.19 -8.04
N ILE I 134 -37.41 13.24 -7.54
CA ILE I 134 -36.95 13.32 -6.15
C ILE I 134 -37.40 14.66 -5.56
N GLU I 135 -37.88 14.60 -4.31
CA GLU I 135 -38.25 15.80 -3.55
C GLU I 135 -37.72 15.65 -2.13
N VAL I 136 -36.78 16.50 -1.72
CA VAL I 136 -36.23 16.50 -0.37
C VAL I 136 -36.47 17.87 0.28
N THR I 137 -36.81 17.86 1.57
CA THR I 137 -37.08 19.08 2.32
C THR I 137 -36.42 19.06 3.70
N ALA I 138 -36.32 20.23 4.32
CA ALA I 138 -35.76 20.37 5.67
C ALA I 138 -36.75 19.91 6.74
N GLU I 139 -36.29 19.87 7.99
CA GLU I 139 -37.08 19.38 9.12
C GLU I 139 -38.43 20.08 9.28
N GLY I 140 -38.43 21.40 9.20
CA GLY I 140 -39.65 22.20 9.35
C GLY I 140 -40.58 22.21 8.15
N ILE I 141 -40.02 22.12 6.94
CA ILE I 141 -40.79 22.28 5.70
C ILE I 141 -41.56 21.00 5.37
N GLY I 142 -42.88 21.13 5.19
CA GLY I 142 -43.75 20.03 4.82
C GLY I 142 -43.81 19.82 3.32
N ARG I 143 -44.22 18.61 2.90
CA ARG I 143 -44.36 18.24 1.50
C ARG I 143 -45.85 18.21 1.12
N ASP I 144 -46.15 18.66 -0.10
CA ASP I 144 -47.53 18.73 -0.60
C ASP I 144 -47.83 17.50 -1.46
N ALA I 145 -48.89 16.77 -1.09
CA ALA I 145 -49.30 15.56 -1.81
C ALA I 145 -49.92 15.86 -3.19
N SER I 146 -50.51 17.04 -3.36
CA SER I 146 -51.04 17.47 -4.65
C SER I 146 -49.95 17.63 -5.72
N ASP I 147 -48.78 18.08 -5.28
CA ASP I 147 -47.60 18.16 -6.15
C ASP I 147 -47.09 16.78 -6.56
N LEU I 148 -47.07 15.84 -5.62
CA LEU I 148 -46.60 14.47 -5.87
C LEU I 148 -47.38 13.75 -6.97
N LEU I 149 -48.70 13.94 -6.99
CA LEU I 149 -49.58 13.39 -8.03
C LEU I 149 -49.27 13.98 -9.42
N ARG I 150 -49.08 15.29 -9.47
CA ARG I 150 -48.70 16.00 -10.70
C ARG I 150 -47.40 15.43 -11.30
N LYS I 151 -46.44 15.10 -10.44
CA LYS I 151 -45.17 14.50 -10.86
C LYS I 151 -45.36 13.07 -11.38
N ILE I 152 -46.19 12.30 -10.69
CA ILE I 152 -46.49 10.92 -11.08
C ILE I 152 -47.26 10.89 -12.42
N LYS I 153 -48.28 11.74 -12.55
CA LYS I 153 -49.04 11.86 -13.80
C LYS I 153 -48.16 12.33 -14.97
N ALA I 154 -47.23 13.23 -14.69
CA ALA I 154 -46.23 13.67 -15.67
C ALA I 154 -45.26 12.55 -16.05
N ALA I 155 -44.80 11.81 -15.04
CA ALA I 155 -43.89 10.68 -15.24
C ALA I 155 -44.54 9.53 -16.03
N GLN I 156 -45.79 9.24 -15.71
CA GLN I 156 -46.59 8.24 -16.44
C GLN I 156 -46.87 8.63 -17.89
N TYR I 157 -47.03 9.94 -18.14
CA TYR I 157 -47.27 10.45 -19.49
C TYR I 157 -46.04 10.27 -20.39
N VAL I 158 -44.90 10.75 -19.92
CA VAL I 158 -43.65 10.70 -20.70
C VAL I 158 -43.07 9.29 -20.91
N ALA I 159 -43.43 8.36 -20.02
CA ALA I 159 -43.09 6.94 -20.20
C ALA I 159 -43.87 6.34 -21.36
N SER I 160 -45.20 6.56 -21.36
CA SER I 160 -46.08 6.10 -22.44
C SER I 160 -45.88 6.88 -23.74
N HIS I 161 -45.51 8.16 -23.65
CA HIS I 161 -45.28 9.03 -24.82
C HIS I 161 -43.81 9.47 -24.91
N PRO I 162 -42.92 8.58 -25.42
CA PRO I 162 -41.52 8.95 -25.60
C PRO I 162 -41.30 9.86 -26.81
N MET J 1 -24.18 10.10 0.22
CA MET J 1 -24.63 10.94 1.37
C MET J 1 -25.37 12.18 0.90
N SER J 2 -26.37 12.59 1.66
CA SER J 2 -27.29 13.66 1.25
C SER J 2 -26.65 15.04 1.33
N LEU J 3 -27.17 15.97 0.52
CA LEU J 3 -26.77 17.38 0.54
C LEU J 3 -27.75 18.28 1.28
N ILE J 4 -28.88 17.72 1.73
CA ILE J 4 -29.85 18.48 2.53
C ILE J 4 -29.21 18.84 3.89
N ASN J 5 -29.38 20.10 4.30
CA ASN J 5 -28.76 20.65 5.50
C ASN J 5 -27.22 20.55 5.47
N THR J 6 -26.64 20.91 4.32
CA THR J 6 -25.18 21.01 4.17
C THR J 6 -24.82 22.33 3.49
N LYS J 7 -23.64 22.86 3.83
CA LYS J 7 -23.19 24.14 3.28
C LYS J 7 -22.70 23.98 1.84
N ILE J 8 -23.11 24.89 0.96
CA ILE J 8 -22.69 24.87 -0.44
C ILE J 8 -21.20 25.14 -0.60
N LYS J 9 -20.59 24.50 -1.60
CA LYS J 9 -19.15 24.64 -1.84
C LYS J 9 -18.84 25.95 -2.58
N PRO J 10 -17.57 26.42 -2.52
CA PRO J 10 -17.19 27.62 -3.27
C PRO J 10 -17.21 27.44 -4.79
N PHE J 11 -17.33 28.55 -5.53
CA PHE J 11 -17.33 28.51 -7.00
C PHE J 11 -16.95 29.86 -7.62
N LYS J 12 -16.67 29.82 -8.92
CA LYS J 12 -16.33 31.03 -9.69
C LYS J 12 -16.74 30.82 -11.16
N ASN J 13 -17.92 31.34 -11.51
CA ASN J 13 -18.48 31.20 -12.86
C ASN J 13 -18.82 32.55 -13.47
N GLN J 14 -18.79 32.60 -14.80
CA GLN J 14 -19.23 33.77 -15.57
C GLN J 14 -20.72 33.59 -15.89
N ALA J 15 -21.48 34.68 -15.77
CA ALA J 15 -22.94 34.64 -15.94
C ALA J 15 -23.46 35.79 -16.79
N PHE J 16 -24.56 35.55 -17.50
CA PHE J 16 -25.27 36.56 -18.27
C PHE J 16 -26.45 37.08 -17.45
N LYS J 17 -26.61 38.40 -17.37
CA LYS J 17 -27.70 39.02 -16.61
C LYS J 17 -28.02 40.43 -17.12
N ASN J 18 -29.12 40.55 -17.86
CA ASN J 18 -29.60 41.83 -18.42
C ASN J 18 -28.57 42.52 -19.31
N GLY J 19 -28.23 41.84 -20.40
CA GLY J 19 -27.35 42.38 -21.45
C GLY J 19 -25.92 42.69 -21.05
N GLU J 20 -25.39 42.03 -20.02
CA GLU J 20 -23.98 42.19 -19.62
C GLU J 20 -23.44 40.96 -18.91
N PHE J 21 -22.15 40.70 -19.07
CA PHE J 21 -21.48 39.57 -18.43
C PHE J 21 -20.94 39.97 -17.05
N ILE J 22 -21.16 39.10 -16.07
CA ILE J 22 -20.71 39.31 -14.68
C ILE J 22 -20.20 38.01 -14.07
N GLU J 23 -19.20 38.14 -13.19
CA GLU J 23 -18.66 36.99 -12.46
C GLU J 23 -19.47 36.83 -11.17
N ILE J 24 -19.85 35.59 -10.87
CA ILE J 24 -20.63 35.26 -9.67
C ILE J 24 -19.90 34.18 -8.87
N THR J 25 -19.80 34.41 -7.56
CA THR J 25 -19.11 33.49 -6.65
C THR J 25 -19.99 33.20 -5.43
N GLU J 26 -19.53 32.27 -4.59
CA GLU J 26 -20.22 31.93 -3.32
C GLU J 26 -20.37 33.13 -2.37
N LYS J 27 -19.43 34.06 -2.43
CA LYS J 27 -19.50 35.33 -1.67
C LYS J 27 -20.78 36.13 -1.96
N ASP J 28 -21.22 36.12 -3.22
CA ASP J 28 -22.42 36.86 -3.62
C ASP J 28 -23.72 36.29 -3.04
N THR J 29 -23.74 34.97 -2.80
CA THR J 29 -24.91 34.30 -2.22
C THR J 29 -25.04 34.45 -0.69
N GLU J 30 -23.95 34.85 -0.02
CA GLU J 30 -23.95 34.97 1.45
C GLU J 30 -24.97 35.98 1.96
N GLY J 31 -25.53 35.70 3.14
CA GLY J 31 -26.52 36.60 3.75
C GLY J 31 -27.81 36.84 2.98
N ARG J 32 -28.10 35.99 2.00
CA ARG J 32 -29.31 36.12 1.17
C ARG J 32 -29.81 34.75 0.73
N TRP J 33 -31.11 34.66 0.43
CA TRP J 33 -31.71 33.43 -0.10
C TRP J 33 -31.32 33.28 -1.58
N SER J 34 -30.97 32.04 -1.96
CA SER J 34 -30.47 31.75 -3.30
C SER J 34 -31.14 30.50 -3.87
N VAL J 35 -31.49 30.54 -5.15
CA VAL J 35 -32.09 29.40 -5.86
C VAL J 35 -31.18 29.02 -7.02
N PHE J 36 -30.58 27.83 -6.93
CA PHE J 36 -29.77 27.28 -8.01
C PHE J 36 -30.63 26.38 -8.89
N PHE J 37 -31.11 26.94 -10.00
CA PHE J 37 -32.06 26.27 -10.89
C PHE J 37 -31.32 25.58 -12.05
N PHE J 38 -30.90 24.33 -11.82
CA PHE J 38 -30.16 23.57 -12.84
C PHE J 38 -31.06 23.03 -13.95
N TYR J 39 -30.56 23.08 -15.18
CA TYR J 39 -31.22 22.46 -16.34
C TYR J 39 -30.15 21.97 -17.32
N PRO J 40 -30.50 21.03 -18.24
CA PRO J 40 -29.46 20.39 -19.06
C PRO J 40 -28.79 21.29 -20.10
N ALA J 41 -29.56 21.86 -21.03
CA ALA J 41 -28.97 22.54 -22.19
C ALA J 41 -29.83 23.69 -22.74
N ASP J 42 -29.16 24.58 -23.47
CA ASP J 42 -29.81 25.68 -24.18
C ASP J 42 -30.28 25.19 -25.55
N PHE J 43 -31.24 25.92 -26.12
CA PHE J 43 -31.90 25.57 -27.38
C PHE J 43 -32.54 24.18 -27.34
N THR J 44 -33.38 23.98 -26.34
CA THR J 44 -34.17 22.77 -26.15
C THR J 44 -35.66 23.14 -26.02
N PHE J 45 -36.53 22.14 -26.00
CA PHE J 45 -37.98 22.34 -26.10
C PHE J 45 -38.68 22.54 -24.75
N VAL J 46 -38.34 21.70 -23.78
CA VAL J 46 -39.05 21.66 -22.48
C VAL J 46 -38.48 22.66 -21.46
N CYS J 47 -37.25 23.12 -21.67
CA CYS J 47 -36.56 24.02 -20.73
C CYS J 47 -37.10 25.46 -20.65
N PRO J 48 -37.47 26.07 -21.81
CA PRO J 48 -38.06 27.42 -21.76
C PRO J 48 -39.31 27.58 -20.88
N THR J 49 -40.20 26.59 -20.91
CA THR J 49 -41.42 26.61 -20.09
C THR J 49 -41.13 26.64 -18.59
N GLU J 50 -40.11 25.90 -18.16
CA GLU J 50 -39.67 25.90 -16.75
C GLU J 50 -39.07 27.24 -16.34
N LEU J 51 -38.12 27.71 -17.14
CA LEU J 51 -37.41 28.98 -16.88
C LEU J 51 -38.32 30.20 -17.00
N GLY J 52 -39.27 30.14 -17.94
CA GLY J 52 -40.27 31.20 -18.11
C GLY J 52 -41.24 31.30 -16.95
N ASP J 53 -41.59 30.15 -16.36
CA ASP J 53 -42.48 30.10 -15.20
C ASP J 53 -41.84 30.73 -13.96
N VAL J 54 -40.52 30.54 -13.80
CA VAL J 54 -39.76 31.17 -12.73
C VAL J 54 -39.60 32.68 -12.98
N ALA J 55 -39.42 33.05 -14.25
CA ALA J 55 -39.33 34.46 -14.67
C ALA J 55 -40.60 35.27 -14.34
N ASP J 56 -41.77 34.63 -14.42
CA ASP J 56 -43.05 35.26 -14.06
C ASP J 56 -43.11 35.58 -12.56
N HIS J 57 -42.64 34.63 -11.74
CA HIS J 57 -42.61 34.80 -10.28
C HIS J 57 -41.34 35.48 -9.73
N TYR J 58 -40.44 35.93 -10.62
CA TYR J 58 -39.19 36.59 -10.20
C TYR J 58 -39.41 37.92 -9.49
N GLU J 59 -40.47 38.63 -9.86
CA GLU J 59 -40.87 39.87 -9.17
C GLU J 59 -41.22 39.58 -7.70
N GLU J 60 -41.94 38.49 -7.47
CA GLU J 60 -42.28 38.05 -6.11
C GLU J 60 -41.07 37.52 -5.34
N LEU J 61 -40.17 36.80 -6.02
CA LEU J 61 -38.96 36.26 -5.41
C LEU J 61 -37.98 37.36 -4.96
N GLN J 62 -37.80 38.36 -5.81
CA GLN J 62 -36.98 39.55 -5.46
C GLN J 62 -37.58 40.31 -4.27
N LYS J 63 -38.91 40.36 -4.22
CA LYS J 63 -39.65 40.99 -3.11
C LYS J 63 -39.31 40.30 -1.77
N LEU J 64 -39.40 38.97 -1.77
CA LEU J 64 -39.08 38.15 -0.58
C LEU J 64 -37.58 38.14 -0.21
N GLY J 65 -36.72 38.56 -1.13
CA GLY J 65 -35.28 38.66 -0.90
C GLY J 65 -34.56 37.39 -1.33
N VAL J 66 -34.93 36.90 -2.52
CA VAL J 66 -34.46 35.61 -3.04
C VAL J 66 -33.87 35.81 -4.43
N ASP J 67 -32.62 35.39 -4.61
CA ASP J 67 -31.92 35.48 -5.89
C ASP J 67 -31.99 34.13 -6.62
N VAL J 68 -32.16 34.19 -7.94
CA VAL J 68 -32.26 33.01 -8.79
C VAL J 68 -31.00 32.90 -9.66
N TYR J 69 -30.50 31.66 -9.79
CA TYR J 69 -29.30 31.38 -10.58
C TYR J 69 -29.56 30.20 -11.51
N ALA J 70 -29.86 30.49 -12.77
CA ALA J 70 -30.11 29.46 -13.78
C ALA J 70 -28.80 28.91 -14.30
N VAL J 71 -28.51 27.65 -13.99
CA VAL J 71 -27.21 27.03 -14.30
C VAL J 71 -27.34 25.95 -15.38
N SER J 72 -26.34 25.88 -16.26
CA SER J 72 -26.23 24.82 -17.26
C SER J 72 -24.79 24.70 -17.77
N THR J 73 -24.49 23.55 -18.39
CA THR J 73 -23.14 23.27 -18.91
C THR J 73 -22.76 24.05 -20.18
N ASP J 74 -23.67 24.86 -20.71
CA ASP J 74 -23.36 25.77 -21.81
C ASP J 74 -22.58 26.99 -21.29
N THR J 75 -21.92 27.69 -22.20
CA THR J 75 -21.16 28.89 -21.86
C THR J 75 -22.08 30.08 -21.63
N HIS J 76 -21.54 31.09 -20.95
CA HIS J 76 -22.23 32.38 -20.77
C HIS J 76 -22.48 33.14 -22.09
N PHE J 77 -21.67 32.83 -23.11
CA PHE J 77 -21.89 33.36 -24.47
C PHE J 77 -23.17 32.81 -25.09
N THR J 78 -23.39 31.51 -24.94
CA THR J 78 -24.59 30.82 -25.45
C THR J 78 -25.88 31.34 -24.81
N HIS J 79 -25.83 31.65 -23.51
CA HIS J 79 -27.00 32.18 -22.79
C HIS J 79 -27.48 33.53 -23.34
N LYS J 80 -26.54 34.41 -23.70
CA LYS J 80 -26.86 35.70 -24.32
C LYS J 80 -27.63 35.52 -25.63
N ALA J 81 -27.14 34.60 -26.47
CA ALA J 81 -27.77 34.30 -27.77
C ALA J 81 -29.16 33.70 -27.62
N TRP J 82 -29.32 32.80 -26.65
CA TRP J 82 -30.61 32.17 -26.35
C TRP J 82 -31.61 33.17 -25.75
N HIS J 83 -31.09 34.14 -24.99
CA HIS J 83 -31.90 35.22 -24.41
C HIS J 83 -32.50 36.14 -25.49
N SER J 84 -31.73 36.38 -26.57
CA SER J 84 -32.18 37.19 -27.70
C SER J 84 -33.10 36.43 -28.66
N SER J 85 -32.79 35.16 -28.92
CA SER J 85 -33.52 34.34 -29.89
C SER J 85 -34.93 33.98 -29.42
N SER J 86 -35.02 33.33 -28.26
CA SER J 86 -36.29 32.86 -27.72
C SER J 86 -37.02 33.98 -26.97
N GLU J 87 -38.33 34.06 -27.15
CA GLU J 87 -39.16 35.07 -26.47
C GLU J 87 -39.48 34.68 -25.02
N THR J 88 -39.63 33.37 -24.76
CA THR J 88 -39.87 32.87 -23.40
C THR J 88 -38.64 33.04 -22.48
N ILE J 89 -37.45 33.10 -23.07
CA ILE J 89 -36.20 33.34 -22.34
C ILE J 89 -35.93 34.84 -22.18
N ALA J 90 -36.38 35.65 -23.15
CA ALA J 90 -36.19 37.11 -23.11
C ALA J 90 -36.72 37.81 -21.86
N LYS J 91 -37.79 37.28 -21.27
CA LYS J 91 -38.36 37.83 -20.02
C LYS J 91 -37.62 37.45 -18.72
N ILE J 92 -36.56 36.64 -18.82
CA ILE J 92 -35.70 36.31 -17.68
C ILE J 92 -34.82 37.51 -17.33
N LYS J 93 -34.97 38.03 -16.12
CA LYS J 93 -34.12 39.10 -15.58
C LYS J 93 -33.06 38.61 -14.57
N TYR J 94 -33.17 37.36 -14.11
CA TYR J 94 -32.20 36.78 -13.18
C TYR J 94 -30.93 36.30 -13.88
N ALA J 95 -29.91 35.97 -13.09
CA ALA J 95 -28.60 35.56 -13.62
C ALA J 95 -28.64 34.18 -14.27
N MET J 96 -28.05 34.07 -15.46
CA MET J 96 -27.91 32.80 -16.17
C MET J 96 -26.44 32.35 -16.12
N ILE J 97 -26.13 31.45 -15.18
CA ILE J 97 -24.75 31.02 -14.92
C ILE J 97 -24.30 30.05 -16.01
N GLY J 98 -23.11 30.28 -16.55
CA GLY J 98 -22.48 29.37 -17.52
C GLY J 98 -21.43 28.53 -16.85
N ASP J 99 -21.54 27.20 -16.99
CA ASP J 99 -20.69 26.25 -16.27
C ASP J 99 -20.07 25.21 -17.22
N PRO J 100 -19.23 25.66 -18.19
CA PRO J 100 -18.63 24.74 -19.17
C PRO J 100 -17.63 23.74 -18.59
N THR J 101 -16.99 24.07 -17.46
CA THR J 101 -16.12 23.14 -16.74
C THR J 101 -16.92 22.02 -16.07
N GLY J 102 -18.06 22.37 -15.49
CA GLY J 102 -18.87 21.44 -14.71
C GLY J 102 -18.43 21.38 -13.25
N ALA J 103 -17.94 22.51 -12.73
CA ALA J 103 -17.50 22.61 -11.34
C ALA J 103 -18.69 22.84 -10.42
N LEU J 104 -19.50 23.85 -10.76
CA LEU J 104 -20.70 24.20 -9.99
C LEU J 104 -21.71 23.05 -9.99
N THR J 105 -21.87 22.40 -11.14
CA THR J 105 -22.79 21.28 -11.29
C THR J 105 -22.37 20.08 -10.45
N ARG J 106 -21.08 19.78 -10.44
CA ARG J 106 -20.53 18.68 -9.62
C ARG J 106 -20.58 18.95 -8.11
N ASN J 107 -20.50 20.23 -7.71
CA ASN J 107 -20.64 20.62 -6.29
C ASN J 107 -21.99 20.23 -5.70
N PHE J 108 -23.06 20.34 -6.50
CA PHE J 108 -24.42 19.95 -6.10
C PHE J 108 -24.79 18.49 -6.45
N ASP J 109 -23.80 17.67 -6.85
CA ASP J 109 -24.04 16.28 -7.26
C ASP J 109 -25.19 16.18 -8.28
N ASN J 110 -25.01 16.84 -9.43
CA ASN J 110 -26.08 17.00 -10.40
C ASN J 110 -25.64 16.85 -11.88
N MET J 111 -24.54 16.14 -12.11
CA MET J 111 -23.99 15.98 -13.46
C MET J 111 -24.40 14.64 -14.06
N ARG J 112 -24.87 14.67 -15.30
CA ARG J 112 -25.02 13.47 -16.13
C ARG J 112 -23.65 13.22 -16.76
N GLU J 113 -22.93 12.21 -16.25
CA GLU J 113 -21.54 11.99 -16.64
C GLU J 113 -21.38 11.59 -18.11
N ASP J 114 -22.19 10.63 -18.55
CA ASP J 114 -22.16 10.16 -19.94
C ASP J 114 -22.63 11.22 -20.98
N GLU J 115 -23.55 12.10 -20.57
CA GLU J 115 -24.07 13.17 -21.44
C GLU J 115 -23.27 14.48 -21.34
N GLY J 116 -22.72 14.75 -20.16
CA GLY J 116 -22.02 16.01 -19.90
C GLY J 116 -22.95 17.21 -19.71
N LEU J 117 -24.15 16.94 -19.20
CA LEU J 117 -25.16 17.97 -18.95
C LEU J 117 -25.66 17.87 -17.52
N ALA J 118 -26.26 18.94 -17.02
CA ALA J 118 -26.83 18.97 -15.67
C ALA J 118 -28.22 18.35 -15.66
N ASP J 119 -28.59 17.75 -14.53
CA ASP J 119 -29.95 17.24 -14.33
C ASP J 119 -30.89 18.37 -13.95
N ARG J 120 -32.19 18.14 -14.14
CA ARG J 120 -33.21 19.13 -13.78
C ARG J 120 -33.39 19.13 -12.27
N ALA J 121 -32.72 20.07 -11.59
CA ALA J 121 -32.71 20.13 -10.12
C ALA J 121 -32.71 21.57 -9.58
N THR J 122 -33.62 21.86 -8.65
CA THR J 122 -33.72 23.16 -8.00
C THR J 122 -33.24 23.02 -6.55
N PHE J 123 -32.32 23.90 -6.13
CA PHE J 123 -31.77 23.90 -4.78
C PHE J 123 -32.03 25.22 -4.07
N VAL J 124 -32.88 25.21 -3.04
CA VAL J 124 -33.13 26.39 -2.21
C VAL J 124 -32.06 26.49 -1.13
N VAL J 125 -31.36 27.63 -1.07
CA VAL J 125 -30.26 27.86 -0.13
C VAL J 125 -30.53 29.10 0.72
N ASP J 126 -30.28 28.99 2.03
CA ASP J 126 -30.57 30.07 3.00
C ASP J 126 -29.38 31.05 3.11
N PRO J 127 -29.54 32.17 3.86
CA PRO J 127 -28.45 33.14 4.06
C PRO J 127 -27.10 32.62 4.59
N GLN J 128 -27.11 31.52 5.35
CA GLN J 128 -25.88 30.91 5.87
C GLN J 128 -25.19 29.95 4.88
N GLY J 129 -25.85 29.67 3.75
CA GLY J 129 -25.32 28.78 2.72
C GLY J 129 -25.81 27.34 2.80
N ILE J 130 -26.80 27.08 3.65
CA ILE J 130 -27.29 25.74 3.94
C ILE J 130 -28.46 25.40 3.02
N ILE J 131 -28.44 24.21 2.43
CA ILE J 131 -29.47 23.76 1.48
C ILE J 131 -30.71 23.29 2.24
N GLN J 132 -31.82 24.02 2.08
CA GLN J 132 -33.07 23.74 2.78
C GLN J 132 -34.09 22.92 1.99
N ALA J 133 -34.00 22.90 0.65
CA ALA J 133 -34.93 22.13 -0.19
C ALA J 133 -34.31 21.75 -1.52
N ILE J 134 -34.53 20.50 -1.93
CA ILE J 134 -34.02 19.94 -3.20
C ILE J 134 -35.23 19.41 -3.99
N GLU J 135 -35.15 19.49 -5.32
CA GLU J 135 -36.25 19.09 -6.20
C GLU J 135 -35.74 18.64 -7.57
N VAL J 136 -35.36 17.37 -7.68
CA VAL J 136 -34.82 16.79 -8.92
C VAL J 136 -35.92 16.07 -9.70
N THR J 137 -35.89 16.19 -11.02
CA THR J 137 -36.87 15.56 -11.91
C THR J 137 -36.22 14.98 -13.17
N ALA J 138 -36.93 14.06 -13.81
CA ALA J 138 -36.45 13.42 -15.05
C ALA J 138 -36.59 14.35 -16.26
N GLU J 139 -36.02 13.93 -17.39
CA GLU J 139 -35.95 14.73 -18.62
C GLU J 139 -37.30 15.25 -19.12
N GLY J 140 -38.32 14.39 -19.05
CA GLY J 140 -39.68 14.74 -19.50
C GLY J 140 -40.51 15.56 -18.52
N ILE J 141 -40.29 15.35 -17.22
CA ILE J 141 -41.13 15.95 -16.17
C ILE J 141 -40.72 17.39 -15.87
N GLY J 142 -41.71 18.28 -15.81
CA GLY J 142 -41.49 19.71 -15.54
C GLY J 142 -41.57 20.06 -14.07
N ARG J 143 -40.98 21.20 -13.71
CA ARG J 143 -40.96 21.72 -12.32
C ARG J 143 -41.86 22.94 -12.17
N ASP J 144 -42.79 22.86 -11.22
CA ASP J 144 -43.74 23.95 -10.96
C ASP J 144 -43.06 25.06 -10.14
N ALA J 145 -43.21 26.30 -10.61
CA ALA J 145 -42.67 27.47 -9.91
C ALA J 145 -43.50 27.85 -8.68
N SER J 146 -44.80 27.52 -8.69
CA SER J 146 -45.69 27.79 -7.54
C SER J 146 -45.34 26.93 -6.31
N ASP J 147 -44.94 25.68 -6.57
CA ASP J 147 -44.40 24.81 -5.51
C ASP J 147 -43.09 25.32 -4.93
N LEU J 148 -42.22 25.85 -5.79
CA LEU J 148 -40.93 26.40 -5.36
C LEU J 148 -41.11 27.58 -4.40
N LEU J 149 -42.07 28.45 -4.69
CA LEU J 149 -42.43 29.56 -3.79
C LEU J 149 -42.96 29.05 -2.44
N ARG J 150 -43.80 28.02 -2.48
CA ARG J 150 -44.35 27.40 -1.26
C ARG J 150 -43.23 26.86 -0.36
N LYS J 151 -42.22 26.24 -0.97
CA LYS J 151 -41.04 25.74 -0.23
C LYS J 151 -40.18 26.87 0.33
N ILE J 152 -40.02 27.96 -0.44
CA ILE J 152 -39.26 29.13 0.00
C ILE J 152 -39.98 29.90 1.11
N LYS J 153 -41.29 30.08 0.97
CA LYS J 153 -42.12 30.70 2.02
C LYS J 153 -42.14 29.87 3.31
N ALA J 154 -42.16 28.55 3.16
CA ALA J 154 -42.03 27.63 4.30
C ALA J 154 -40.64 27.69 4.93
N ALA J 155 -39.60 27.74 4.10
CA ALA J 155 -38.21 27.84 4.56
C ALA J 155 -37.91 29.15 5.27
N GLN J 156 -38.44 30.26 4.72
CA GLN J 156 -38.30 31.58 5.35
C GLN J 156 -39.01 31.67 6.69
N TYR J 157 -40.16 31.00 6.81
CA TYR J 157 -40.93 30.99 8.06
C TYR J 157 -40.17 30.29 9.19
N VAL J 158 -39.70 29.07 8.93
CA VAL J 158 -38.99 28.28 9.95
C VAL J 158 -37.64 28.89 10.38
N ALA J 159 -36.98 29.61 9.48
CA ALA J 159 -35.75 30.33 9.80
C ALA J 159 -36.02 31.49 10.77
N SER J 160 -37.03 32.29 10.46
CA SER J 160 -37.41 33.43 11.30
C SER J 160 -38.19 33.08 12.57
N HIS J 161 -38.83 31.90 12.59
CA HIS J 161 -39.64 31.46 13.74
C HIS J 161 -39.09 30.14 14.31
N PRO J 162 -38.16 30.23 15.29
CA PRO J 162 -37.69 29.02 15.98
C PRO J 162 -38.77 28.41 16.88
N GLY J 163 -38.94 27.09 16.79
CA GLY J 163 -39.96 26.37 17.55
C GLY J 163 -41.09 25.87 16.67
N GLU J 164 -41.66 26.78 15.81
CA GLU J 164 -42.77 26.47 14.90
C GLU J 164 -42.31 25.66 13.68
N VAL J 165 -43.28 24.96 13.08
CA VAL J 165 -43.03 24.07 11.94
C VAL J 165 -44.24 24.07 10.99
N CYS J 166 -43.96 23.92 9.70
CA CYS J 166 -45.01 23.93 8.66
C CYS J 166 -45.78 22.59 8.61
N PRO J 167 -47.01 22.60 8.05
CA PRO J 167 -47.80 21.36 8.01
C PRO J 167 -47.28 20.34 6.99
S SO4 K . 41.48 13.56 -36.33
O1 SO4 K . 42.74 12.84 -36.63
O2 SO4 K . 40.59 12.68 -35.54
O3 SO4 K . 41.77 14.77 -35.54
O4 SO4 K . 40.80 13.94 -37.59
S SO4 L . 28.86 -37.12 -1.22
O1 SO4 L . 29.08 -38.49 -0.71
O2 SO4 L . 28.97 -36.15 -0.10
O3 SO4 L . 29.89 -36.80 -2.24
O4 SO4 L . 27.52 -37.02 -1.83
S SO4 M . 4.59 -32.52 28.06
O1 SO4 M . 5.31 -33.80 28.21
O2 SO4 M . 5.17 -31.51 28.97
O3 SO4 M . 3.15 -32.72 28.37
O4 SO4 M . 4.72 -32.05 26.66
S SO4 N . 10.97 -2.47 33.44
O1 SO4 N . 11.38 -3.38 32.34
O2 SO4 N . 11.28 -3.12 34.73
O3 SO4 N . 11.72 -1.20 33.32
O4 SO4 N . 9.51 -2.20 33.35
S SO4 O . -10.65 -25.62 49.90
O1 SO4 O . -11.05 -26.91 49.28
O2 SO4 O . -9.81 -25.89 51.09
O3 SO4 O . -9.88 -24.82 48.92
O4 SO4 O . -11.86 -24.87 50.31
S SO4 P . -38.37 -25.15 38.52
O1 SO4 P . -38.99 -26.49 38.48
O2 SO4 P . -37.67 -24.97 39.81
O3 SO4 P . -39.43 -24.12 38.38
O4 SO4 P . -37.41 -25.03 37.41
S SO4 Q . -29.30 -14.82 43.09
O1 SO4 Q . -28.18 -15.08 42.16
O2 SO4 Q . -29.32 -15.85 44.15
O3 SO4 Q . -29.15 -13.49 43.70
O4 SO4 Q . -30.58 -14.87 42.34
S SO4 R . -21.92 -18.28 13.05
O1 SO4 R . -21.82 -19.42 12.10
O2 SO4 R . -21.02 -18.51 14.19
O3 SO4 R . -21.54 -17.02 12.36
O4 SO4 R . -23.32 -18.17 13.53
S SO4 S . -17.12 -35.38 27.74
O1 SO4 S . -18.02 -36.32 28.44
O2 SO4 S . -16.18 -34.79 28.71
O3 SO4 S . -17.92 -34.30 27.11
O4 SO4 S . -16.36 -36.09 26.69
S SO4 T . -50.08 -8.48 14.16
O1 SO4 T . -49.06 -9.47 14.57
O2 SO4 T . -51.03 -8.27 15.28
O3 SO4 T . -49.43 -7.20 13.81
O4 SO4 T . -50.82 -8.99 12.98
S SO4 U . -38.72 -9.40 -14.88
O1 SO4 U . -37.29 -9.12 -15.20
O2 SO4 U . -38.78 -10.32 -13.72
O3 SO4 U . -39.38 -10.01 -16.03
O4 SO4 U . -39.39 -8.13 -14.53
S SO4 V . -37.31 15.66 14.96
O1 SO4 V . -36.79 15.01 16.17
O2 SO4 V . -37.35 14.68 13.85
O3 SO4 V . -36.44 16.79 14.59
O4 SO4 V . -38.69 16.16 15.22
S SO4 W . -52.41 12.95 16.06
O1 SO4 W . -51.49 11.93 16.60
O2 SO4 W . -53.75 12.35 15.85
O3 SO4 W . -51.89 13.44 14.75
O4 SO4 W . -52.51 14.08 17.00
S SO4 X . -31.52 16.96 -23.72
O1 SO4 X . -30.11 17.27 -24.05
O2 SO4 X . -31.57 15.82 -22.79
O3 SO4 X . -32.15 18.14 -23.11
O4 SO4 X . -32.24 16.60 -24.97
#